data_2PX0
#
_entry.id   2PX0
#
_cell.length_a   104.649
_cell.length_b   111.376
_cell.length_c   112.089
_cell.angle_alpha   90.00
_cell.angle_beta   89.78
_cell.angle_gamma   90.00
#
_symmetry.space_group_name_H-M   'P 1 21 1'
#
loop_
_entity.id
_entity.type
_entity.pdbx_description
1 polymer 'Flagellar biosynthesis protein flhF'
2 non-polymer 'MAGNESIUM ION'
3 non-polymer 'PHOSPHOAMINOPHOSPHONIC ACID-GUANYLATE ESTER'
4 water water
#
_entity_poly.entity_id   1
_entity_poly.type   'polypeptide(L)'
_entity_poly.pdbx_seq_one_letter_code
;MGHHHHHHSSPKIEERTYPPQIPAQQELGDFSAYQSVLPEPLRKAEKLLQETGIKESTKTNTLKKLLRFSVEAGGLTEEN
VVGKLQEILCDMLPSADKWQEPIHSKYIVLFGSTGAGKTTTLAKLAAISMLEKHKKIAFITTDTYRIAAVEQLKTYAELL
QAPLEVCYTKEEFQQAKELFSEYDHVFVDTAGRNFKDPQYIDELKETIPFESSIQSFLVLSATAKYEDMKHIVKRFSSVP
VNQYIFTKIDETTSLGSVFNILAESKIGVGFMTNGQNVPEDIQTVSPLGFVRMLCR
;
_entity_poly.pdbx_strand_id   A,B,C,D,E,F,G,H
#
loop_
_chem_comp.id
_chem_comp.type
_chem_comp.name
_chem_comp.formula
GNP non-polymer 'PHOSPHOAMINOPHOSPHONIC ACID-GUANYLATE ESTER' 'C10 H17 N6 O13 P3'
MG non-polymer 'MAGNESIUM ION' 'Mg 2'
#
# COMPACT_ATOMS: atom_id res chain seq x y z
N PRO A 39 -43.84 22.72 -28.16
CA PRO A 39 -43.97 21.60 -29.13
C PRO A 39 -43.68 22.05 -30.57
N GLU A 40 -43.62 21.07 -31.48
CA GLU A 40 -43.34 21.24 -32.92
C GLU A 40 -42.50 20.03 -33.39
N PRO A 41 -41.74 20.14 -34.50
CA PRO A 41 -40.94 18.96 -34.88
C PRO A 41 -40.03 18.54 -33.73
N LEU A 42 -39.87 19.44 -32.77
CA LEU A 42 -39.06 19.20 -31.60
C LEU A 42 -39.73 18.22 -30.65
N ARG A 43 -41.05 18.26 -30.57
CA ARG A 43 -41.78 17.33 -29.70
C ARG A 43 -41.35 15.92 -30.07
N LYS A 44 -40.99 15.73 -31.34
CA LYS A 44 -40.55 14.43 -31.82
C LYS A 44 -39.30 14.04 -31.02
N ALA A 45 -38.29 14.90 -31.08
CA ALA A 45 -37.04 14.70 -30.38
C ALA A 45 -37.33 14.45 -28.92
N GLU A 46 -38.38 15.11 -28.42
CA GLU A 46 -38.80 14.95 -27.04
C GLU A 46 -39.20 13.51 -26.81
N LYS A 47 -39.82 12.91 -27.84
CA LYS A 47 -40.28 11.51 -27.76
C LYS A 47 -39.15 10.51 -27.83
N LEU A 48 -38.20 10.73 -28.74
CA LEU A 48 -37.06 9.82 -28.89
C LEU A 48 -36.28 9.74 -27.59
N LEU A 49 -35.91 10.90 -27.06
CA LEU A 49 -35.17 10.99 -25.81
C LEU A 49 -35.86 10.15 -24.72
N GLN A 50 -37.18 10.28 -24.63
CA GLN A 50 -37.96 9.52 -23.65
C GLN A 50 -37.62 8.05 -23.77
N GLU A 51 -37.74 7.55 -25.00
CA GLU A 51 -37.49 6.15 -25.32
C GLU A 51 -36.12 5.59 -24.88
N THR A 52 -35.08 6.42 -24.96
CA THR A 52 -33.74 6.00 -24.55
C THR A 52 -33.64 6.02 -23.03
N GLY A 53 -32.70 5.27 -22.48
CA GLY A 53 -32.57 5.24 -21.03
C GLY A 53 -31.98 6.52 -20.46
N ILE A 54 -31.59 7.45 -21.33
CA ILE A 54 -30.99 8.72 -20.94
C ILE A 54 -31.64 9.27 -19.66
N LYS A 55 -30.82 9.77 -18.73
CA LYS A 55 -31.39 10.33 -17.51
C LYS A 55 -31.91 11.76 -17.71
N GLU A 56 -33.03 12.03 -17.05
CA GLU A 56 -33.73 13.30 -17.10
C GLU A 56 -32.87 14.52 -17.38
N SER A 57 -31.95 14.80 -16.46
CA SER A 57 -31.08 15.96 -16.61
C SER A 57 -30.49 16.10 -18.01
N THR A 58 -30.14 14.96 -18.62
CA THR A 58 -29.55 14.96 -19.95
C THR A 58 -30.56 15.35 -21.03
N LYS A 59 -31.77 14.81 -20.95
CA LYS A 59 -32.77 15.15 -21.94
C LYS A 59 -33.07 16.64 -21.81
N THR A 60 -33.31 17.08 -20.58
CA THR A 60 -33.58 18.47 -20.34
C THR A 60 -32.54 19.29 -21.09
N ASN A 61 -31.27 18.95 -20.88
CA ASN A 61 -30.16 19.66 -21.50
C ASN A 61 -30.02 19.48 -23.02
N THR A 62 -30.34 18.29 -23.53
CA THR A 62 -30.25 18.04 -24.94
C THR A 62 -31.29 18.88 -25.64
N LEU A 63 -32.40 19.10 -24.95
CA LEU A 63 -33.47 19.91 -25.51
C LEU A 63 -33.14 21.40 -25.46
N LYS A 64 -32.50 21.85 -24.38
CA LYS A 64 -32.15 23.26 -24.26
C LYS A 64 -31.19 23.58 -25.41
N LYS A 65 -30.27 22.65 -25.68
CA LYS A 65 -29.31 22.81 -26.75
C LYS A 65 -30.07 22.83 -28.08
N LEU A 66 -30.83 21.77 -28.33
CA LEU A 66 -31.63 21.62 -29.55
C LEU A 66 -32.48 22.86 -29.81
N LEU A 67 -33.31 23.20 -28.83
CA LEU A 67 -34.21 24.34 -28.93
C LEU A 67 -33.44 25.64 -29.14
N ARG A 68 -32.28 25.76 -28.49
CA ARG A 68 -31.50 26.97 -28.62
C ARG A 68 -30.96 27.15 -30.04
N PHE A 69 -30.03 26.28 -30.41
CA PHE A 69 -29.37 26.29 -31.73
C PHE A 69 -30.33 25.86 -32.84
N SER A 70 -31.53 26.44 -32.82
CA SER A 70 -32.57 26.15 -33.82
C SER A 70 -33.58 27.30 -33.79
N VAL A 71 -33.52 28.08 -32.72
CA VAL A 71 -34.39 29.25 -32.56
C VAL A 71 -33.58 30.44 -33.09
N GLU A 72 -32.30 30.20 -33.28
CA GLU A 72 -31.34 31.17 -33.80
C GLU A 72 -30.51 30.45 -34.86
N ALA A 73 -31.13 29.47 -35.53
CA ALA A 73 -30.43 28.70 -36.56
C ALA A 73 -31.33 28.09 -37.63
N GLY A 74 -30.84 27.04 -38.26
CA GLY A 74 -31.54 26.36 -39.33
C GLY A 74 -33.05 26.14 -39.23
N GLY A 75 -33.50 25.08 -39.89
CA GLY A 75 -34.91 24.73 -39.90
C GLY A 75 -35.05 23.25 -39.58
N LEU A 76 -35.24 22.96 -38.30
CA LEU A 76 -35.38 21.58 -37.85
C LEU A 76 -36.50 20.82 -38.52
N THR A 77 -36.40 20.62 -39.82
CA THR A 77 -37.42 19.88 -40.55
C THR A 77 -37.57 18.58 -39.78
N GLU A 78 -38.78 18.25 -39.33
CA GLU A 78 -38.99 17.02 -38.58
C GLU A 78 -38.32 15.85 -39.29
N GLU A 79 -37.76 16.14 -40.46
CA GLU A 79 -37.08 15.15 -41.27
C GLU A 79 -35.60 15.08 -40.89
N ASN A 80 -34.97 16.22 -40.65
CA ASN A 80 -33.56 16.24 -40.28
C ASN A 80 -33.33 16.68 -38.85
N VAL A 81 -34.32 16.45 -37.99
CA VAL A 81 -34.19 16.80 -36.58
C VAL A 81 -33.40 15.72 -35.88
N VAL A 82 -33.56 14.49 -36.36
CA VAL A 82 -32.87 13.35 -35.78
C VAL A 82 -31.37 13.46 -36.04
N GLY A 83 -30.99 14.39 -36.90
CA GLY A 83 -29.58 14.57 -37.20
C GLY A 83 -28.88 15.27 -36.06
N LYS A 84 -29.34 16.46 -35.69
CA LYS A 84 -28.75 17.22 -34.61
C LYS A 84 -28.95 16.58 -33.25
N LEU A 85 -30.11 15.95 -33.05
CA LEU A 85 -30.37 15.29 -31.78
C LEU A 85 -29.31 14.22 -31.48
N GLN A 86 -28.63 13.73 -32.51
CA GLN A 86 -27.61 12.72 -32.33
C GLN A 86 -26.27 13.43 -32.24
N GLU A 87 -26.05 14.40 -33.13
CA GLU A 87 -24.81 15.17 -33.14
C GLU A 87 -24.63 15.74 -31.73
N ILE A 88 -25.70 16.32 -31.18
CA ILE A 88 -25.66 16.88 -29.84
C ILE A 88 -25.26 15.81 -28.82
N LEU A 89 -26.03 14.72 -28.78
CA LEU A 89 -25.74 13.63 -27.86
C LEU A 89 -24.30 13.16 -28.01
N CYS A 90 -23.89 13.03 -29.26
CA CYS A 90 -22.56 12.55 -29.54
C CYS A 90 -21.50 13.44 -28.92
N ASP A 91 -21.69 14.75 -29.01
CA ASP A 91 -20.72 15.70 -28.46
C ASP A 91 -20.69 15.70 -26.94
N MET A 92 -21.19 14.61 -26.34
CA MET A 92 -21.23 14.43 -24.89
C MET A 92 -20.43 13.24 -24.38
N LEU A 93 -20.05 12.34 -25.29
CA LEU A 93 -19.26 11.16 -24.91
C LEU A 93 -17.83 11.52 -25.29
N PRO A 94 -16.85 10.82 -24.73
CA PRO A 94 -15.47 11.14 -25.09
C PRO A 94 -15.26 11.08 -26.60
N SER A 95 -14.39 11.96 -27.11
CA SER A 95 -14.14 12.01 -28.55
C SER A 95 -13.76 10.68 -29.17
N ALA A 96 -14.05 10.54 -30.45
CA ALA A 96 -13.78 9.32 -31.21
C ALA A 96 -12.42 8.70 -30.90
N ASP A 97 -11.41 9.54 -30.69
CA ASP A 97 -10.07 9.02 -30.41
C ASP A 97 -10.02 8.18 -29.15
N LYS A 98 -10.91 8.44 -28.20
CA LYS A 98 -10.90 7.66 -26.98
C LYS A 98 -11.67 6.34 -27.11
N TRP A 99 -12.26 6.11 -28.28
CA TRP A 99 -13.00 4.87 -28.52
C TRP A 99 -12.19 3.94 -29.44
N GLN A 100 -12.69 2.73 -29.63
CA GLN A 100 -12.08 1.73 -30.52
C GLN A 100 -10.57 1.55 -30.50
N GLU A 101 -9.97 1.56 -29.31
CA GLU A 101 -8.54 1.35 -29.20
C GLU A 101 -8.35 -0.13 -29.51
N PRO A 102 -7.73 -0.47 -30.65
CA PRO A 102 -7.51 -1.88 -31.00
C PRO A 102 -6.59 -2.59 -30.03
N ILE A 103 -6.49 -3.89 -30.16
CA ILE A 103 -5.60 -4.67 -29.31
C ILE A 103 -4.16 -4.58 -29.83
N HIS A 104 -3.27 -4.04 -29.00
CA HIS A 104 -1.86 -3.89 -29.36
C HIS A 104 -0.92 -4.57 -28.37
N SER A 105 -0.94 -4.08 -27.13
CA SER A 105 -0.08 -4.61 -26.07
C SER A 105 0.03 -6.12 -26.05
N LYS A 106 1.07 -6.60 -25.39
CA LYS A 106 1.33 -8.02 -25.28
C LYS A 106 0.43 -8.66 -24.23
N TYR A 107 -0.02 -7.86 -23.28
CA TYR A 107 -0.89 -8.36 -22.21
C TYR A 107 -2.26 -7.72 -22.23
N ILE A 108 -3.29 -8.56 -22.32
CA ILE A 108 -4.67 -8.10 -22.35
C ILE A 108 -5.40 -8.54 -21.09
N VAL A 109 -5.80 -7.58 -20.26
CA VAL A 109 -6.50 -7.90 -19.03
C VAL A 109 -7.97 -7.49 -19.00
N LEU A 110 -8.81 -8.38 -18.48
CA LEU A 110 -10.23 -8.12 -18.39
C LEU A 110 -10.74 -8.36 -16.97
N PHE A 111 -11.28 -7.33 -16.34
CA PHE A 111 -11.83 -7.45 -15.01
C PHE A 111 -13.23 -6.86 -15.04
N GLY A 112 -14.05 -7.19 -14.05
CA GLY A 112 -15.40 -6.66 -14.07
C GLY A 112 -16.42 -7.41 -13.26
N SER A 113 -17.64 -6.90 -13.31
CA SER A 113 -18.77 -7.45 -12.59
C SER A 113 -18.94 -8.95 -12.74
N THR A 114 -19.72 -9.55 -11.84
CA THR A 114 -19.95 -10.98 -11.89
C THR A 114 -20.85 -11.35 -13.07
N GLY A 115 -20.55 -12.50 -13.68
CA GLY A 115 -21.31 -13.01 -14.80
C GLY A 115 -21.49 -12.08 -15.98
N ALA A 116 -20.73 -11.00 -16.03
CA ALA A 116 -20.88 -10.05 -17.12
C ALA A 116 -20.51 -10.65 -18.47
N GLY A 117 -19.46 -11.46 -18.51
CA GLY A 117 -19.03 -12.09 -19.74
C GLY A 117 -17.56 -11.84 -19.99
N LYS A 118 -16.75 -11.93 -18.97
CA LYS A 118 -15.33 -11.70 -19.14
C LYS A 118 -14.66 -12.82 -19.91
N THR A 119 -14.80 -14.03 -19.40
CA THR A 119 -14.17 -15.19 -20.01
C THR A 119 -14.62 -15.48 -21.45
N THR A 120 -15.93 -15.46 -21.69
CA THR A 120 -16.42 -15.73 -23.03
C THR A 120 -15.88 -14.67 -23.94
N THR A 121 -15.67 -13.48 -23.38
CA THR A 121 -15.18 -12.36 -24.14
C THR A 121 -13.69 -12.47 -24.35
N LEU A 122 -12.99 -12.81 -23.28
CA LEU A 122 -11.56 -12.96 -23.36
C LEU A 122 -11.35 -14.05 -24.41
N ALA A 123 -12.29 -15.00 -24.43
CA ALA A 123 -12.26 -16.12 -25.37
C ALA A 123 -12.50 -15.66 -26.81
N LYS A 124 -13.56 -14.89 -27.03
CA LYS A 124 -13.82 -14.40 -28.37
C LYS A 124 -12.59 -13.62 -28.83
N LEU A 125 -12.13 -12.72 -27.97
CA LEU A 125 -10.98 -11.88 -28.26
C LEU A 125 -9.69 -12.62 -28.62
N ALA A 126 -9.51 -13.85 -28.10
CA ALA A 126 -8.30 -14.62 -28.37
C ALA A 126 -8.35 -15.36 -29.70
N ALA A 127 -9.47 -16.03 -29.98
CA ALA A 127 -9.61 -16.74 -31.24
C ALA A 127 -9.38 -15.76 -32.39
N ILE A 128 -9.98 -14.57 -32.29
CA ILE A 128 -9.85 -13.55 -33.32
C ILE A 128 -8.39 -13.16 -33.56
N SER A 129 -7.64 -12.90 -32.49
CA SER A 129 -6.24 -12.53 -32.65
C SER A 129 -5.49 -13.66 -33.32
N MET A 130 -5.74 -14.89 -32.89
CA MET A 130 -5.08 -16.04 -33.46
C MET A 130 -5.59 -16.36 -34.86
N LEU A 131 -6.70 -17.09 -34.91
CA LEU A 131 -7.31 -17.51 -36.17
C LEU A 131 -7.36 -16.47 -37.29
N GLU A 132 -7.83 -15.27 -36.98
CA GLU A 132 -7.96 -14.24 -37.99
C GLU A 132 -6.76 -13.30 -38.20
N LYS A 133 -6.07 -12.92 -37.13
CA LYS A 133 -4.93 -12.02 -37.29
C LYS A 133 -3.59 -12.74 -37.32
N HIS A 134 -3.63 -14.06 -37.29
CA HIS A 134 -2.41 -14.87 -37.33
C HIS A 134 -1.40 -14.46 -36.25
N LYS A 135 -1.71 -14.72 -34.99
CA LYS A 135 -0.79 -14.35 -33.92
C LYS A 135 -0.53 -15.44 -32.89
N LYS A 136 0.60 -15.32 -32.21
CA LYS A 136 0.98 -16.27 -31.18
C LYS A 136 0.24 -15.86 -29.93
N ILE A 137 -0.79 -16.62 -29.60
CA ILE A 137 -1.62 -16.35 -28.43
C ILE A 137 -1.15 -17.12 -27.20
N ALA A 138 -1.40 -16.55 -26.04
CA ALA A 138 -1.05 -17.17 -24.78
C ALA A 138 -2.16 -16.82 -23.80
N PHE A 139 -2.31 -17.61 -22.74
CA PHE A 139 -3.33 -17.36 -21.73
C PHE A 139 -2.73 -17.30 -20.35
N ILE A 140 -3.50 -16.76 -19.42
CA ILE A 140 -3.10 -16.64 -18.02
C ILE A 140 -4.37 -16.44 -17.22
N THR A 141 -4.49 -17.11 -16.10
CA THR A 141 -5.67 -16.92 -15.28
C THR A 141 -5.30 -16.43 -13.89
N THR A 142 -6.25 -15.76 -13.25
CA THR A 142 -6.06 -15.25 -11.92
C THR A 142 -7.28 -15.72 -11.18
N ASP A 143 -8.24 -16.26 -11.94
CA ASP A 143 -9.45 -16.73 -11.32
C ASP A 143 -9.25 -18.03 -10.57
N THR A 144 -8.76 -17.89 -9.34
CA THR A 144 -8.53 -19.03 -8.47
C THR A 144 -9.79 -19.25 -7.66
N TYR A 145 -10.57 -18.18 -7.51
CA TYR A 145 -11.79 -18.25 -6.74
C TYR A 145 -12.88 -19.19 -7.32
N ARG A 146 -13.52 -18.75 -8.38
CA ARG A 146 -14.59 -19.53 -9.01
C ARG A 146 -14.27 -21.01 -9.23
N ILE A 147 -15.13 -21.87 -8.71
CA ILE A 147 -14.98 -23.31 -8.84
C ILE A 147 -15.09 -23.79 -10.29
N ALA A 148 -14.09 -24.57 -10.69
CA ALA A 148 -14.00 -25.15 -12.04
C ALA A 148 -13.63 -24.13 -13.11
N ALA A 149 -13.46 -22.87 -12.69
CA ALA A 149 -13.11 -21.81 -13.62
C ALA A 149 -11.89 -22.18 -14.46
N VAL A 150 -10.88 -22.73 -13.81
CA VAL A 150 -9.66 -23.14 -14.49
C VAL A 150 -9.92 -24.26 -15.49
N GLU A 151 -10.30 -25.42 -14.97
CA GLU A 151 -10.58 -26.59 -15.81
C GLU A 151 -11.22 -26.25 -17.16
N GLN A 152 -12.12 -25.27 -17.17
CA GLN A 152 -12.82 -24.87 -18.40
C GLN A 152 -11.98 -24.04 -19.36
N LEU A 153 -11.29 -23.01 -18.84
CA LEU A 153 -10.44 -22.16 -19.67
C LEU A 153 -9.27 -22.98 -20.18
N LYS A 154 -8.89 -24.01 -19.43
CA LYS A 154 -7.79 -24.87 -19.83
C LYS A 154 -8.27 -25.75 -20.98
N THR A 155 -9.32 -26.51 -20.73
CA THR A 155 -9.86 -27.39 -21.75
C THR A 155 -10.39 -26.59 -22.95
N TYR A 156 -10.20 -25.29 -22.91
CA TYR A 156 -10.62 -24.43 -24.01
C TYR A 156 -9.37 -23.97 -24.72
N ALA A 157 -8.38 -23.54 -23.93
CA ALA A 157 -7.11 -23.08 -24.46
C ALA A 157 -6.50 -24.25 -25.21
N GLU A 158 -6.82 -25.47 -24.77
CA GLU A 158 -6.30 -26.66 -25.43
C GLU A 158 -6.86 -26.68 -26.85
N LEU A 159 -8.14 -26.35 -27.00
CA LEU A 159 -8.78 -26.33 -28.31
C LEU A 159 -8.05 -25.34 -29.22
N LEU A 160 -7.94 -24.11 -28.75
CA LEU A 160 -7.28 -23.07 -29.52
C LEU A 160 -5.80 -23.46 -29.61
N GLN A 161 -5.46 -24.54 -28.92
CA GLN A 161 -4.10 -25.06 -28.90
C GLN A 161 -3.15 -23.93 -28.52
N ALA A 162 -3.24 -23.50 -27.26
CA ALA A 162 -2.42 -22.42 -26.73
C ALA A 162 -2.06 -22.69 -25.28
N PRO A 163 -1.00 -22.03 -24.78
CA PRO A 163 -0.54 -22.19 -23.40
C PRO A 163 -1.33 -21.38 -22.37
N LEU A 164 -1.43 -21.92 -21.16
CA LEU A 164 -2.14 -21.27 -20.07
C LEU A 164 -1.39 -21.50 -18.75
N GLU A 165 -1.35 -20.47 -17.91
CA GLU A 165 -0.67 -20.55 -16.62
C GLU A 165 -1.54 -19.98 -15.51
N VAL A 166 -1.88 -20.79 -14.53
CA VAL A 166 -2.68 -20.32 -13.41
C VAL A 166 -1.77 -19.55 -12.45
N CYS A 167 -2.33 -18.58 -11.73
CA CYS A 167 -1.52 -17.80 -10.80
C CYS A 167 -2.28 -17.48 -9.51
N TYR A 168 -1.66 -17.79 -8.37
CA TYR A 168 -2.27 -17.52 -7.06
C TYR A 168 -1.62 -16.30 -6.40
N THR A 169 -0.40 -15.98 -6.79
CA THR A 169 0.30 -14.84 -6.21
C THR A 169 0.75 -13.89 -7.31
N LYS A 170 1.24 -12.73 -6.89
CA LYS A 170 1.71 -11.70 -7.83
C LYS A 170 3.00 -12.16 -8.48
N GLU A 171 3.81 -12.88 -7.70
CA GLU A 171 5.10 -13.39 -8.19
C GLU A 171 4.85 -14.38 -9.31
N GLU A 172 3.97 -15.34 -9.04
CA GLU A 172 3.62 -16.36 -10.00
C GLU A 172 3.18 -15.69 -11.30
N PHE A 173 2.26 -14.74 -11.19
CA PHE A 173 1.78 -14.04 -12.36
C PHE A 173 2.94 -13.36 -13.08
N GLN A 174 3.64 -12.48 -12.37
CA GLN A 174 4.78 -11.78 -12.96
C GLN A 174 5.69 -12.73 -13.73
N GLN A 175 5.89 -13.93 -13.18
CA GLN A 175 6.72 -14.93 -13.83
C GLN A 175 6.10 -15.38 -15.15
N ALA A 176 4.86 -15.85 -15.08
CA ALA A 176 4.14 -16.30 -16.27
C ALA A 176 4.14 -15.14 -17.25
N LYS A 177 3.92 -13.95 -16.71
CA LYS A 177 3.90 -12.72 -17.48
C LYS A 177 5.25 -12.58 -18.16
N GLU A 178 6.29 -13.11 -17.52
CA GLU A 178 7.65 -13.04 -18.06
C GLU A 178 8.00 -14.27 -18.89
N LEU A 179 7.31 -15.36 -18.61
CA LEU A 179 7.51 -16.61 -19.34
C LEU A 179 6.99 -16.42 -20.76
N PHE A 180 5.79 -15.86 -20.87
CA PHE A 180 5.16 -15.62 -22.16
C PHE A 180 5.70 -14.38 -22.85
N SER A 181 6.79 -13.85 -22.30
CA SER A 181 7.43 -12.66 -22.84
C SER A 181 7.70 -12.77 -24.35
N GLU A 182 7.78 -14.00 -24.84
CA GLU A 182 8.06 -14.24 -26.25
C GLU A 182 6.81 -14.21 -27.14
N TYR A 183 5.64 -14.33 -26.53
CA TYR A 183 4.39 -14.35 -27.28
C TYR A 183 3.90 -12.95 -27.66
N ASP A 184 3.10 -12.87 -28.72
CA ASP A 184 2.57 -11.57 -29.14
C ASP A 184 1.64 -11.04 -28.06
N HIS A 185 0.48 -11.67 -27.96
CA HIS A 185 -0.52 -11.28 -27.00
C HIS A 185 -0.76 -12.35 -25.95
N VAL A 186 -1.03 -11.90 -24.73
CA VAL A 186 -1.30 -12.80 -23.62
C VAL A 186 -2.62 -12.35 -23.01
N PHE A 187 -3.64 -13.19 -23.15
CA PHE A 187 -4.95 -12.86 -22.62
C PHE A 187 -5.14 -13.32 -21.17
N VAL A 188 -5.23 -12.35 -20.28
CA VAL A 188 -5.41 -12.60 -18.84
C VAL A 188 -6.87 -12.45 -18.42
N ASP A 189 -7.39 -13.49 -17.76
CA ASP A 189 -8.77 -13.54 -17.28
C ASP A 189 -8.67 -13.31 -15.77
N THR A 190 -9.70 -12.73 -15.16
CA THR A 190 -9.67 -12.45 -13.72
C THR A 190 -10.95 -12.91 -13.02
N ALA A 191 -10.89 -13.00 -11.69
CA ALA A 191 -12.02 -13.44 -10.88
C ALA A 191 -13.14 -12.40 -10.78
N GLY A 192 -14.36 -12.89 -10.73
CA GLY A 192 -15.48 -11.98 -10.63
C GLY A 192 -15.92 -11.78 -9.20
N ARG A 193 -15.25 -10.86 -8.50
CA ARG A 193 -15.61 -10.57 -7.12
C ARG A 193 -16.48 -9.32 -7.19
N ASN A 194 -17.24 -9.05 -6.12
CA ASN A 194 -18.11 -7.87 -6.08
C ASN A 194 -17.31 -6.65 -5.62
N PHE A 195 -16.76 -5.91 -6.58
CA PHE A 195 -15.92 -4.75 -6.30
C PHE A 195 -16.52 -3.59 -5.52
N LYS A 196 -17.21 -3.88 -4.43
CA LYS A 196 -17.79 -2.82 -3.60
C LYS A 196 -17.05 -2.91 -2.28
N ASP A 197 -16.25 -3.96 -2.18
CA ASP A 197 -15.39 -4.19 -1.02
C ASP A 197 -14.01 -3.83 -1.55
N PRO A 198 -13.52 -2.64 -1.19
CA PRO A 198 -12.20 -2.19 -1.66
C PRO A 198 -11.11 -3.25 -1.59
N GLN A 199 -11.32 -4.30 -0.80
CA GLN A 199 -10.32 -5.36 -0.68
C GLN A 199 -9.90 -5.88 -2.04
N TYR A 200 -10.89 -6.31 -2.81
CA TYR A 200 -10.67 -6.88 -4.13
C TYR A 200 -10.09 -5.91 -5.16
N ILE A 201 -10.44 -4.63 -5.04
CA ILE A 201 -9.91 -3.64 -5.99
C ILE A 201 -8.42 -3.54 -5.72
N ASP A 202 -8.03 -3.94 -4.51
CA ASP A 202 -6.64 -3.91 -4.08
C ASP A 202 -5.97 -5.19 -4.54
N GLU A 203 -6.62 -6.34 -4.33
CA GLU A 203 -6.09 -7.63 -4.73
C GLU A 203 -5.76 -7.60 -6.21
N LEU A 204 -6.55 -6.85 -6.97
CA LEU A 204 -6.35 -6.72 -8.40
C LEU A 204 -5.05 -5.98 -8.69
N LYS A 205 -4.92 -4.78 -8.13
CA LYS A 205 -3.72 -3.97 -8.33
C LYS A 205 -2.49 -4.68 -7.79
N GLU A 206 -2.69 -5.45 -6.71
CA GLU A 206 -1.59 -6.19 -6.11
C GLU A 206 -1.14 -7.28 -7.08
N THR A 207 -2.03 -8.27 -7.27
CA THR A 207 -1.79 -9.40 -8.17
C THR A 207 -1.29 -8.91 -9.53
N ILE A 208 -2.05 -7.99 -10.13
CA ILE A 208 -1.66 -7.44 -11.43
C ILE A 208 -1.03 -6.06 -11.23
N PRO A 209 0.29 -5.96 -11.41
CA PRO A 209 1.10 -4.75 -11.27
C PRO A 209 0.57 -3.53 -12.02
N PHE A 210 0.61 -3.58 -13.34
CA PHE A 210 0.15 -2.52 -14.23
C PHE A 210 1.30 -1.61 -14.69
N GLU A 211 1.71 -1.82 -15.94
CA GLU A 211 2.79 -1.06 -16.58
C GLU A 211 2.60 -1.02 -18.09
N SER A 212 3.41 -0.19 -18.75
CA SER A 212 3.38 -0.01 -20.19
C SER A 212 2.92 -1.22 -20.98
N SER A 213 3.40 -2.40 -20.59
CA SER A 213 3.07 -3.66 -21.28
C SER A 213 1.60 -4.08 -21.29
N ILE A 214 0.83 -3.67 -20.28
CA ILE A 214 -0.58 -4.05 -20.16
C ILE A 214 -1.59 -3.10 -20.81
N GLN A 215 -2.74 -3.65 -21.21
CA GLN A 215 -3.84 -2.91 -21.84
C GLN A 215 -5.16 -3.46 -21.26
N SER A 216 -5.55 -2.97 -20.08
CA SER A 216 -6.76 -3.42 -19.38
C SER A 216 -8.11 -2.99 -19.94
N PHE A 217 -9.12 -3.80 -19.68
CA PHE A 217 -10.48 -3.59 -20.18
C PHE A 217 -11.55 -3.85 -19.12
N LEU A 218 -12.24 -2.80 -18.68
CA LEU A 218 -13.27 -2.96 -17.67
C LEU A 218 -14.55 -3.54 -18.25
N VAL A 219 -14.93 -4.73 -17.82
CA VAL A 219 -16.11 -5.40 -18.36
C VAL A 219 -17.42 -5.22 -17.59
N LEU A 220 -18.35 -4.47 -18.18
CA LEU A 220 -19.66 -4.25 -17.57
C LEU A 220 -20.72 -4.75 -18.54
N SER A 221 -21.89 -5.12 -17.98
CA SER A 221 -22.97 -5.62 -18.80
C SER A 221 -24.04 -4.58 -19.08
N ALA A 222 -24.52 -4.59 -20.33
CA ALA A 222 -25.55 -3.67 -20.81
C ALA A 222 -26.90 -3.90 -20.14
N THR A 223 -26.95 -4.80 -19.17
CA THR A 223 -28.20 -5.10 -18.51
C THR A 223 -28.32 -4.43 -17.13
N ALA A 224 -27.18 -4.06 -16.56
CA ALA A 224 -27.13 -3.39 -15.26
C ALA A 224 -27.85 -2.05 -15.23
N LYS A 225 -28.24 -1.64 -14.04
CA LYS A 225 -28.93 -0.37 -13.89
C LYS A 225 -27.81 0.66 -13.90
N TYR A 226 -28.14 1.87 -14.34
CA TYR A 226 -27.15 2.94 -14.38
C TYR A 226 -26.59 3.23 -13.00
N GLU A 227 -27.48 3.34 -12.02
CA GLU A 227 -27.09 3.66 -10.65
C GLU A 227 -26.05 2.69 -10.10
N ASP A 228 -26.18 1.40 -10.40
CA ASP A 228 -25.23 0.41 -9.93
C ASP A 228 -23.87 0.62 -10.57
N MET A 229 -23.87 0.88 -11.88
CA MET A 229 -22.63 1.11 -12.61
C MET A 229 -22.02 2.45 -12.22
N LYS A 230 -22.88 3.44 -11.99
CA LYS A 230 -22.45 4.79 -11.59
C LYS A 230 -21.45 4.69 -10.46
N HIS A 231 -21.71 3.75 -9.55
CA HIS A 231 -20.86 3.48 -8.38
C HIS A 231 -19.64 2.67 -8.73
N ILE A 232 -19.85 1.41 -9.06
CA ILE A 232 -18.77 0.50 -9.39
C ILE A 232 -17.73 1.06 -10.32
N VAL A 233 -18.00 2.21 -10.92
CA VAL A 233 -17.02 2.80 -11.83
C VAL A 233 -16.07 3.72 -11.06
N LYS A 234 -16.54 4.18 -9.90
CA LYS A 234 -15.76 5.05 -9.02
C LYS A 234 -14.77 4.21 -8.24
N ARG A 235 -15.24 3.07 -7.75
CA ARG A 235 -14.40 2.17 -6.98
C ARG A 235 -13.19 1.74 -7.79
N PHE A 236 -13.28 1.92 -9.10
CA PHE A 236 -12.18 1.54 -9.98
C PHE A 236 -11.30 2.72 -10.37
N SER A 237 -11.52 3.85 -9.74
CA SER A 237 -10.76 5.06 -10.04
C SER A 237 -9.24 4.85 -9.91
N SER A 238 -8.81 4.25 -8.82
CA SER A 238 -7.38 4.00 -8.61
C SER A 238 -6.77 3.25 -9.79
N VAL A 239 -7.25 2.03 -10.04
CA VAL A 239 -6.76 1.22 -11.15
C VAL A 239 -7.03 1.82 -12.52
N PRO A 240 -6.00 1.89 -13.37
CA PRO A 240 -6.09 2.45 -14.71
C PRO A 240 -6.85 1.56 -15.68
N VAL A 241 -7.68 2.16 -16.52
CA VAL A 241 -8.47 1.43 -17.51
C VAL A 241 -8.37 2.10 -18.88
N ASN A 242 -8.04 1.32 -19.90
CA ASN A 242 -7.90 1.82 -21.27
C ASN A 242 -9.24 2.04 -21.99
N GLN A 243 -10.05 0.99 -22.04
CA GLN A 243 -11.34 1.02 -22.73
C GLN A 243 -12.43 0.43 -21.87
N TYR A 244 -13.55 0.12 -22.50
CA TYR A 244 -14.70 -0.46 -21.84
C TYR A 244 -15.30 -1.57 -22.69
N ILE A 245 -15.82 -2.61 -22.04
CA ILE A 245 -16.47 -3.68 -22.76
C ILE A 245 -17.90 -3.85 -22.22
N PHE A 246 -18.87 -3.60 -23.08
CA PHE A 246 -20.26 -3.72 -22.71
C PHE A 246 -20.81 -4.96 -23.37
N THR A 247 -21.24 -5.89 -22.55
CA THR A 247 -21.76 -7.14 -23.05
C THR A 247 -23.29 -7.20 -23.09
N LYS A 248 -23.80 -8.24 -23.73
CA LYS A 248 -25.22 -8.49 -23.82
C LYS A 248 -26.10 -7.36 -24.36
N ILE A 249 -25.56 -6.58 -25.30
CA ILE A 249 -26.35 -5.50 -25.88
C ILE A 249 -27.54 -6.12 -26.61
N ASP A 250 -27.42 -7.40 -26.95
CA ASP A 250 -28.49 -8.10 -27.63
C ASP A 250 -29.46 -8.61 -26.60
N GLU A 251 -29.24 -8.27 -25.33
CA GLU A 251 -30.09 -8.76 -24.26
C GLU A 251 -30.83 -7.65 -23.52
N THR A 252 -30.39 -6.42 -23.73
CA THR A 252 -31.00 -5.26 -23.08
C THR A 252 -32.07 -4.64 -23.96
N THR A 253 -32.80 -3.67 -23.44
CA THR A 253 -33.89 -3.01 -24.17
C THR A 253 -33.51 -1.63 -24.66
N SER A 254 -32.76 -0.91 -23.85
CA SER A 254 -32.32 0.43 -24.18
C SER A 254 -30.82 0.52 -23.87
N LEU A 255 -30.16 1.55 -24.34
CA LEU A 255 -28.75 1.70 -24.10
C LEU A 255 -28.48 2.99 -23.36
N GLY A 256 -29.54 3.63 -22.91
CA GLY A 256 -29.40 4.87 -22.17
C GLY A 256 -28.38 4.76 -21.05
N SER A 257 -28.54 3.76 -20.18
CA SER A 257 -27.64 3.57 -19.07
C SER A 257 -26.17 3.54 -19.50
N VAL A 258 -25.89 2.87 -20.62
CA VAL A 258 -24.52 2.77 -21.10
C VAL A 258 -24.05 4.17 -21.53
N PHE A 259 -24.97 4.97 -22.05
CA PHE A 259 -24.63 6.33 -22.45
C PHE A 259 -24.32 7.11 -21.16
N ASN A 260 -25.29 7.13 -20.26
CA ASN A 260 -25.14 7.80 -18.97
C ASN A 260 -23.73 7.59 -18.39
N ILE A 261 -23.26 6.34 -18.41
CA ILE A 261 -21.95 5.99 -17.88
C ILE A 261 -20.82 6.59 -18.67
N LEU A 262 -21.00 6.61 -19.98
CA LEU A 262 -19.97 7.14 -20.85
C LEU A 262 -19.94 8.66 -20.81
N ALA A 263 -21.11 9.27 -20.78
CA ALA A 263 -21.21 10.74 -20.75
C ALA A 263 -20.28 11.34 -19.70
N GLU A 264 -20.33 10.75 -18.51
CA GLU A 264 -19.50 11.19 -17.41
C GLU A 264 -18.24 10.31 -17.26
N SER A 265 -17.53 10.07 -18.37
CA SER A 265 -16.28 9.26 -18.38
C SER A 265 -15.21 9.97 -19.21
N LYS A 266 -14.00 9.42 -19.19
CA LYS A 266 -12.90 9.96 -19.98
C LYS A 266 -12.40 8.95 -21.01
N ILE A 267 -12.98 7.75 -21.01
CA ILE A 267 -12.62 6.71 -21.97
C ILE A 267 -13.86 6.15 -22.63
N GLY A 268 -13.73 5.69 -23.87
CA GLY A 268 -14.86 5.15 -24.59
C GLY A 268 -14.97 3.62 -24.55
N VAL A 269 -15.70 3.04 -25.48
CA VAL A 269 -15.83 1.60 -25.48
C VAL A 269 -14.90 0.95 -26.49
N GLY A 270 -14.28 -0.14 -26.08
CA GLY A 270 -13.41 -0.86 -26.98
C GLY A 270 -14.27 -1.86 -27.71
N PHE A 271 -14.89 -2.74 -26.94
CA PHE A 271 -15.74 -3.77 -27.51
C PHE A 271 -17.17 -3.85 -26.96
N MET A 272 -18.02 -4.55 -27.70
CA MET A 272 -19.39 -4.77 -27.32
C MET A 272 -19.67 -6.18 -27.83
N THR A 273 -20.46 -6.95 -27.07
CA THR A 273 -20.77 -8.32 -27.45
C THR A 273 -22.26 -8.42 -27.74
N ASN A 274 -22.66 -9.35 -28.62
CA ASN A 274 -24.08 -9.49 -28.97
C ASN A 274 -24.62 -10.91 -29.00
N GLY A 275 -24.01 -11.81 -28.24
CA GLY A 275 -24.47 -13.19 -28.19
C GLY A 275 -23.46 -14.12 -27.55
N GLN A 276 -23.71 -15.43 -27.62
CA GLN A 276 -22.81 -16.38 -26.99
C GLN A 276 -21.88 -17.12 -27.96
N ASN A 277 -22.13 -16.97 -29.27
CA ASN A 277 -21.29 -17.63 -30.27
C ASN A 277 -19.87 -17.08 -30.33
N VAL A 278 -18.88 -17.96 -30.17
CA VAL A 278 -17.49 -17.56 -30.21
C VAL A 278 -16.86 -18.05 -31.51
N PRO A 279 -16.09 -17.19 -32.19
CA PRO A 279 -15.81 -15.81 -31.78
C PRO A 279 -16.70 -14.82 -32.51
N GLU A 280 -17.73 -15.32 -33.17
CA GLU A 280 -18.64 -14.47 -33.93
C GLU A 280 -19.19 -13.27 -33.16
N ASP A 281 -20.04 -13.55 -32.17
CA ASP A 281 -20.71 -12.53 -31.38
C ASP A 281 -19.87 -11.52 -30.60
N ILE A 282 -19.22 -10.62 -31.34
CA ILE A 282 -18.40 -9.55 -30.76
C ILE A 282 -18.29 -8.47 -31.82
N GLN A 283 -18.17 -7.22 -31.39
CA GLN A 283 -18.09 -6.10 -32.35
C GLN A 283 -17.49 -4.84 -31.77
N THR A 284 -17.35 -3.84 -32.64
CA THR A 284 -16.78 -2.55 -32.27
C THR A 284 -17.66 -1.38 -32.76
N VAL A 285 -17.71 -0.30 -31.99
CA VAL A 285 -18.55 0.85 -32.37
C VAL A 285 -17.87 2.18 -32.14
N SER A 286 -18.43 3.23 -32.76
CA SER A 286 -17.92 4.59 -32.66
C SER A 286 -18.91 5.51 -31.93
N PRO A 287 -18.42 6.61 -31.34
CA PRO A 287 -19.33 7.52 -30.62
C PRO A 287 -20.62 7.69 -31.38
N LEU A 288 -20.56 8.26 -32.59
CA LEU A 288 -21.77 8.45 -33.39
C LEU A 288 -22.46 7.11 -33.71
N GLY A 289 -21.66 6.04 -33.81
CA GLY A 289 -22.23 4.74 -34.11
C GLY A 289 -23.06 4.24 -32.94
N PHE A 290 -22.58 4.50 -31.73
CA PHE A 290 -23.27 4.08 -30.52
C PHE A 290 -24.57 4.84 -30.37
N VAL A 291 -24.52 6.13 -30.69
CA VAL A 291 -25.70 6.97 -30.57
C VAL A 291 -26.78 6.50 -31.54
N ARG A 292 -26.37 6.08 -32.73
CA ARG A 292 -27.35 5.62 -33.72
C ARG A 292 -28.11 4.42 -33.17
N MET A 293 -27.59 3.83 -32.10
CA MET A 293 -28.22 2.68 -31.47
C MET A 293 -29.18 3.09 -30.36
N LEU A 294 -28.99 4.30 -29.83
CA LEU A 294 -29.85 4.83 -28.79
C LEU A 294 -31.15 5.29 -29.44
N CYS A 295 -31.04 6.08 -30.50
CA CYS A 295 -32.22 6.61 -31.19
C CYS A 295 -32.95 5.59 -32.06
N ARG A 296 -32.94 4.33 -31.63
CA ARG A 296 -33.62 3.28 -32.36
C ARG A 296 -33.22 3.28 -33.84
N PRO B 39 56.86 -14.31 3.61
CA PRO B 39 56.23 -13.03 3.25
C PRO B 39 57.22 -11.90 3.56
N GLU B 40 57.61 -11.13 2.55
CA GLU B 40 58.56 -10.04 2.78
C GLU B 40 57.89 -8.65 2.79
N PRO B 41 57.95 -7.87 1.67
CA PRO B 41 57.28 -6.57 1.78
C PRO B 41 55.76 -6.74 1.80
N LEU B 42 55.32 -7.99 1.94
CA LEU B 42 53.91 -8.32 2.00
C LEU B 42 53.49 -8.13 3.44
N ARG B 43 54.41 -8.44 4.36
CA ARG B 43 54.18 -8.28 5.79
C ARG B 43 53.98 -6.78 6.09
N LYS B 44 54.40 -5.94 5.13
CA LYS B 44 54.28 -4.50 5.25
C LYS B 44 52.89 -4.07 4.79
N ALA B 45 52.34 -4.83 3.84
CA ALA B 45 51.02 -4.54 3.31
C ALA B 45 49.98 -5.00 4.32
N GLU B 46 50.25 -6.14 4.97
CA GLU B 46 49.34 -6.65 5.97
C GLU B 46 49.18 -5.58 7.05
N LYS B 47 50.30 -5.01 7.48
CA LYS B 47 50.32 -3.97 8.51
C LYS B 47 49.59 -2.69 8.10
N LEU B 48 49.64 -2.31 6.83
CA LEU B 48 48.95 -1.10 6.38
C LEU B 48 47.46 -1.33 6.36
N LEU B 49 47.02 -2.33 5.60
CA LEU B 49 45.62 -2.68 5.46
C LEU B 49 44.87 -2.72 6.77
N GLN B 50 45.49 -3.31 7.78
CA GLN B 50 44.84 -3.42 9.08
C GLN B 50 44.59 -2.06 9.70
N GLU B 51 45.43 -1.08 9.36
CA GLU B 51 45.30 0.27 9.91
C GLU B 51 44.00 0.95 9.47
N THR B 52 43.53 0.64 8.27
CA THR B 52 42.27 1.22 7.79
C THR B 52 41.15 0.44 8.46
N GLY B 53 39.91 0.80 8.21
CA GLY B 53 38.85 0.06 8.87
C GLY B 53 38.30 -1.11 8.08
N ILE B 54 39.05 -1.56 7.07
CA ILE B 54 38.61 -2.66 6.23
C ILE B 54 38.27 -3.94 6.98
N LYS B 55 37.40 -4.75 6.40
CA LYS B 55 37.00 -6.01 7.01
C LYS B 55 38.01 -7.12 6.70
N GLU B 56 38.26 -7.97 7.70
CA GLU B 56 39.21 -9.07 7.58
C GLU B 56 39.27 -9.72 6.19
N SER B 57 38.11 -10.06 5.63
CA SER B 57 38.05 -10.69 4.31
C SER B 57 38.64 -9.81 3.22
N THR B 58 38.15 -8.57 3.11
CA THR B 58 38.67 -7.66 2.10
C THR B 58 40.19 -7.57 2.26
N LYS B 59 40.62 -7.50 3.51
CA LYS B 59 42.04 -7.42 3.84
C LYS B 59 42.71 -8.71 3.41
N THR B 60 42.34 -9.81 4.05
CA THR B 60 42.91 -11.11 3.74
C THR B 60 42.53 -11.58 2.35
N ASN B 61 42.15 -10.64 1.49
CA ASN B 61 41.78 -10.97 0.13
C ASN B 61 42.58 -10.09 -0.83
N THR B 62 43.05 -8.96 -0.32
CA THR B 62 43.85 -8.06 -1.14
C THR B 62 45.26 -8.61 -1.17
N LEU B 63 45.64 -9.31 -0.12
CA LEU B 63 46.96 -9.91 -0.06
C LEU B 63 46.92 -11.16 -0.95
N LYS B 64 45.74 -11.79 -1.02
CA LYS B 64 45.55 -12.97 -1.86
C LYS B 64 45.87 -12.55 -3.30
N LYS B 65 45.16 -11.54 -3.79
CA LYS B 65 45.36 -11.03 -5.13
C LYS B 65 46.81 -10.59 -5.27
N LEU B 66 47.15 -9.53 -4.54
CA LEU B 66 48.50 -8.98 -4.56
C LEU B 66 49.57 -10.04 -4.60
N LEU B 67 49.30 -11.20 -4.00
CA LEU B 67 50.26 -12.27 -3.98
C LEU B 67 50.23 -12.95 -5.34
N ARG B 68 49.02 -13.24 -5.81
CA ARG B 68 48.88 -13.87 -7.11
C ARG B 68 49.44 -12.97 -8.19
N PHE B 69 48.71 -11.91 -8.52
CA PHE B 69 49.11 -10.98 -9.57
C PHE B 69 50.47 -10.33 -9.33
N SER B 70 51.49 -11.15 -9.07
CA SER B 70 52.84 -10.66 -8.86
C SER B 70 53.80 -11.84 -8.79
N VAL B 71 53.29 -12.97 -8.30
CA VAL B 71 54.10 -14.18 -8.18
C VAL B 71 54.57 -14.59 -9.57
N GLU B 72 53.74 -14.32 -10.56
CA GLU B 72 54.05 -14.66 -11.94
C GLU B 72 54.77 -13.53 -12.67
N ALA B 73 54.65 -12.32 -12.15
CA ALA B 73 55.27 -11.16 -12.79
C ALA B 73 56.58 -10.68 -12.13
N GLY B 74 56.77 -9.37 -12.12
CA GLY B 74 57.98 -8.79 -11.56
C GLY B 74 58.10 -8.79 -10.05
N GLY B 75 58.90 -7.86 -9.54
CA GLY B 75 59.11 -7.77 -8.10
C GLY B 75 58.25 -6.74 -7.40
N LEU B 76 58.17 -6.83 -6.07
CA LEU B 76 57.37 -5.92 -5.26
C LEU B 76 58.20 -5.13 -4.26
N THR B 77 58.86 -4.07 -4.72
CA THR B 77 59.64 -3.24 -3.81
C THR B 77 58.70 -2.74 -2.75
N GLU B 78 59.16 -2.67 -1.50
CA GLU B 78 58.30 -2.16 -0.45
C GLU B 78 57.89 -0.74 -0.88
N GLU B 79 58.64 -0.21 -1.84
CA GLU B 79 58.43 1.11 -2.39
C GLU B 79 57.28 1.11 -3.38
N ASN B 80 56.93 -0.05 -3.92
CA ASN B 80 55.83 -0.12 -4.88
C ASN B 80 54.71 -1.04 -4.46
N VAL B 81 54.66 -1.38 -3.17
CA VAL B 81 53.61 -2.25 -2.64
C VAL B 81 52.35 -1.44 -2.42
N VAL B 82 52.53 -0.28 -1.80
CA VAL B 82 51.43 0.62 -1.49
C VAL B 82 50.69 1.17 -2.72
N GLY B 83 51.36 1.19 -3.87
CA GLY B 83 50.74 1.68 -5.07
C GLY B 83 49.90 0.60 -5.74
N LYS B 84 50.44 -0.62 -5.82
CA LYS B 84 49.73 -1.71 -6.45
C LYS B 84 48.64 -2.18 -5.49
N LEU B 85 48.78 -1.76 -4.24
CA LEU B 85 47.83 -2.09 -3.18
C LEU B 85 46.60 -1.22 -3.39
N GLN B 86 46.81 0.10 -3.40
CA GLN B 86 45.73 1.04 -3.60
C GLN B 86 44.99 0.75 -4.89
N GLU B 87 45.74 0.30 -5.90
CA GLU B 87 45.14 0.00 -7.20
C GLU B 87 44.15 -1.14 -7.10
N ILE B 88 44.50 -2.17 -6.31
CA ILE B 88 43.65 -3.33 -6.11
C ILE B 88 42.39 -3.01 -5.34
N LEU B 89 42.46 -2.00 -4.47
CA LEU B 89 41.30 -1.56 -3.69
C LEU B 89 40.41 -0.75 -4.63
N CYS B 90 41.01 0.29 -5.20
CA CYS B 90 40.32 1.17 -6.12
C CYS B 90 39.56 0.44 -7.22
N ASP B 91 39.99 -0.78 -7.53
CA ASP B 91 39.31 -1.57 -8.56
C ASP B 91 38.18 -2.38 -7.96
N MET B 92 37.95 -2.21 -6.66
CA MET B 92 36.86 -2.91 -5.98
C MET B 92 35.69 -1.93 -5.81
N LEU B 93 35.87 -0.71 -6.30
CA LEU B 93 34.84 0.30 -6.18
C LEU B 93 34.11 0.53 -7.51
N PRO B 94 32.93 1.16 -7.45
CA PRO B 94 32.18 1.41 -8.69
C PRO B 94 32.90 2.45 -9.55
N SER B 95 33.10 2.11 -10.82
CA SER B 95 33.78 2.99 -11.78
C SER B 95 33.58 4.47 -11.47
N ALA B 96 34.69 5.21 -11.45
CA ALA B 96 34.68 6.64 -11.13
C ALA B 96 33.65 7.52 -11.85
N ASP B 97 33.10 7.05 -12.95
CA ASP B 97 32.11 7.85 -13.67
C ASP B 97 30.81 7.82 -12.88
N LYS B 98 30.79 7.02 -11.82
CA LYS B 98 29.63 6.90 -10.93
C LYS B 98 29.86 7.76 -9.70
N TRP B 99 30.82 8.67 -9.82
CA TRP B 99 31.16 9.58 -8.73
C TRP B 99 31.15 10.99 -9.32
N GLN B 100 31.29 12.00 -8.47
CA GLN B 100 31.30 13.39 -8.92
C GLN B 100 30.07 13.76 -9.75
N GLU B 101 29.08 12.88 -9.79
CA GLU B 101 27.86 13.16 -10.55
C GLU B 101 27.41 14.56 -10.12
N PRO B 102 27.36 15.50 -11.08
CA PRO B 102 26.95 16.88 -10.80
C PRO B 102 25.53 17.01 -10.27
N ILE B 103 25.25 18.16 -9.66
CA ILE B 103 23.92 18.45 -9.14
C ILE B 103 23.12 18.89 -10.36
N HIS B 104 22.17 18.06 -10.79
CA HIS B 104 21.39 18.36 -11.98
C HIS B 104 19.89 18.55 -11.74
N SER B 105 19.15 17.45 -11.83
CA SER B 105 17.69 17.45 -11.66
C SER B 105 17.11 18.62 -10.87
N LYS B 106 15.93 19.05 -11.28
CA LYS B 106 15.24 20.17 -10.65
C LYS B 106 14.94 19.93 -9.17
N TYR B 107 15.00 18.68 -8.75
CA TYR B 107 14.74 18.35 -7.36
C TYR B 107 15.92 17.59 -6.77
N ILE B 108 16.53 18.18 -5.75
CA ILE B 108 17.69 17.59 -5.08
C ILE B 108 17.33 17.17 -3.66
N VAL B 109 16.89 15.93 -3.52
CA VAL B 109 16.48 15.39 -2.22
C VAL B 109 17.62 14.74 -1.43
N LEU B 110 17.60 14.94 -0.11
CA LEU B 110 18.61 14.38 0.77
C LEU B 110 17.94 13.72 1.99
N PHE B 111 18.16 12.42 2.15
CA PHE B 111 17.61 11.68 3.28
C PHE B 111 18.71 10.79 3.86
N GLY B 112 18.57 10.42 5.14
CA GLY B 112 19.59 9.59 5.74
C GLY B 112 19.38 9.33 7.22
N SER B 113 20.50 9.13 7.91
CA SER B 113 20.50 8.83 9.35
C SER B 113 20.19 10.04 10.23
N THR B 114 20.02 9.80 11.51
CA THR B 114 19.73 10.88 12.44
C THR B 114 21.03 11.59 12.83
N GLY B 115 20.99 12.91 12.87
CA GLY B 115 22.16 13.68 13.25
C GLY B 115 23.33 13.59 12.30
N ALA B 116 23.18 12.83 11.22
CA ALA B 116 24.28 12.69 10.29
C ALA B 116 24.66 14.02 9.64
N GLY B 117 23.67 14.86 9.35
CA GLY B 117 23.96 16.15 8.74
C GLY B 117 23.12 16.43 7.49
N LYS B 118 21.88 15.97 7.50
CA LYS B 118 20.99 16.17 6.36
C LYS B 118 20.70 17.64 6.09
N THR B 119 20.39 18.39 7.14
CA THR B 119 20.08 19.80 6.95
C THR B 119 21.29 20.65 6.63
N THR B 120 22.31 20.60 7.49
CA THR B 120 23.53 21.37 7.29
C THR B 120 24.12 21.16 5.90
N THR B 121 24.05 19.93 5.42
CA THR B 121 24.57 19.58 4.09
C THR B 121 23.73 20.28 3.04
N LEU B 122 22.46 19.92 2.98
CA LEU B 122 21.49 20.47 2.04
C LEU B 122 21.67 21.99 1.98
N ALA B 123 22.24 22.55 3.05
CA ALA B 123 22.51 23.97 3.14
C ALA B 123 23.70 24.23 2.23
N LYS B 124 24.88 23.82 2.68
CA LYS B 124 26.10 23.99 1.89
C LYS B 124 25.73 23.80 0.42
N LEU B 125 25.25 22.60 0.10
CA LEU B 125 24.86 22.26 -1.26
C LEU B 125 23.94 23.30 -1.88
N ALA B 126 22.96 23.77 -1.12
CA ALA B 126 22.02 24.77 -1.63
C ALA B 126 22.69 26.11 -1.87
N ALA B 127 23.26 26.68 -0.79
CA ALA B 127 23.93 27.96 -0.87
C ALA B 127 24.98 27.98 -1.98
N ILE B 128 25.36 26.78 -2.43
CA ILE B 128 26.35 26.63 -3.51
C ILE B 128 25.76 27.02 -4.87
N SER B 129 24.76 26.28 -5.31
CA SER B 129 24.14 26.56 -6.59
C SER B 129 23.67 28.02 -6.71
N MET B 130 23.69 28.75 -5.59
CA MET B 130 23.28 30.14 -5.61
C MET B 130 24.43 31.14 -5.51
N LEU B 131 25.36 30.91 -4.60
CA LEU B 131 26.49 31.82 -4.40
C LEU B 131 27.76 31.47 -5.18
N GLU B 132 27.67 30.49 -6.08
CA GLU B 132 28.81 30.10 -6.89
C GLU B 132 28.40 29.36 -8.16
N LYS B 133 27.10 29.31 -8.40
CA LYS B 133 26.54 28.68 -9.59
C LYS B 133 25.45 29.61 -10.09
N HIS B 134 24.98 30.47 -9.18
CA HIS B 134 23.96 31.48 -9.47
C HIS B 134 22.70 30.88 -10.10
N LYS B 135 21.81 30.37 -9.26
CA LYS B 135 20.57 29.78 -9.77
C LYS B 135 19.37 30.03 -8.85
N LYS B 136 18.17 29.97 -9.42
CA LYS B 136 16.95 30.17 -8.67
C LYS B 136 16.84 29.08 -7.61
N ILE B 137 17.12 29.42 -6.37
CA ILE B 137 17.08 28.47 -5.26
C ILE B 137 15.72 28.30 -4.60
N ALA B 138 15.31 27.05 -4.41
CA ALA B 138 14.03 26.72 -3.78
C ALA B 138 14.20 25.81 -2.57
N PHE B 139 13.08 25.50 -1.92
CA PHE B 139 13.04 24.64 -0.73
C PHE B 139 11.73 23.90 -0.57
N ILE B 140 11.80 22.77 0.12
CA ILE B 140 10.64 21.92 0.38
C ILE B 140 11.02 21.07 1.57
N THR B 141 10.21 21.07 2.63
CA THR B 141 10.53 20.30 3.80
C THR B 141 9.48 19.27 4.21
N THR B 142 9.94 18.04 4.42
CA THR B 142 9.07 16.97 4.86
C THR B 142 9.30 16.80 6.35
N ASP B 143 10.33 17.46 6.85
CA ASP B 143 10.69 17.38 8.27
C ASP B 143 9.68 18.03 9.20
N THR B 144 8.69 17.23 9.59
CA THR B 144 7.62 17.67 10.49
C THR B 144 7.93 17.29 11.93
N TYR B 145 8.17 15.99 12.13
CA TYR B 145 8.44 15.41 13.45
C TYR B 145 9.39 16.12 14.40
N ARG B 146 10.55 16.54 13.90
CA ARG B 146 11.50 17.18 14.79
C ARG B 146 11.05 18.54 15.30
N ILE B 147 10.87 18.62 16.62
CA ILE B 147 10.43 19.84 17.27
C ILE B 147 11.26 21.03 16.78
N ALA B 148 10.59 22.05 16.29
CA ALA B 148 11.24 23.27 15.81
C ALA B 148 12.16 23.10 14.62
N ALA B 149 12.11 21.93 13.96
CA ALA B 149 12.99 21.71 12.81
C ALA B 149 12.62 22.63 11.64
N VAL B 150 11.31 22.78 11.42
CA VAL B 150 10.79 23.62 10.35
C VAL B 150 11.32 25.03 10.53
N GLU B 151 10.95 25.61 11.66
CA GLU B 151 11.31 26.97 12.03
C GLU B 151 12.76 27.34 11.70
N GLN B 152 13.70 26.45 11.99
CA GLN B 152 15.11 26.72 11.74
C GLN B 152 15.46 26.83 10.27
N LEU B 153 15.28 25.74 9.52
CA LEU B 153 15.59 25.76 8.11
C LEU B 153 14.99 27.02 7.48
N LYS B 154 13.85 27.46 7.99
CA LYS B 154 13.19 28.64 7.46
C LYS B 154 13.99 29.92 7.71
N THR B 155 14.74 29.97 8.81
CA THR B 155 15.54 31.14 9.11
C THR B 155 16.85 31.08 8.35
N TYR B 156 16.94 30.12 7.43
CA TYR B 156 18.13 29.96 6.61
C TYR B 156 17.73 30.35 5.19
N ALA B 157 16.57 29.87 4.77
CA ALA B 157 16.03 30.16 3.45
C ALA B 157 15.94 31.67 3.32
N GLU B 158 15.95 32.35 4.47
CA GLU B 158 15.89 33.79 4.53
C GLU B 158 17.30 34.34 4.72
N LEU B 159 18.21 33.85 3.89
CA LEU B 159 19.60 34.26 3.91
C LEU B 159 20.06 33.97 2.50
N LEU B 160 19.21 33.25 1.78
CA LEU B 160 19.43 32.89 0.39
C LEU B 160 18.23 33.44 -0.36
N GLN B 161 17.34 34.08 0.40
CA GLN B 161 16.12 34.68 -0.14
C GLN B 161 15.37 33.70 -1.02
N ALA B 162 15.37 32.43 -0.61
CA ALA B 162 14.67 31.39 -1.35
C ALA B 162 13.42 31.00 -0.56
N PRO B 163 12.36 30.56 -1.26
CA PRO B 163 11.13 30.18 -0.56
C PRO B 163 11.28 28.91 0.28
N LEU B 164 10.16 28.42 0.79
CA LEU B 164 10.14 27.22 1.61
C LEU B 164 8.68 26.83 1.79
N GLU B 165 8.37 25.58 1.47
CA GLU B 165 7.00 25.08 1.58
C GLU B 165 6.90 23.79 2.37
N VAL B 166 6.74 23.91 3.69
CA VAL B 166 6.62 22.73 4.52
C VAL B 166 5.46 21.90 3.95
N CYS B 167 5.48 20.59 4.17
CA CYS B 167 4.42 19.73 3.67
C CYS B 167 4.20 18.56 4.62
N TYR B 168 2.92 18.24 4.85
CA TYR B 168 2.57 17.14 5.75
C TYR B 168 1.92 15.98 5.00
N THR B 169 1.91 16.05 3.67
CA THR B 169 1.30 15.00 2.87
C THR B 169 1.90 14.89 1.47
N LYS B 170 1.73 13.74 0.84
CA LYS B 170 2.24 13.52 -0.51
C LYS B 170 1.56 14.50 -1.45
N GLU B 171 0.41 15.02 -1.02
CA GLU B 171 -0.35 15.99 -1.80
C GLU B 171 0.36 17.32 -1.82
N GLU B 172 0.57 17.89 -0.63
CA GLU B 172 1.24 19.18 -0.49
C GLU B 172 2.61 19.19 -1.16
N PHE B 173 3.34 18.08 -1.06
CA PHE B 173 4.66 17.97 -1.67
C PHE B 173 4.61 18.24 -3.17
N GLN B 174 3.80 17.47 -3.87
CA GLN B 174 3.64 17.61 -5.32
C GLN B 174 3.08 18.99 -5.66
N GLN B 175 2.23 19.49 -4.77
CA GLN B 175 1.60 20.80 -4.95
C GLN B 175 2.57 21.96 -4.74
N ALA B 176 3.51 21.80 -3.82
CA ALA B 176 4.52 22.83 -3.59
C ALA B 176 5.59 22.58 -4.65
N LYS B 177 5.70 21.31 -5.03
CA LYS B 177 6.64 20.85 -6.03
C LYS B 177 6.41 21.57 -7.36
N GLU B 178 5.16 21.90 -7.66
CA GLU B 178 4.83 22.61 -8.89
C GLU B 178 4.96 24.11 -8.68
N LEU B 179 4.70 24.57 -7.47
CA LEU B 179 4.80 25.99 -7.16
C LEU B 179 6.21 26.47 -7.51
N PHE B 180 7.16 25.55 -7.50
CA PHE B 180 8.55 25.87 -7.79
C PHE B 180 9.00 25.35 -9.15
N SER B 181 8.06 25.15 -10.07
CA SER B 181 8.38 24.68 -11.41
C SER B 181 9.22 25.74 -12.11
N GLU B 182 9.07 26.98 -11.64
CA GLU B 182 9.80 28.12 -12.19
C GLU B 182 11.24 28.08 -11.70
N TYR B 183 11.50 27.24 -10.70
CA TYR B 183 12.83 27.10 -10.14
C TYR B 183 13.59 25.94 -10.79
N ASP B 184 14.90 26.12 -10.94
CA ASP B 184 15.76 25.11 -11.56
C ASP B 184 16.29 24.10 -10.52
N HIS B 185 16.54 24.58 -9.31
CA HIS B 185 17.04 23.74 -8.24
C HIS B 185 16.19 23.85 -6.98
N VAL B 186 15.45 22.79 -6.67
CA VAL B 186 14.63 22.76 -5.47
C VAL B 186 15.24 21.74 -4.51
N PHE B 187 15.78 22.23 -3.40
CA PHE B 187 16.39 21.35 -2.41
C PHE B 187 15.41 20.92 -1.32
N VAL B 188 15.28 19.60 -1.15
CA VAL B 188 14.36 19.02 -0.16
C VAL B 188 15.10 18.50 1.06
N ASP B 189 14.50 18.65 2.24
CA ASP B 189 15.12 18.21 3.48
C ASP B 189 14.14 17.30 4.21
N THR B 190 14.55 16.05 4.46
CA THR B 190 13.67 15.09 5.13
C THR B 190 13.90 14.93 6.63
N ALA B 191 12.97 14.23 7.29
CA ALA B 191 13.06 14.00 8.72
C ALA B 191 14.03 12.89 9.09
N GLY B 192 14.58 12.99 10.29
CA GLY B 192 15.52 11.99 10.76
C GLY B 192 14.83 10.86 11.46
N ARG B 193 14.84 9.69 10.82
CA ARG B 193 14.21 8.51 11.38
C ARG B 193 15.21 7.38 11.58
N ASN B 194 14.73 6.32 12.20
CA ASN B 194 15.53 5.14 12.46
C ASN B 194 15.03 4.04 11.53
N PHE B 195 15.65 3.95 10.35
CA PHE B 195 15.26 2.97 9.33
C PHE B 195 15.58 1.50 9.63
N LYS B 196 15.59 1.14 10.91
CA LYS B 196 15.85 -0.24 11.31
C LYS B 196 14.44 -0.83 11.34
N ASP B 197 13.52 -0.05 10.77
CA ASP B 197 12.12 -0.39 10.67
C ASP B 197 11.61 0.15 9.32
N PRO B 198 11.14 -0.74 8.44
CA PRO B 198 10.64 -0.36 7.11
C PRO B 198 9.50 0.65 7.15
N GLN B 199 8.83 0.74 8.29
CA GLN B 199 7.72 1.68 8.46
C GLN B 199 7.99 3.03 7.83
N TYR B 200 9.05 3.69 8.27
CA TYR B 200 9.42 5.00 7.76
C TYR B 200 9.86 5.02 6.29
N ILE B 201 10.24 3.87 5.77
CA ILE B 201 10.64 3.77 4.38
C ILE B 201 9.41 4.04 3.53
N ASP B 202 8.33 3.36 3.86
CA ASP B 202 7.08 3.54 3.13
C ASP B 202 6.69 5.00 3.18
N GLU B 203 6.76 5.56 4.39
CA GLU B 203 6.41 6.96 4.62
C GLU B 203 7.17 7.92 3.71
N LEU B 204 8.44 7.64 3.47
CA LEU B 204 9.25 8.48 2.60
C LEU B 204 8.72 8.31 1.19
N LYS B 205 8.38 7.07 0.85
CA LYS B 205 7.83 6.76 -0.45
C LYS B 205 6.50 7.50 -0.58
N GLU B 206 5.73 7.51 0.50
CA GLU B 206 4.43 8.17 0.53
C GLU B 206 4.52 9.64 0.17
N THR B 207 5.12 10.41 1.06
CA THR B 207 5.28 11.85 0.84
C THR B 207 5.91 12.18 -0.51
N ILE B 208 7.05 11.56 -0.81
CA ILE B 208 7.73 11.83 -2.08
C ILE B 208 7.41 10.78 -3.15
N PRO B 209 6.88 11.23 -4.30
CA PRO B 209 6.53 10.38 -5.44
C PRO B 209 7.67 9.92 -6.34
N PHE B 210 8.91 10.31 -6.01
CA PHE B 210 10.10 9.92 -6.78
C PHE B 210 9.92 9.86 -8.29
N GLU B 211 9.44 10.93 -8.91
CA GLU B 211 9.24 10.95 -10.35
C GLU B 211 10.58 10.91 -11.08
N SER B 212 10.61 11.37 -12.33
CA SER B 212 11.82 11.34 -13.13
C SER B 212 12.85 12.42 -12.82
N SER B 213 12.43 13.68 -12.77
CA SER B 213 13.34 14.80 -12.53
C SER B 213 13.95 14.85 -11.12
N ILE B 214 14.06 13.71 -10.46
CA ILE B 214 14.64 13.68 -9.13
C ILE B 214 16.03 13.05 -9.09
N GLN B 215 16.86 13.54 -8.17
CA GLN B 215 18.22 13.07 -7.96
C GLN B 215 18.40 13.03 -6.43
N SER B 216 18.25 11.85 -5.85
CA SER B 216 18.34 11.69 -4.39
C SER B 216 19.66 11.15 -3.83
N PHE B 217 20.23 11.88 -2.86
CA PHE B 217 21.48 11.51 -2.21
C PHE B 217 21.22 10.94 -0.82
N LEU B 218 21.91 9.85 -0.47
CA LEU B 218 21.75 9.23 0.84
C LEU B 218 22.86 9.73 1.76
N VAL B 219 22.48 10.37 2.86
CA VAL B 219 23.45 10.94 3.79
C VAL B 219 23.74 10.05 5.01
N LEU B 220 24.93 9.46 5.02
CA LEU B 220 25.36 8.58 6.11
C LEU B 220 26.60 9.18 6.76
N SER B 221 26.83 8.83 8.02
CA SER B 221 27.99 9.36 8.73
C SER B 221 29.23 8.49 8.65
N ALA B 222 30.39 9.11 8.53
CA ALA B 222 31.65 8.38 8.45
C ALA B 222 31.94 7.75 9.80
N THR B 223 31.50 8.40 10.87
CA THR B 223 31.71 7.86 12.21
C THR B 223 30.83 6.66 12.50
N ALA B 224 30.03 6.24 11.52
CA ALA B 224 29.14 5.10 11.68
C ALA B 224 29.85 3.76 11.53
N LYS B 225 29.47 2.80 12.36
CA LYS B 225 30.05 1.47 12.28
C LYS B 225 29.62 0.83 10.95
N TYR B 226 30.31 -0.22 10.53
CA TYR B 226 29.96 -0.85 9.26
C TYR B 226 28.75 -1.77 9.40
N GLU B 227 28.77 -2.62 10.40
CA GLU B 227 27.67 -3.54 10.64
C GLU B 227 26.33 -2.79 10.56
N ASP B 228 26.32 -1.55 11.03
CA ASP B 228 25.12 -0.72 11.03
C ASP B 228 24.69 -0.25 9.66
N MET B 229 25.54 0.51 8.97
CA MET B 229 25.20 1.01 7.63
C MET B 229 24.87 -0.16 6.68
N LYS B 230 25.51 -1.30 6.91
CA LYS B 230 25.29 -2.48 6.08
C LYS B 230 23.80 -2.69 5.98
N HIS B 231 23.12 -2.72 7.13
CA HIS B 231 21.68 -2.90 7.19
C HIS B 231 20.91 -1.72 6.63
N ILE B 232 21.40 -0.52 6.87
CA ILE B 232 20.71 0.67 6.40
C ILE B 232 20.63 0.71 4.88
N VAL B 233 21.76 0.47 4.23
CA VAL B 233 21.80 0.49 2.78
C VAL B 233 20.84 -0.55 2.22
N LYS B 234 20.58 -1.59 3.01
CA LYS B 234 19.69 -2.66 2.59
C LYS B 234 18.24 -2.22 2.68
N ARG B 235 17.85 -1.62 3.80
CA ARG B 235 16.47 -1.15 3.96
C ARG B 235 16.09 -0.23 2.80
N PHE B 236 17.06 0.51 2.29
CA PHE B 236 16.82 1.44 1.20
C PHE B 236 16.86 0.81 -0.18
N SER B 237 16.79 -0.53 -0.26
CA SER B 237 16.85 -1.19 -1.55
C SER B 237 15.56 -1.09 -2.35
N SER B 238 14.43 -0.86 -1.67
CA SER B 238 13.15 -0.71 -2.36
C SER B 238 13.08 0.73 -2.88
N VAL B 239 13.61 1.65 -2.09
CA VAL B 239 13.63 3.05 -2.46
C VAL B 239 14.90 3.34 -3.26
N PRO B 240 14.74 3.96 -4.45
CA PRO B 240 15.87 4.31 -5.33
C PRO B 240 16.73 5.44 -4.79
N VAL B 241 17.99 5.47 -5.21
CA VAL B 241 18.93 6.50 -4.79
C VAL B 241 20.02 6.71 -5.83
N ASN B 242 20.30 7.97 -6.16
CA ASN B 242 21.33 8.28 -7.14
C ASN B 242 22.72 8.07 -6.54
N GLN B 243 23.27 9.12 -5.96
CA GLN B 243 24.61 9.11 -5.37
C GLN B 243 24.66 8.83 -3.87
N TYR B 244 25.81 9.19 -3.28
CA TYR B 244 26.09 9.01 -1.86
C TYR B 244 26.64 10.30 -1.26
N ILE B 245 26.45 10.47 0.04
CA ILE B 245 26.98 11.62 0.75
C ILE B 245 27.47 11.13 2.11
N PHE B 246 28.79 11.15 2.31
CA PHE B 246 29.37 10.73 3.57
C PHE B 246 29.82 11.98 4.27
N THR B 247 29.46 12.10 5.54
CA THR B 247 29.78 13.29 6.31
C THR B 247 30.72 13.07 7.48
N LYS B 248 31.19 14.16 8.06
CA LYS B 248 32.03 14.09 9.23
C LYS B 248 33.32 13.27 9.06
N ILE B 249 33.95 13.37 7.89
CA ILE B 249 35.19 12.66 7.63
C ILE B 249 36.33 13.30 8.43
N ASP B 250 36.01 14.40 9.11
CA ASP B 250 36.99 15.12 9.89
C ASP B 250 36.79 14.86 11.36
N GLU B 251 35.96 13.87 11.67
CA GLU B 251 35.69 13.55 13.05
C GLU B 251 36.00 12.07 13.29
N THR B 252 36.17 11.34 12.19
CA THR B 252 36.44 9.91 12.25
C THR B 252 37.93 9.60 12.26
N THR B 253 38.24 8.32 12.43
CA THR B 253 39.61 7.83 12.47
C THR B 253 40.07 7.12 11.18
N SER B 254 39.12 6.59 10.40
CA SER B 254 39.46 5.89 9.15
C SER B 254 38.22 5.69 8.30
N LEU B 255 38.39 5.80 6.99
CA LEU B 255 37.29 5.63 6.05
C LEU B 255 37.04 4.18 5.69
N GLY B 256 37.65 3.26 6.45
CA GLY B 256 37.49 1.83 6.20
C GLY B 256 36.05 1.34 6.03
N SER B 257 35.19 1.68 6.98
CA SER B 257 33.79 1.26 6.93
C SER B 257 33.16 1.86 5.70
N VAL B 258 33.54 3.08 5.37
CA VAL B 258 32.98 3.72 4.19
C VAL B 258 33.43 2.92 2.98
N PHE B 259 34.61 2.31 3.09
CA PHE B 259 35.12 1.50 2.01
C PHE B 259 34.21 0.29 1.89
N ASN B 260 34.21 -0.54 2.93
CA ASN B 260 33.40 -1.75 2.96
C ASN B 260 31.99 -1.58 2.41
N ILE B 261 31.38 -0.42 2.62
CA ILE B 261 30.04 -0.17 2.10
C ILE B 261 30.09 0.02 0.59
N LEU B 262 30.85 1.01 0.15
CA LEU B 262 31.00 1.27 -1.27
C LEU B 262 31.43 -0.02 -2.00
N ALA B 263 32.28 -0.81 -1.35
CA ALA B 263 32.78 -2.05 -1.93
C ALA B 263 31.64 -2.91 -2.45
N GLU B 264 30.51 -2.83 -1.79
CA GLU B 264 29.34 -3.61 -2.18
C GLU B 264 28.17 -2.75 -2.63
N SER B 265 28.44 -1.75 -3.49
CA SER B 265 27.41 -0.84 -4.02
C SER B 265 27.57 -0.73 -5.55
N LYS B 266 26.68 0.03 -6.19
CA LYS B 266 26.73 0.26 -7.63
C LYS B 266 26.72 1.77 -7.88
N ILE B 267 26.82 2.52 -6.79
CA ILE B 267 26.83 3.98 -6.85
C ILE B 267 28.01 4.51 -6.04
N GLY B 268 28.73 5.49 -6.61
CA GLY B 268 29.86 6.06 -5.91
C GLY B 268 29.39 7.09 -4.90
N VAL B 269 30.22 8.09 -4.63
CA VAL B 269 29.86 9.13 -3.67
C VAL B 269 29.86 10.53 -4.25
N GLY B 270 28.69 11.16 -4.28
CA GLY B 270 28.59 12.51 -4.79
C GLY B 270 29.53 13.44 -4.02
N PHE B 271 29.24 13.66 -2.74
CA PHE B 271 30.07 14.53 -1.92
C PHE B 271 30.42 13.92 -0.56
N MET B 272 31.25 14.66 0.20
CA MET B 272 31.68 14.26 1.54
C MET B 272 31.87 15.58 2.28
N THR B 273 31.49 15.63 3.55
CA THR B 273 31.66 16.86 4.29
C THR B 273 32.74 16.69 5.32
N ASN B 274 33.40 17.79 5.66
CA ASN B 274 34.50 17.76 6.62
C ASN B 274 34.51 18.95 7.58
N GLY B 275 33.34 19.42 7.97
CA GLY B 275 33.27 20.54 8.88
C GLY B 275 31.88 21.14 9.05
N GLN B 276 31.71 21.93 10.11
CA GLN B 276 30.43 22.56 10.43
C GLN B 276 30.19 23.87 9.65
N ASN B 277 31.27 24.52 9.23
CA ASN B 277 31.19 25.78 8.50
C ASN B 277 30.45 25.66 7.18
N VAL B 278 29.37 26.42 7.04
CA VAL B 278 28.55 26.40 5.83
C VAL B 278 28.84 27.64 4.98
N PRO B 279 29.17 27.45 3.68
CA PRO B 279 29.25 26.17 2.97
C PRO B 279 30.71 25.76 2.75
N GLU B 280 31.62 26.37 3.51
CA GLU B 280 33.04 26.09 3.38
C GLU B 280 33.44 24.60 3.45
N ASP B 281 32.84 23.86 4.38
CA ASP B 281 33.19 22.46 4.55
C ASP B 281 32.38 21.41 3.78
N ILE B 282 32.85 21.09 2.58
CA ILE B 282 32.21 20.08 1.72
C ILE B 282 33.10 19.89 0.50
N GLN B 283 33.23 18.64 0.04
CA GLN B 283 34.08 18.32 -1.09
C GLN B 283 33.59 17.14 -1.93
N THR B 284 34.28 16.93 -3.05
CA THR B 284 33.97 15.84 -3.97
C THR B 284 35.24 15.03 -4.17
N VAL B 285 35.12 13.71 -4.21
CA VAL B 285 36.30 12.86 -4.35
C VAL B 285 36.13 11.73 -5.36
N SER B 286 37.26 11.18 -5.80
CA SER B 286 37.25 10.09 -6.76
C SER B 286 37.83 8.83 -6.12
N PRO B 287 37.46 7.64 -6.65
CA PRO B 287 37.93 6.35 -6.13
C PRO B 287 39.39 6.36 -5.70
N LEU B 288 40.30 6.63 -6.65
CA LEU B 288 41.73 6.66 -6.32
C LEU B 288 42.03 7.65 -5.18
N GLY B 289 41.37 8.81 -5.21
CA GLY B 289 41.59 9.80 -4.17
C GLY B 289 41.06 9.37 -2.82
N PHE B 290 39.88 8.75 -2.84
CA PHE B 290 39.28 8.27 -1.61
C PHE B 290 40.16 7.18 -1.03
N VAL B 291 40.59 6.26 -1.91
CA VAL B 291 41.44 5.15 -1.50
C VAL B 291 42.75 5.69 -0.96
N ARG B 292 43.10 6.90 -1.39
CA ARG B 292 44.32 7.52 -0.89
C ARG B 292 44.08 7.93 0.56
N MET B 293 42.88 8.45 0.84
CA MET B 293 42.52 8.85 2.20
C MET B 293 42.53 7.65 3.15
N LEU B 294 42.28 6.47 2.62
CA LEU B 294 42.28 5.26 3.44
C LEU B 294 43.68 5.05 4.03
N CYS B 295 44.68 5.10 3.17
CA CYS B 295 46.07 4.90 3.59
C CYS B 295 46.63 6.14 4.28
N ARG B 296 46.14 6.39 5.50
CA ARG B 296 46.58 7.53 6.31
C ARG B 296 46.78 8.82 5.52
N PRO C 39 9.78 37.49 39.62
CA PRO C 39 8.49 36.81 39.40
C PRO C 39 8.69 35.30 39.32
N GLU C 40 7.83 34.54 40.00
CA GLU C 40 7.97 33.09 40.00
C GLU C 40 6.68 32.37 39.58
N PRO C 41 5.68 32.27 40.47
CA PRO C 41 4.47 31.58 40.01
C PRO C 41 3.69 32.54 39.12
N LEU C 42 4.08 33.80 39.18
CA LEU C 42 3.45 34.88 38.42
C LEU C 42 3.84 34.90 36.94
N ARG C 43 4.83 34.10 36.56
CA ARG C 43 5.23 34.04 35.16
C ARG C 43 4.10 33.29 34.48
N LYS C 44 3.39 32.50 35.28
CA LYS C 44 2.26 31.73 34.78
C LYS C 44 1.13 32.71 34.55
N ALA C 45 0.63 33.29 35.63
CA ALA C 45 -0.46 34.26 35.56
C ALA C 45 -0.21 35.20 34.39
N GLU C 46 1.07 35.47 34.14
CA GLU C 46 1.47 36.36 33.05
C GLU C 46 1.07 35.74 31.72
N LYS C 47 1.59 34.54 31.47
CA LYS C 47 1.31 33.82 30.22
C LYS C 47 -0.16 33.40 30.15
N LEU C 48 -0.79 33.20 31.30
CA LEU C 48 -2.20 32.81 31.33
C LEU C 48 -3.03 33.96 30.80
N LEU C 49 -2.73 35.16 31.27
CA LEU C 49 -3.42 36.37 30.85
C LEU C 49 -3.08 36.67 29.38
N GLN C 50 -1.80 36.52 29.05
CA GLN C 50 -1.31 36.75 27.70
C GLN C 50 -2.16 35.97 26.70
N GLU C 51 -2.65 34.81 27.13
CA GLU C 51 -3.45 33.93 26.30
C GLU C 51 -4.88 34.42 26.08
N THR C 52 -5.40 35.13 27.07
CA THR C 52 -6.75 35.65 26.98
C THR C 52 -6.72 36.99 26.24
N GLY C 53 -7.80 37.30 25.52
CA GLY C 53 -7.85 38.54 24.77
C GLY C 53 -7.58 39.82 25.55
N ILE C 54 -7.65 39.75 26.88
CA ILE C 54 -7.41 40.90 27.75
C ILE C 54 -6.40 41.84 27.12
N LYS C 55 -6.70 43.14 27.14
CA LYS C 55 -5.79 44.13 26.57
C LYS C 55 -4.60 44.38 27.49
N GLU C 56 -3.50 44.83 26.91
CA GLU C 56 -2.27 45.07 27.65
C GLU C 56 -2.42 45.83 28.98
N SER C 57 -3.01 47.01 28.95
CA SER C 57 -3.21 47.83 30.14
C SER C 57 -3.93 47.05 31.23
N THR C 58 -4.96 46.30 30.83
CA THR C 58 -5.74 45.49 31.76
C THR C 58 -4.90 44.31 32.23
N LYS C 59 -3.98 43.88 31.37
CA LYS C 59 -3.11 42.76 31.67
C LYS C 59 -2.16 43.12 32.82
N THR C 60 -1.45 44.23 32.64
CA THR C 60 -0.51 44.70 33.65
C THR C 60 -1.15 45.01 35.00
N ASN C 61 -2.33 45.61 34.97
CA ASN C 61 -3.02 45.96 36.20
C ASN C 61 -3.36 44.71 37.00
N THR C 62 -3.65 43.63 36.31
CA THR C 62 -3.99 42.37 36.96
C THR C 62 -2.83 41.92 37.84
N LEU C 63 -1.66 41.77 37.25
CA LEU C 63 -0.50 41.35 38.02
C LEU C 63 -0.17 42.36 39.10
N LYS C 64 -0.35 43.66 38.80
CA LYS C 64 -0.08 44.73 39.75
C LYS C 64 -0.87 44.50 41.05
N LYS C 65 -2.18 44.31 40.90
CA LYS C 65 -3.07 44.07 42.03
C LYS C 65 -2.90 42.68 42.60
N LEU C 66 -2.42 41.76 41.79
CA LEU C 66 -2.24 40.38 42.24
C LEU C 66 -0.93 40.28 42.98
N LEU C 67 -0.08 41.28 42.79
CA LEU C 67 1.22 41.31 43.45
C LEU C 67 1.08 41.93 44.84
N ARG C 68 0.36 43.03 44.93
CA ARG C 68 0.19 43.68 46.22
C ARG C 68 -0.42 42.70 47.21
N PHE C 69 -1.63 42.24 46.92
CA PHE C 69 -2.30 41.28 47.81
C PHE C 69 -1.61 39.95 47.79
N SER C 70 -0.40 39.92 48.32
CA SER C 70 0.40 38.71 48.37
C SER C 70 1.73 39.07 49.00
N VAL C 71 2.23 40.25 48.65
CA VAL C 71 3.50 40.72 49.19
C VAL C 71 3.21 41.11 50.63
N GLU C 72 1.92 41.26 50.93
CA GLU C 72 1.45 41.64 52.27
C GLU C 72 0.33 40.71 52.72
N ALA C 73 0.22 39.56 52.08
CA ALA C 73 -0.82 38.60 52.42
C ALA C 73 -0.36 37.15 52.28
N GLY C 74 -1.31 36.26 52.04
CA GLY C 74 -1.02 34.85 51.90
C GLY C 74 0.10 34.50 50.96
N GLY C 75 0.45 33.22 50.93
CA GLY C 75 1.52 32.75 50.06
C GLY C 75 0.97 32.19 48.77
N LEU C 76 1.12 32.96 47.69
CA LEU C 76 0.63 32.54 46.39
C LEU C 76 1.43 31.35 45.88
N THR C 77 0.73 30.25 45.63
CA THR C 77 1.36 29.03 45.13
C THR C 77 1.04 28.88 43.65
N GLU C 78 2.01 28.41 42.88
CA GLU C 78 1.81 28.21 41.45
C GLU C 78 0.56 27.36 41.23
N GLU C 79 0.02 26.86 42.34
CA GLU C 79 -1.18 26.03 42.32
C GLU C 79 -2.47 26.84 42.56
N ASN C 80 -2.41 27.86 43.41
CA ASN C 80 -3.58 28.67 43.72
C ASN C 80 -3.60 30.07 43.09
N VAL C 81 -2.60 30.38 42.27
CA VAL C 81 -2.53 31.69 41.62
C VAL C 81 -3.73 31.86 40.69
N VAL C 82 -3.92 30.88 39.82
CA VAL C 82 -5.02 30.91 38.87
C VAL C 82 -6.31 31.25 39.62
N GLY C 83 -6.56 30.53 40.71
CA GLY C 83 -7.75 30.77 41.49
C GLY C 83 -7.85 32.21 41.95
N LYS C 84 -6.82 32.67 42.66
CA LYS C 84 -6.77 34.04 43.15
C LYS C 84 -6.86 35.00 41.96
N LEU C 85 -6.28 34.60 40.83
CA LEU C 85 -6.30 35.40 39.61
C LEU C 85 -7.70 35.59 39.06
N GLN C 86 -8.35 34.48 38.69
CA GLN C 86 -9.70 34.52 38.14
C GLN C 86 -10.58 35.37 39.05
N GLU C 87 -10.45 35.11 40.35
CA GLU C 87 -11.19 35.80 41.40
C GLU C 87 -11.07 37.32 41.32
N ILE C 88 -9.90 37.80 40.90
CA ILE C 88 -9.65 39.23 40.74
C ILE C 88 -10.39 39.75 39.51
N LEU C 89 -10.25 39.03 38.40
CA LEU C 89 -10.89 39.38 37.13
C LEU C 89 -12.40 39.56 37.20
N CYS C 90 -13.04 38.71 37.98
CA CYS C 90 -14.48 38.73 38.13
C CYS C 90 -14.99 40.00 38.79
N ASP C 91 -14.15 40.63 39.60
CA ASP C 91 -14.56 41.85 40.30
C ASP C 91 -14.40 43.12 39.48
N MET C 92 -14.35 42.95 38.17
CA MET C 92 -14.23 44.07 37.25
C MET C 92 -15.46 44.07 36.33
N LEU C 93 -16.22 42.98 36.41
CA LEU C 93 -17.43 42.81 35.59
C LEU C 93 -18.68 42.98 36.46
N PRO C 94 -19.71 43.65 35.92
CA PRO C 94 -20.95 43.86 36.67
C PRO C 94 -21.42 42.62 37.44
N SER C 95 -22.02 42.88 38.61
CA SER C 95 -22.53 41.83 39.50
C SER C 95 -23.41 40.78 38.83
N ALA C 96 -23.36 39.57 39.36
CA ALA C 96 -24.13 38.44 38.82
C ALA C 96 -25.62 38.68 38.82
N ASP C 97 -26.09 39.56 39.69
CA ASP C 97 -27.52 39.88 39.76
C ASP C 97 -27.90 40.59 38.47
N LYS C 98 -26.90 41.22 37.84
CA LYS C 98 -27.09 41.94 36.59
C LYS C 98 -26.85 41.02 35.40
N TRP C 99 -26.55 39.77 35.71
CA TRP C 99 -26.29 38.75 34.70
C TRP C 99 -27.44 37.74 34.70
N GLN C 100 -27.65 37.08 33.58
CA GLN C 100 -28.73 36.11 33.48
C GLN C 100 -30.09 36.74 33.81
N GLU C 101 -30.59 37.59 32.91
CA GLU C 101 -31.88 38.26 33.09
C GLU C 101 -32.94 37.55 32.24
N PRO C 102 -33.74 36.66 32.88
CA PRO C 102 -34.79 35.90 32.19
C PRO C 102 -35.78 36.71 31.38
N ILE C 103 -36.32 36.09 30.34
CA ILE C 103 -37.30 36.73 29.47
C ILE C 103 -38.57 36.91 30.29
N HIS C 104 -38.79 38.12 30.81
CA HIS C 104 -39.95 38.39 31.63
C HIS C 104 -40.87 39.47 31.04
N SER C 105 -40.36 40.24 30.08
CA SER C 105 -41.15 41.30 29.45
C SER C 105 -42.01 40.81 28.30
N LYS C 106 -42.77 41.73 27.72
CA LYS C 106 -43.65 41.40 26.60
C LYS C 106 -42.96 41.69 25.28
N TYR C 107 -42.38 42.88 25.17
CA TYR C 107 -41.72 43.31 23.94
C TYR C 107 -40.20 43.12 23.97
N ILE C 108 -39.78 41.89 23.71
CA ILE C 108 -38.37 41.52 23.68
C ILE C 108 -37.76 41.94 22.34
N VAL C 109 -36.74 42.80 22.38
CA VAL C 109 -36.10 43.28 21.16
C VAL C 109 -34.62 42.94 21.04
N LEU C 110 -34.14 42.86 19.79
CA LEU C 110 -32.75 42.56 19.48
C LEU C 110 -32.26 43.46 18.33
N PHE C 111 -31.16 44.16 18.55
CA PHE C 111 -30.58 45.02 17.53
C PHE C 111 -29.07 45.03 17.69
N GLY C 112 -28.35 45.14 16.59
CA GLY C 112 -26.90 45.12 16.70
C GLY C 112 -26.13 45.08 15.40
N SER C 113 -24.88 44.65 15.53
CA SER C 113 -23.94 44.58 14.43
C SER C 113 -24.39 43.71 13.25
N THR C 114 -24.06 44.15 12.04
CA THR C 114 -24.42 43.42 10.83
C THR C 114 -23.85 42.00 10.81
N GLY C 115 -24.61 41.09 10.22
CA GLY C 115 -24.19 39.70 10.11
C GLY C 115 -23.83 39.03 11.42
N ALA C 116 -23.99 39.76 12.53
CA ALA C 116 -23.65 39.27 13.86
C ALA C 116 -24.53 38.13 14.37
N GLY C 117 -25.83 38.20 14.09
CA GLY C 117 -26.73 37.14 14.53
C GLY C 117 -28.06 37.49 15.20
N LYS C 118 -28.54 38.72 15.01
CA LYS C 118 -29.80 39.14 15.61
C LYS C 118 -30.93 38.17 15.32
N THR C 119 -31.28 38.08 14.04
CA THR C 119 -32.34 37.22 13.56
C THR C 119 -32.28 35.80 14.14
N THR C 120 -31.34 35.01 13.66
CA THR C 120 -31.18 33.63 14.10
C THR C 120 -31.35 33.44 15.60
N THR C 121 -31.00 34.47 16.39
CA THR C 121 -31.12 34.37 17.83
C THR C 121 -32.57 34.40 18.32
N LEU C 122 -33.36 35.35 17.84
CA LEU C 122 -34.77 35.42 18.24
C LEU C 122 -35.41 34.05 18.08
N ALA C 123 -35.03 33.36 17.01
CA ALA C 123 -35.55 32.02 16.68
C ALA C 123 -35.40 31.05 17.85
N LYS C 124 -34.24 31.06 18.49
CA LYS C 124 -33.99 30.18 19.62
C LYS C 124 -34.81 30.68 20.81
N LEU C 125 -34.75 31.99 21.05
CA LEU C 125 -35.49 32.61 22.14
C LEU C 125 -36.98 32.30 22.10
N ALA C 126 -37.59 32.49 20.93
CA ALA C 126 -39.01 32.24 20.76
C ALA C 126 -39.36 30.76 20.92
N ALA C 127 -38.78 29.92 20.06
CA ALA C 127 -39.03 28.49 20.07
C ALA C 127 -38.90 27.81 21.43
N ILE C 128 -38.35 28.52 22.42
CA ILE C 128 -38.22 27.97 23.77
C ILE C 128 -39.33 28.61 24.59
N SER C 129 -39.53 29.91 24.34
CA SER C 129 -40.57 30.66 25.03
C SER C 129 -41.92 30.06 24.65
N MET C 130 -41.92 29.25 23.60
CA MET C 130 -43.13 28.59 23.11
C MET C 130 -43.09 27.10 23.43
N LEU C 131 -42.24 26.38 22.70
CA LEU C 131 -42.07 24.95 22.87
C LEU C 131 -41.45 24.57 24.21
N GLU C 132 -41.78 25.36 25.25
CA GLU C 132 -41.31 25.12 26.61
C GLU C 132 -41.89 26.10 27.63
N LYS C 133 -41.77 27.40 27.35
CA LYS C 133 -42.30 28.39 28.28
C LYS C 133 -43.82 28.45 28.18
N HIS C 134 -44.41 27.65 27.29
CA HIS C 134 -45.86 27.65 27.11
C HIS C 134 -46.38 29.09 27.08
N LYS C 135 -45.66 29.96 26.39
CA LYS C 135 -46.03 31.37 26.33
C LYS C 135 -46.63 31.82 24.98
N LYS C 136 -47.44 32.87 25.04
CA LYS C 136 -48.07 33.44 23.84
C LYS C 136 -46.94 34.04 23.01
N ILE C 137 -46.89 33.68 21.73
CA ILE C 137 -45.82 34.18 20.87
C ILE C 137 -46.30 35.05 19.71
N ALA C 138 -45.57 36.14 19.47
CA ALA C 138 -45.87 37.08 18.40
C ALA C 138 -44.56 37.64 17.83
N PHE C 139 -44.59 38.14 16.60
CA PHE C 139 -43.41 38.69 15.94
C PHE C 139 -43.69 40.08 15.34
N ILE C 140 -42.76 41.03 15.52
CA ILE C 140 -42.91 42.38 14.97
C ILE C 140 -41.56 42.84 14.42
N THR C 141 -41.42 42.82 13.10
CA THR C 141 -40.17 43.22 12.46
C THR C 141 -39.97 44.75 12.46
N THR C 142 -38.96 45.19 11.70
CA THR C 142 -38.61 46.60 11.53
C THR C 142 -37.59 46.61 10.40
N ASP C 143 -37.12 45.42 10.03
CA ASP C 143 -36.15 45.31 8.95
C ASP C 143 -36.87 45.41 7.63
N THR C 144 -36.72 46.55 6.98
CA THR C 144 -37.36 46.79 5.69
C THR C 144 -36.31 47.03 4.62
N TYR C 145 -35.08 47.26 5.05
CA TYR C 145 -33.99 47.52 4.11
C TYR C 145 -33.33 46.28 3.54
N ARG C 146 -33.26 45.21 4.32
CA ARG C 146 -32.61 44.01 3.82
C ARG C 146 -33.50 43.26 2.82
N ILE C 147 -32.93 43.01 1.65
CA ILE C 147 -33.64 42.31 0.58
C ILE C 147 -34.15 40.94 1.02
N ALA C 148 -35.48 40.85 1.14
CA ALA C 148 -36.16 39.62 1.54
C ALA C 148 -36.03 39.25 3.00
N ALA C 149 -35.41 40.13 3.79
CA ALA C 149 -35.25 39.85 5.22
C ALA C 149 -36.64 39.52 5.79
N VAL C 150 -37.63 40.28 5.34
CA VAL C 150 -39.01 40.12 5.76
C VAL C 150 -39.60 38.80 5.26
N GLU C 151 -39.73 38.68 3.94
CA GLU C 151 -40.29 37.49 3.29
C GLU C 151 -39.65 36.21 3.80
N GLN C 152 -38.44 36.34 4.37
CA GLN C 152 -37.70 35.19 4.88
C GLN C 152 -38.05 34.89 6.34
N LEU C 153 -38.58 35.90 7.03
CA LEU C 153 -39.00 35.73 8.42
C LEU C 153 -40.45 35.27 8.41
N LYS C 154 -41.18 35.74 7.40
CA LYS C 154 -42.58 35.39 7.23
C LYS C 154 -42.71 33.88 7.14
N THR C 155 -41.58 33.20 6.89
CA THR C 155 -41.56 31.76 6.77
C THR C 155 -41.13 31.06 8.06
N TYR C 156 -40.50 31.80 8.97
CA TYR C 156 -40.09 31.19 10.23
C TYR C 156 -41.21 31.32 11.25
N ALA C 157 -41.86 32.48 11.27
CA ALA C 157 -42.96 32.66 12.20
C ALA C 157 -43.93 31.53 11.88
N GLU C 158 -44.07 31.25 10.58
CA GLU C 158 -44.95 30.22 10.07
C GLU C 158 -44.73 28.84 10.70
N LEU C 159 -43.48 28.38 10.73
CA LEU C 159 -43.16 27.09 11.31
C LEU C 159 -43.75 26.96 12.71
N LEU C 160 -43.46 27.92 13.57
CA LEU C 160 -43.99 27.90 14.92
C LEU C 160 -45.46 28.29 14.86
N GLN C 161 -45.88 28.73 13.68
CA GLN C 161 -47.25 29.14 13.42
C GLN C 161 -47.71 30.25 14.36
N ALA C 162 -47.18 31.46 14.12
CA ALA C 162 -47.51 32.64 14.90
C ALA C 162 -47.52 33.84 13.97
N PRO C 163 -48.07 34.98 14.42
CA PRO C 163 -48.11 36.19 13.58
C PRO C 163 -46.75 36.83 13.32
N LEU C 164 -46.76 37.99 12.67
CA LEU C 164 -45.55 38.74 12.33
C LEU C 164 -45.94 40.00 11.58
N GLU C 165 -45.86 41.15 12.24
CA GLU C 165 -46.23 42.42 11.62
C GLU C 165 -45.01 43.24 11.21
N VAL C 166 -44.86 43.43 9.90
CA VAL C 166 -43.74 44.17 9.32
C VAL C 166 -43.98 45.68 9.25
N CYS C 167 -43.63 46.38 10.33
CA CYS C 167 -43.82 47.82 10.43
C CYS C 167 -42.72 48.64 9.77
N TYR C 168 -42.93 49.95 9.72
CA TYR C 168 -41.98 50.87 9.13
C TYR C 168 -41.85 52.13 9.97
N THR C 169 -42.79 52.34 10.90
CA THR C 169 -42.78 53.52 11.75
C THR C 169 -43.39 53.30 13.14
N LYS C 170 -43.14 54.25 14.03
CA LYS C 170 -43.62 54.20 15.41
C LYS C 170 -45.11 53.91 15.49
N GLU C 171 -45.87 54.52 14.58
CA GLU C 171 -47.30 54.33 14.55
C GLU C 171 -47.62 52.89 14.20
N GLU C 172 -47.12 52.43 13.04
CA GLU C 172 -47.34 51.06 12.60
C GLU C 172 -46.86 50.06 13.64
N PHE C 173 -45.63 50.24 14.09
CA PHE C 173 -45.04 49.37 15.10
C PHE C 173 -45.95 49.39 16.33
N GLN C 174 -46.52 50.55 16.62
CA GLN C 174 -47.41 50.72 17.76
C GLN C 174 -48.65 49.84 17.61
N GLN C 175 -49.28 49.92 16.45
CA GLN C 175 -50.48 49.14 16.16
C GLN C 175 -50.23 47.66 16.41
N ALA C 176 -48.98 47.24 16.25
CA ALA C 176 -48.60 45.86 16.47
C ALA C 176 -48.53 45.62 17.97
N LYS C 177 -48.34 46.69 18.74
CA LYS C 177 -48.28 46.57 20.19
C LYS C 177 -49.66 46.31 20.77
N GLU C 178 -50.61 47.20 20.49
CA GLU C 178 -51.97 47.05 20.98
C GLU C 178 -52.58 45.75 20.45
N LEU C 179 -52.20 45.38 19.24
CA LEU C 179 -52.69 44.16 18.61
C LEU C 179 -52.15 42.92 19.32
N PHE C 180 -50.83 42.84 19.41
CA PHE C 180 -50.15 41.70 20.05
C PHE C 180 -50.03 41.87 21.57
N SER C 181 -50.61 42.95 22.10
CA SER C 181 -50.55 43.20 23.55
C SER C 181 -51.32 42.15 24.32
N GLU C 182 -52.12 41.36 23.59
CA GLU C 182 -52.92 40.30 24.20
C GLU C 182 -51.99 39.14 24.52
N TYR C 183 -50.84 39.12 23.84
CA TYR C 183 -49.82 38.07 24.00
C TYR C 183 -48.90 38.28 25.22
N ASP C 184 -48.12 37.25 25.52
CA ASP C 184 -47.19 37.32 26.64
C ASP C 184 -45.84 37.85 26.12
N HIS C 185 -45.23 37.12 25.18
CA HIS C 185 -43.94 37.53 24.63
C HIS C 185 -44.00 37.91 23.15
N VAL C 186 -43.46 39.09 22.86
CA VAL C 186 -43.40 39.62 21.50
C VAL C 186 -41.92 39.83 21.17
N PHE C 187 -41.37 38.92 20.37
CA PHE C 187 -39.97 38.99 19.97
C PHE C 187 -39.83 39.94 18.79
N VAL C 188 -38.89 40.88 18.88
CA VAL C 188 -38.72 41.88 17.83
C VAL C 188 -37.34 42.01 17.19
N ASP C 189 -37.24 41.66 15.91
CA ASP C 189 -35.98 41.77 15.17
C ASP C 189 -35.93 43.14 14.51
N THR C 190 -34.73 43.57 14.15
CA THR C 190 -34.55 44.86 13.51
C THR C 190 -33.55 44.78 12.37
N ALA C 191 -33.32 45.92 11.72
CA ALA C 191 -32.40 46.00 10.61
C ALA C 191 -30.95 46.04 11.07
N GLY C 192 -30.07 45.46 10.26
CA GLY C 192 -28.66 45.45 10.58
C GLY C 192 -27.94 46.55 9.84
N ARG C 193 -27.66 47.65 10.53
CA ARG C 193 -26.97 48.77 9.92
C ARG C 193 -25.68 49.07 10.66
N ASN C 194 -24.77 49.76 9.98
CA ASN C 194 -23.50 50.16 10.57
C ASN C 194 -23.83 51.20 11.64
N PHE C 195 -24.11 50.73 12.85
CA PHE C 195 -24.46 51.63 13.93
C PHE C 195 -23.29 52.51 14.37
N LYS C 196 -22.41 52.80 13.42
CA LYS C 196 -21.26 53.68 13.68
C LYS C 196 -21.55 54.98 12.95
N ASP C 197 -22.67 55.60 13.33
CA ASP C 197 -23.13 56.85 12.75
C ASP C 197 -24.52 57.16 13.27
N PRO C 198 -24.67 58.30 13.98
CA PRO C 198 -25.93 58.74 14.55
C PRO C 198 -27.15 58.72 13.63
N GLN C 199 -26.96 58.25 12.40
CA GLN C 199 -28.08 58.17 11.47
C GLN C 199 -29.04 57.11 11.98
N TYR C 200 -28.67 55.85 11.75
CA TYR C 200 -29.47 54.71 12.17
C TYR C 200 -29.54 54.66 13.68
N ILE C 201 -28.69 55.45 14.33
CA ILE C 201 -28.67 55.53 15.77
C ILE C 201 -29.95 56.24 16.23
N ASP C 202 -30.18 57.44 15.70
CA ASP C 202 -31.38 58.18 16.05
C ASP C 202 -32.57 57.39 15.49
N GLU C 203 -32.42 56.93 14.25
CA GLU C 203 -33.46 56.17 13.57
C GLU C 203 -34.04 55.06 14.45
N LEU C 204 -33.20 54.11 14.82
CA LEU C 204 -33.64 53.00 15.66
C LEU C 204 -34.48 53.49 16.86
N LYS C 205 -34.21 54.70 17.32
CA LYS C 205 -34.93 55.26 18.45
C LYS C 205 -36.30 55.77 18.02
N GLU C 206 -36.40 56.16 16.76
CA GLU C 206 -37.64 56.68 16.18
C GLU C 206 -38.69 55.60 15.91
N THR C 207 -38.29 54.53 15.22
CA THR C 207 -39.20 53.43 14.88
C THR C 207 -39.72 52.70 16.12
N ILE C 208 -38.94 52.71 17.20
CA ILE C 208 -39.36 52.06 18.43
C ILE C 208 -39.35 53.06 19.59
N PRO C 209 -40.41 53.03 20.43
CA PRO C 209 -40.60 53.90 21.60
C PRO C 209 -39.67 53.65 22.80
N PHE C 210 -39.38 52.39 23.09
CA PHE C 210 -38.51 52.03 24.21
C PHE C 210 -39.08 52.57 25.53
N GLU C 211 -39.60 51.66 26.36
CA GLU C 211 -40.15 52.08 27.63
C GLU C 211 -40.22 50.97 28.66
N SER C 212 -41.27 51.02 29.48
CA SER C 212 -41.51 50.10 30.57
C SER C 212 -41.86 48.66 30.17
N SER C 213 -42.41 48.48 28.96
CA SER C 213 -42.80 47.15 28.51
C SER C 213 -41.72 46.43 27.72
N ILE C 214 -40.84 47.20 27.09
CA ILE C 214 -39.76 46.63 26.30
C ILE C 214 -38.53 46.28 27.13
N GLN C 215 -38.00 45.10 26.85
CA GLN C 215 -36.80 44.58 27.50
C GLN C 215 -35.89 44.22 26.31
N SER C 216 -34.91 45.08 26.01
CA SER C 216 -34.03 44.86 24.87
C SER C 216 -32.59 44.43 25.20
N PHE C 217 -32.02 43.63 24.30
CA PHE C 217 -30.66 43.12 24.43
C PHE C 217 -29.81 43.62 23.25
N LEU C 218 -28.53 43.90 23.50
CA LEU C 218 -27.64 44.36 22.44
C LEU C 218 -26.83 43.16 21.95
N VAL C 219 -26.83 42.97 20.63
CA VAL C 219 -26.14 41.84 20.03
C VAL C 219 -24.88 42.16 19.23
N LEU C 220 -23.75 41.66 19.71
CA LEU C 220 -22.46 41.86 19.04
C LEU C 220 -21.80 40.49 18.88
N SER C 221 -20.72 40.43 18.12
CA SER C 221 -20.04 39.16 17.90
C SER C 221 -18.72 39.04 18.62
N ALA C 222 -18.44 37.84 19.10
CA ALA C 222 -17.21 37.53 19.81
C ALA C 222 -16.13 37.26 18.78
N THR C 223 -16.27 37.90 17.62
CA THR C 223 -15.32 37.76 16.53
C THR C 223 -14.82 39.16 16.19
N ALA C 224 -15.55 40.16 16.68
CA ALA C 224 -15.21 41.55 16.45
C ALA C 224 -14.02 42.02 17.29
N LYS C 225 -13.19 42.86 16.70
CA LYS C 225 -12.04 43.40 17.38
C LYS C 225 -12.52 44.28 18.52
N TYR C 226 -11.76 44.28 19.63
CA TYR C 226 -12.14 45.09 20.79
C TYR C 226 -12.18 46.56 20.42
N GLU C 227 -11.16 47.04 19.73
CA GLU C 227 -11.08 48.45 19.35
C GLU C 227 -12.34 48.91 18.61
N ASP C 228 -12.85 48.08 17.69
CA ASP C 228 -14.06 48.43 16.95
C ASP C 228 -15.25 48.54 17.90
N MET C 229 -15.55 47.44 18.61
CA MET C 229 -16.67 47.44 19.56
C MET C 229 -16.66 48.67 20.46
N LYS C 230 -15.48 49.10 20.88
CA LYS C 230 -15.34 50.26 21.76
C LYS C 230 -16.23 51.40 21.29
N HIS C 231 -15.90 51.94 20.13
CA HIS C 231 -16.64 53.06 19.55
C HIS C 231 -18.16 52.89 19.61
N ILE C 232 -18.67 52.06 18.72
CA ILE C 232 -20.11 51.79 18.62
C ILE C 232 -20.84 51.55 19.94
N VAL C 233 -20.20 50.91 20.91
CA VAL C 233 -20.86 50.65 22.20
C VAL C 233 -21.28 51.95 22.87
N LYS C 234 -20.41 52.95 22.80
CA LYS C 234 -20.70 54.24 23.41
C LYS C 234 -21.83 54.93 22.64
N ARG C 235 -21.91 54.67 21.34
CA ARG C 235 -22.93 55.25 20.48
C ARG C 235 -24.30 54.78 20.92
N PHE C 236 -24.33 53.74 21.76
CA PHE C 236 -25.58 53.16 22.26
C PHE C 236 -25.99 53.56 23.68
N SER C 237 -25.27 54.51 24.28
CA SER C 237 -25.60 54.95 25.63
C SER C 237 -27.00 55.57 25.67
N SER C 238 -27.37 56.22 24.56
CA SER C 238 -28.68 56.84 24.44
C SER C 238 -29.76 55.81 24.76
N VAL C 239 -29.87 54.83 23.87
CA VAL C 239 -30.87 53.75 23.98
C VAL C 239 -30.66 52.77 25.13
N PRO C 240 -31.71 52.59 25.97
CA PRO C 240 -31.72 51.70 27.13
C PRO C 240 -31.54 50.22 26.76
N VAL C 241 -30.84 49.47 27.61
CA VAL C 241 -30.60 48.04 27.36
C VAL C 241 -30.54 47.22 28.66
N ASN C 242 -31.35 46.18 28.72
CA ASN C 242 -31.40 45.32 29.92
C ASN C 242 -30.15 44.47 30.11
N GLN C 243 -29.72 43.78 29.06
CA GLN C 243 -28.55 42.91 29.13
C GLN C 243 -27.73 42.90 27.85
N TYR C 244 -26.89 41.86 27.72
CA TYR C 244 -26.01 41.69 26.56
C TYR C 244 -26.09 40.27 25.97
N ILE C 245 -26.04 40.17 24.64
CA ILE C 245 -26.06 38.87 23.98
C ILE C 245 -24.87 38.77 23.03
N PHE C 246 -23.96 37.84 23.32
CA PHE C 246 -22.79 37.64 22.49
C PHE C 246 -22.93 36.32 21.74
N THR C 247 -22.76 36.39 20.42
CA THR C 247 -22.88 35.21 19.58
C THR C 247 -21.55 34.74 19.02
N LYS C 248 -21.58 33.61 18.34
CA LYS C 248 -20.40 33.04 17.72
C LYS C 248 -19.24 32.73 18.65
N ILE C 249 -19.52 32.45 19.92
CA ILE C 249 -18.45 32.14 20.85
C ILE C 249 -17.74 30.90 20.33
N ASP C 250 -18.45 30.16 19.47
CA ASP C 250 -17.91 28.95 18.88
C ASP C 250 -16.99 29.27 17.72
N GLU C 251 -17.12 30.47 17.20
CA GLU C 251 -16.33 30.89 16.04
C GLU C 251 -15.19 31.80 16.42
N THR C 252 -14.80 31.80 17.70
CA THR C 252 -13.70 32.66 18.14
C THR C 252 -12.57 31.93 18.86
N THR C 253 -11.45 32.62 18.98
CA THR C 253 -10.28 32.07 19.63
C THR C 253 -10.24 32.46 21.10
N SER C 254 -10.27 33.77 21.35
CA SER C 254 -10.21 34.31 22.69
C SER C 254 -11.39 35.20 23.06
N LEU C 255 -11.84 35.08 24.30
CA LEU C 255 -12.96 35.87 24.81
C LEU C 255 -12.52 37.14 25.53
N GLY C 256 -11.28 37.55 25.30
CA GLY C 256 -10.76 38.75 25.96
C GLY C 256 -11.40 40.05 25.50
N SER C 257 -11.61 40.19 24.19
CA SER C 257 -12.21 41.38 23.64
C SER C 257 -13.61 41.58 24.23
N VAL C 258 -14.26 40.47 24.60
CA VAL C 258 -15.60 40.56 25.17
C VAL C 258 -15.51 40.85 26.67
N PHE C 259 -14.40 40.46 27.29
CA PHE C 259 -14.23 40.72 28.71
C PHE C 259 -13.99 42.23 28.86
N ASN C 260 -13.14 42.77 28.00
CA ASN C 260 -12.81 44.19 28.03
C ASN C 260 -14.05 45.07 27.84
N ILE C 261 -14.99 44.61 27.04
CA ILE C 261 -16.21 45.37 26.80
C ILE C 261 -17.07 45.35 28.06
N LEU C 262 -17.42 44.16 28.55
CA LEU C 262 -18.23 44.06 29.77
C LEU C 262 -17.53 44.80 30.90
N ALA C 263 -16.20 44.77 30.86
CA ALA C 263 -15.37 45.42 31.87
C ALA C 263 -15.79 46.87 32.10
N GLU C 264 -15.96 47.60 31.01
CA GLU C 264 -16.35 49.01 31.07
C GLU C 264 -17.84 49.20 30.73
N SER C 265 -18.71 48.51 31.49
CA SER C 265 -20.17 48.57 31.28
C SER C 265 -21.01 48.34 32.53
N LYS C 266 -22.29 48.72 32.42
CA LYS C 266 -23.24 48.59 33.53
C LYS C 266 -24.13 47.35 33.47
N ILE C 267 -24.43 46.89 32.27
CA ILE C 267 -25.27 45.70 32.10
C ILE C 267 -24.41 44.46 31.88
N GLY C 268 -24.89 43.33 32.38
CA GLY C 268 -24.16 42.08 32.22
C GLY C 268 -24.30 41.43 30.86
N VAL C 269 -24.86 40.21 30.84
CA VAL C 269 -25.05 39.47 29.59
C VAL C 269 -26.12 38.38 29.70
N GLY C 270 -27.28 38.66 29.11
CA GLY C 270 -28.38 37.71 29.15
C GLY C 270 -28.10 36.38 28.49
N PHE C 271 -27.68 36.42 27.22
CA PHE C 271 -27.43 35.19 26.49
C PHE C 271 -26.14 35.13 25.66
N MET C 272 -25.86 33.92 25.19
CA MET C 272 -24.69 33.61 24.36
C MET C 272 -25.07 32.44 23.43
N THR C 273 -24.90 32.62 22.13
CA THR C 273 -25.20 31.56 21.17
C THR C 273 -23.87 31.00 20.69
N ASN C 274 -23.84 29.69 20.44
CA ASN C 274 -22.61 29.02 20.05
C ASN C 274 -22.82 28.02 18.91
N GLY C 275 -23.69 28.38 17.98
CA GLY C 275 -23.97 27.49 16.86
C GLY C 275 -25.10 27.98 15.96
N GLN C 276 -25.26 27.30 14.83
CA GLN C 276 -26.28 27.65 13.87
C GLN C 276 -27.47 26.69 13.97
N ASN C 277 -27.89 26.36 15.17
CA ASN C 277 -29.02 25.44 15.37
C ASN C 277 -30.12 25.97 16.29
N VAL C 278 -31.30 26.19 15.71
CA VAL C 278 -32.44 26.67 16.48
C VAL C 278 -33.18 25.45 17.01
N PRO C 279 -33.45 25.39 18.32
CA PRO C 279 -33.09 26.41 19.32
C PRO C 279 -31.98 25.91 20.25
N GLU C 280 -31.46 24.72 19.93
CA GLU C 280 -30.41 24.11 20.73
C GLU C 280 -29.19 24.95 21.06
N ASP C 281 -28.68 25.70 20.08
CA ASP C 281 -27.48 26.50 20.29
C ASP C 281 -27.62 27.91 20.89
N ILE C 282 -27.62 27.96 22.22
CA ILE C 282 -27.72 29.21 22.98
C ILE C 282 -27.74 28.87 24.46
N GLN C 283 -27.16 29.75 25.28
CA GLN C 283 -27.11 29.51 26.71
C GLN C 283 -27.01 30.81 27.50
N THR C 284 -27.15 30.68 28.82
CA THR C 284 -27.06 31.83 29.73
C THR C 284 -25.87 31.60 30.66
N VAL C 285 -25.06 32.63 30.88
CA VAL C 285 -23.88 32.48 31.71
C VAL C 285 -23.83 33.43 32.90
N SER C 286 -23.11 32.99 33.93
CA SER C 286 -22.92 33.78 35.13
C SER C 286 -21.52 34.38 34.97
N PRO C 287 -21.17 35.39 35.77
CA PRO C 287 -19.84 35.99 35.65
C PRO C 287 -18.66 35.03 35.82
N LEU C 288 -18.38 34.66 37.06
CA LEU C 288 -17.26 33.76 37.37
C LEU C 288 -17.14 32.59 36.39
N GLY C 289 -18.24 32.24 35.74
CA GLY C 289 -18.23 31.16 34.78
C GLY C 289 -17.61 31.67 33.50
N PHE C 290 -18.01 32.88 33.11
CA PHE C 290 -17.50 33.54 31.92
C PHE C 290 -15.99 33.59 32.04
N VAL C 291 -15.53 34.10 33.18
CA VAL C 291 -14.10 34.19 33.42
C VAL C 291 -13.45 32.81 33.27
N ARG C 292 -14.05 31.79 33.87
CA ARG C 292 -13.47 30.45 33.75
C ARG C 292 -13.30 30.11 32.28
N MET C 293 -14.18 30.64 31.43
CA MET C 293 -14.10 30.38 29.99
C MET C 293 -13.09 31.36 29.40
N LEU C 294 -12.88 32.46 30.10
CA LEU C 294 -11.93 33.47 29.66
C LEU C 294 -10.53 32.84 29.84
N CYS C 295 -10.37 32.08 30.92
CA CYS C 295 -9.10 31.41 31.26
C CYS C 295 -8.73 30.27 30.32
N ARG C 296 -8.77 30.52 29.02
CA ARG C 296 -8.44 29.51 28.03
C ARG C 296 -9.06 28.16 28.35
N PRO D 39 -21.36 -47.05 -13.64
CA PRO D 39 -20.39 -46.58 -12.63
C PRO D 39 -21.13 -45.95 -11.45
N GLU D 40 -20.51 -45.91 -10.28
CA GLU D 40 -21.14 -45.32 -9.10
C GLU D 40 -20.06 -44.83 -8.08
N PRO D 41 -20.01 -45.34 -6.83
CA PRO D 41 -18.93 -44.76 -6.02
C PRO D 41 -17.58 -45.22 -6.57
N LEU D 42 -17.65 -46.09 -7.56
CA LEU D 42 -16.47 -46.64 -8.22
C LEU D 42 -15.84 -45.53 -9.04
N ARG D 43 -16.64 -44.52 -9.38
CA ARG D 43 -16.15 -43.38 -10.12
C ARG D 43 -14.99 -42.88 -9.26
N LYS D 44 -15.29 -42.73 -7.97
CA LYS D 44 -14.32 -42.27 -7.00
C LYS D 44 -13.05 -43.09 -7.13
N ALA D 45 -13.23 -44.38 -7.43
CA ALA D 45 -12.11 -45.28 -7.59
C ALA D 45 -11.36 -45.07 -8.90
N GLU D 46 -12.08 -45.05 -10.02
CA GLU D 46 -11.43 -44.87 -11.32
C GLU D 46 -10.52 -43.64 -11.36
N LYS D 47 -11.09 -42.49 -11.02
CA LYS D 47 -10.36 -41.22 -11.01
C LYS D 47 -9.06 -41.33 -10.24
N LEU D 48 -9.12 -42.02 -9.09
CA LEU D 48 -7.94 -42.22 -8.27
C LEU D 48 -6.87 -42.98 -9.04
N LEU D 49 -7.24 -44.13 -9.58
CA LEU D 49 -6.29 -44.93 -10.33
C LEU D 49 -5.66 -44.11 -11.46
N GLN D 50 -6.48 -43.38 -12.20
CA GLN D 50 -5.98 -42.56 -13.29
C GLN D 50 -4.82 -41.69 -12.83
N GLU D 51 -5.02 -40.99 -11.72
CA GLU D 51 -4.01 -40.10 -11.16
C GLU D 51 -2.72 -40.80 -10.72
N THR D 52 -2.82 -42.08 -10.40
CA THR D 52 -1.64 -42.83 -9.99
C THR D 52 -0.79 -43.06 -11.25
N GLY D 53 0.51 -43.22 -11.07
CA GLY D 53 1.36 -43.44 -12.23
C GLY D 53 1.21 -44.82 -12.84
N ILE D 54 0.44 -45.67 -12.16
CA ILE D 54 0.18 -47.04 -12.62
C ILE D 54 -0.15 -47.13 -14.12
N LYS D 55 0.38 -48.13 -14.81
CA LYS D 55 0.08 -48.29 -16.23
C LYS D 55 -1.36 -48.72 -16.47
N GLU D 56 -1.89 -48.32 -17.62
CA GLU D 56 -3.27 -48.60 -18.03
C GLU D 56 -3.80 -50.00 -17.78
N SER D 57 -3.10 -51.00 -18.29
CA SER D 57 -3.54 -52.37 -18.08
C SER D 57 -3.66 -52.62 -16.58
N THR D 58 -2.55 -52.48 -15.87
CA THR D 58 -2.55 -52.68 -14.42
C THR D 58 -3.72 -51.94 -13.78
N LYS D 59 -4.06 -50.77 -14.33
CA LYS D 59 -5.15 -49.96 -13.80
C LYS D 59 -6.48 -50.65 -14.11
N THR D 60 -6.52 -51.27 -15.29
CA THR D 60 -7.70 -51.99 -15.79
C THR D 60 -8.05 -53.20 -14.92
N ASN D 61 -7.06 -54.05 -14.68
CA ASN D 61 -7.28 -55.24 -13.86
C ASN D 61 -7.86 -54.81 -12.52
N THR D 62 -7.24 -53.83 -11.89
CA THR D 62 -7.68 -53.35 -10.59
C THR D 62 -9.16 -53.01 -10.56
N LEU D 63 -9.78 -52.82 -11.73
CA LEU D 63 -11.20 -52.51 -11.82
C LEU D 63 -12.07 -53.75 -12.08
N LYS D 64 -11.76 -54.48 -13.15
CA LYS D 64 -12.52 -55.69 -13.47
C LYS D 64 -12.58 -56.57 -12.21
N LYS D 65 -11.64 -56.33 -11.29
CA LYS D 65 -11.58 -57.08 -10.04
C LYS D 65 -12.37 -56.37 -8.97
N LEU D 66 -12.11 -55.08 -8.80
CA LEU D 66 -12.84 -54.31 -7.80
C LEU D 66 -14.32 -54.39 -8.11
N LEU D 67 -14.66 -54.49 -9.40
CA LEU D 67 -16.05 -54.56 -9.83
C LEU D 67 -16.65 -55.95 -9.61
N ARG D 68 -15.82 -56.98 -9.68
CA ARG D 68 -16.31 -58.34 -9.48
C ARG D 68 -16.60 -58.58 -8.01
N PHE D 69 -15.73 -58.08 -7.14
CA PHE D 69 -15.91 -58.28 -5.71
C PHE D 69 -16.79 -57.20 -5.09
N SER D 70 -17.95 -56.96 -5.69
CA SER D 70 -18.90 -55.97 -5.21
C SER D 70 -20.28 -56.38 -5.67
N VAL D 71 -20.38 -56.68 -6.96
CA VAL D 71 -21.63 -57.10 -7.58
C VAL D 71 -22.16 -58.37 -6.88
N GLU D 72 -21.23 -59.16 -6.35
CA GLU D 72 -21.59 -60.39 -5.65
C GLU D 72 -21.45 -60.25 -4.14
N ALA D 73 -20.39 -59.59 -3.70
CA ALA D 73 -20.15 -59.37 -2.27
C ALA D 73 -21.20 -58.45 -1.67
N GLY D 74 -20.88 -57.85 -0.54
CA GLY D 74 -21.80 -56.95 0.11
C GLY D 74 -22.09 -55.70 -0.69
N GLY D 75 -22.03 -54.55 -0.03
CA GLY D 75 -22.29 -53.29 -0.71
C GLY D 75 -21.12 -52.36 -0.58
N LEU D 76 -20.61 -51.88 -1.71
CA LEU D 76 -19.47 -50.98 -1.70
C LEU D 76 -19.90 -49.50 -1.59
N THR D 77 -19.92 -49.00 -0.37
CA THR D 77 -20.29 -47.62 -0.10
C THR D 77 -19.29 -46.69 -0.78
N GLU D 78 -19.53 -45.39 -0.66
CA GLU D 78 -18.66 -44.38 -1.23
C GLU D 78 -17.51 -44.20 -0.22
N GLU D 79 -17.63 -44.92 0.90
CA GLU D 79 -16.69 -44.89 2.00
C GLU D 79 -15.60 -45.96 1.92
N ASN D 80 -16.03 -47.23 1.84
CA ASN D 80 -15.10 -48.35 1.76
C ASN D 80 -14.61 -48.60 0.34
N VAL D 81 -14.80 -47.63 -0.54
CA VAL D 81 -14.36 -47.75 -1.93
C VAL D 81 -12.85 -47.84 -1.88
N VAL D 82 -12.24 -46.77 -1.37
CA VAL D 82 -10.79 -46.69 -1.26
C VAL D 82 -10.32 -47.79 -0.32
N GLY D 83 -11.25 -48.34 0.44
CA GLY D 83 -10.91 -49.42 1.35
C GLY D 83 -10.51 -50.68 0.59
N LYS D 84 -11.48 -51.32 -0.05
CA LYS D 84 -11.22 -52.55 -0.79
C LYS D 84 -10.32 -52.31 -1.99
N LEU D 85 -10.12 -51.04 -2.33
CA LEU D 85 -9.26 -50.69 -3.46
C LEU D 85 -7.81 -51.05 -3.15
N GLN D 86 -7.24 -50.41 -2.14
CA GLN D 86 -5.86 -50.62 -1.73
C GLN D 86 -5.50 -52.10 -1.56
N GLU D 87 -6.46 -52.91 -1.12
CA GLU D 87 -6.21 -54.34 -0.94
C GLU D 87 -5.83 -55.00 -2.26
N ILE D 88 -6.75 -54.95 -3.22
CA ILE D 88 -6.52 -55.56 -4.53
C ILE D 88 -5.18 -55.11 -5.11
N LEU D 89 -4.84 -53.85 -4.91
CA LEU D 89 -3.57 -53.33 -5.40
C LEU D 89 -2.46 -54.12 -4.72
N CYS D 90 -2.49 -54.15 -3.39
CA CYS D 90 -1.49 -54.86 -2.62
C CYS D 90 -1.27 -56.28 -3.14
N ASP D 91 -2.32 -57.09 -3.11
CA ASP D 91 -2.26 -58.50 -3.55
C ASP D 91 -1.47 -58.76 -4.84
N MET D 92 -1.29 -57.73 -5.66
CA MET D 92 -0.55 -57.86 -6.91
C MET D 92 0.92 -57.63 -6.60
N LEU D 93 1.20 -57.23 -5.37
CA LEU D 93 2.56 -56.93 -4.92
C LEU D 93 3.19 -58.08 -4.14
N PRO D 94 4.52 -58.23 -4.24
CA PRO D 94 5.17 -59.31 -3.49
C PRO D 94 4.89 -59.20 -2.00
N SER D 95 4.54 -60.35 -1.41
CA SER D 95 4.20 -60.50 0.01
C SER D 95 4.66 -59.42 1.00
N ALA D 96 4.06 -59.44 2.20
CA ALA D 96 4.39 -58.49 3.26
C ALA D 96 5.77 -58.79 3.85
N ASP D 97 6.07 -60.08 3.96
CA ASP D 97 7.35 -60.53 4.49
C ASP D 97 8.46 -60.37 3.47
N LYS D 98 8.11 -60.41 2.19
CA LYS D 98 9.11 -60.24 1.13
C LYS D 98 9.63 -58.82 1.24
N TRP D 99 9.23 -58.14 2.31
CA TRP D 99 9.62 -56.76 2.55
C TRP D 99 10.37 -56.54 3.86
N GLN D 100 10.58 -55.27 4.18
CA GLN D 100 11.29 -54.80 5.38
C GLN D 100 12.44 -55.66 5.90
N GLU D 101 12.97 -56.54 5.05
CA GLU D 101 14.08 -57.40 5.47
C GLU D 101 15.16 -56.50 6.06
N PRO D 102 15.47 -56.66 7.37
CA PRO D 102 16.49 -55.84 8.03
C PRO D 102 17.95 -56.25 7.81
N ILE D 103 18.85 -55.40 8.29
CA ILE D 103 20.30 -55.62 8.20
C ILE D 103 20.67 -56.85 9.03
N HIS D 104 20.71 -58.01 8.39
CA HIS D 104 20.99 -59.27 9.08
C HIS D 104 22.38 -59.90 8.86
N SER D 105 22.66 -60.31 7.63
CA SER D 105 23.93 -60.95 7.31
C SER D 105 25.15 -60.06 7.57
N LYS D 106 26.32 -60.55 7.15
CA LYS D 106 27.56 -59.82 7.33
C LYS D 106 27.84 -58.88 6.18
N TYR D 107 28.00 -59.45 4.99
CA TYR D 107 28.28 -58.67 3.78
C TYR D 107 27.02 -58.05 3.20
N ILE D 108 26.76 -56.78 3.57
CA ILE D 108 25.60 -56.04 3.11
C ILE D 108 25.93 -55.15 1.89
N VAL D 109 25.81 -55.73 0.70
CA VAL D 109 26.11 -55.03 -0.56
C VAL D 109 25.04 -54.01 -1.00
N LEU D 110 25.49 -52.91 -1.60
CA LEU D 110 24.60 -51.83 -2.05
C LEU D 110 24.82 -51.38 -3.50
N PHE D 111 24.66 -52.29 -4.46
CA PHE D 111 24.86 -51.95 -5.86
C PHE D 111 23.60 -51.34 -6.47
N GLY D 112 23.78 -50.46 -7.47
CA GLY D 112 22.63 -49.81 -8.09
C GLY D 112 22.97 -48.97 -9.32
N SER D 113 22.15 -47.93 -9.56
CA SER D 113 22.35 -47.04 -10.71
C SER D 113 23.18 -45.82 -10.35
N THR D 114 23.52 -45.04 -11.37
CA THR D 114 24.31 -43.84 -11.16
C THR D 114 23.38 -42.72 -10.67
N GLY D 115 23.88 -41.90 -9.76
CA GLY D 115 23.08 -40.80 -9.23
C GLY D 115 21.93 -41.16 -8.30
N ALA D 116 21.57 -42.43 -8.25
CA ALA D 116 20.47 -42.87 -7.39
C ALA D 116 20.68 -42.44 -5.95
N GLY D 117 21.66 -43.06 -5.28
CA GLY D 117 21.94 -42.72 -3.89
C GLY D 117 22.68 -43.77 -3.08
N LYS D 118 23.21 -44.80 -3.76
CA LYS D 118 23.95 -45.89 -3.11
C LYS D 118 24.80 -45.43 -1.90
N THR D 119 25.90 -44.75 -2.20
CA THR D 119 26.83 -44.26 -1.19
C THR D 119 26.20 -43.47 -0.04
N THR D 120 25.40 -42.44 -0.34
CA THR D 120 24.75 -41.63 0.69
C THR D 120 23.78 -42.46 1.51
N THR D 121 23.53 -43.68 1.03
CA THR D 121 22.63 -44.60 1.69
C THR D 121 23.49 -45.64 2.44
N LEU D 122 24.60 -46.03 1.81
CA LEU D 122 25.51 -46.98 2.45
C LEU D 122 26.05 -46.29 3.70
N ALA D 123 25.85 -44.97 3.74
CA ALA D 123 26.28 -44.14 4.87
C ALA D 123 25.25 -44.26 5.99
N LYS D 124 24.00 -43.94 5.67
CA LYS D 124 22.91 -44.02 6.63
C LYS D 124 22.92 -45.38 7.32
N LEU D 125 22.79 -46.45 6.53
CA LEU D 125 22.78 -47.81 7.04
C LEU D 125 23.83 -48.06 8.13
N ALA D 126 25.08 -47.67 7.85
CA ALA D 126 26.17 -47.85 8.81
C ALA D 126 25.84 -47.18 10.14
N ALA D 127 25.94 -45.85 10.16
CA ALA D 127 25.66 -45.05 11.35
C ALA D 127 24.61 -45.71 12.23
N ILE D 128 23.55 -46.20 11.59
CA ILE D 128 22.45 -46.85 12.29
C ILE D 128 22.82 -48.19 12.94
N SER D 129 23.24 -49.16 12.13
CA SER D 129 23.60 -50.48 12.64
C SER D 129 24.72 -50.47 13.67
N MET D 130 25.23 -49.29 14.02
CA MET D 130 26.29 -49.13 15.00
C MET D 130 25.91 -48.14 16.10
N LEU D 131 25.32 -47.01 15.72
CA LEU D 131 24.92 -45.98 16.67
C LEU D 131 23.56 -46.24 17.31
N GLU D 132 22.95 -47.36 16.93
CA GLU D 132 21.62 -47.73 17.46
C GLU D 132 21.53 -49.22 17.78
N LYS D 133 22.09 -50.04 16.89
CA LYS D 133 22.07 -51.48 17.08
C LYS D 133 23.46 -51.96 17.50
N HIS D 134 24.22 -51.02 18.07
CA HIS D 134 25.58 -51.22 18.58
C HIS D 134 26.26 -52.55 18.25
N LYS D 135 26.74 -52.67 17.02
CA LYS D 135 27.42 -53.88 16.56
C LYS D 135 28.72 -53.53 15.85
N LYS D 136 29.29 -54.50 15.16
CA LYS D 136 30.55 -54.30 14.47
C LYS D 136 30.34 -53.99 12.98
N ILE D 137 30.47 -52.71 12.63
CA ILE D 137 30.29 -52.21 11.27
C ILE D 137 31.59 -52.02 10.50
N ALA D 138 31.74 -52.76 9.41
CA ALA D 138 32.93 -52.66 8.57
C ALA D 138 32.54 -52.21 7.15
N PHE D 139 33.51 -51.65 6.42
CA PHE D 139 33.28 -51.15 5.06
C PHE D 139 34.13 -51.82 3.99
N ILE D 140 33.85 -51.46 2.74
CA ILE D 140 34.54 -51.95 1.54
C ILE D 140 34.11 -51.03 0.40
N THR D 141 35.08 -50.59 -0.42
CA THR D 141 34.77 -49.71 -1.55
C THR D 141 35.13 -50.35 -2.90
N THR D 142 34.13 -50.91 -3.58
CA THR D 142 34.36 -51.53 -4.88
C THR D 142 34.25 -50.45 -5.94
N ASP D 143 34.15 -49.21 -5.47
CA ASP D 143 34.04 -48.05 -6.34
C ASP D 143 35.37 -47.36 -6.50
N THR D 144 35.90 -47.42 -7.72
CA THR D 144 37.17 -46.80 -8.03
C THR D 144 36.99 -45.78 -9.14
N TYR D 145 36.27 -46.18 -10.19
CA TYR D 145 36.04 -45.33 -11.34
C TYR D 145 35.54 -43.93 -11.03
N ARG D 146 34.88 -43.76 -9.88
CA ARG D 146 34.38 -42.45 -9.54
C ARG D 146 35.48 -41.64 -8.91
N ILE D 147 35.91 -40.60 -9.62
CA ILE D 147 36.97 -39.72 -9.16
C ILE D 147 36.71 -39.14 -7.77
N ALA D 148 37.56 -39.56 -6.83
CA ALA D 148 37.49 -39.11 -5.44
C ALA D 148 36.31 -39.74 -4.71
N ALA D 149 35.84 -40.87 -5.22
CA ALA D 149 34.72 -41.56 -4.61
C ALA D 149 35.20 -42.33 -3.39
N VAL D 150 36.49 -42.61 -3.36
CA VAL D 150 37.09 -43.33 -2.25
C VAL D 150 37.12 -42.47 -1.00
N GLU D 151 37.92 -41.39 -1.01
CA GLU D 151 38.04 -40.50 0.14
C GLU D 151 36.69 -40.13 0.76
N GLN D 152 35.69 -39.93 -0.10
CA GLN D 152 34.36 -39.54 0.37
C GLN D 152 33.61 -40.66 1.10
N LEU D 153 34.35 -41.66 1.58
CA LEU D 153 33.77 -42.76 2.32
C LEU D 153 34.69 -43.23 3.45
N LYS D 154 35.96 -42.85 3.39
CA LYS D 154 36.90 -43.22 4.44
C LYS D 154 36.98 -42.07 5.47
N THR D 155 36.81 -40.83 5.01
CA THR D 155 36.83 -39.71 5.94
C THR D 155 35.61 -39.97 6.83
N TYR D 156 34.57 -40.51 6.20
CA TYR D 156 33.32 -40.85 6.86
C TYR D 156 33.45 -42.18 7.61
N ALA D 157 34.23 -43.10 7.06
CA ALA D 157 34.46 -44.40 7.69
C ALA D 157 35.33 -44.24 8.94
N GLU D 158 35.74 -43.01 9.20
CA GLU D 158 36.56 -42.69 10.37
C GLU D 158 35.71 -41.97 11.40
N LEU D 159 34.99 -40.94 10.96
CA LEU D 159 34.12 -40.17 11.84
C LEU D 159 33.17 -41.11 12.59
N LEU D 160 32.84 -42.21 11.94
CA LEU D 160 31.95 -43.22 12.50
C LEU D 160 32.76 -44.27 13.27
N GLN D 161 34.04 -44.38 12.90
CA GLN D 161 35.00 -45.32 13.48
C GLN D 161 34.81 -46.71 12.86
N ALA D 162 35.40 -46.91 11.68
CA ALA D 162 35.29 -48.19 10.99
C ALA D 162 36.40 -48.40 9.96
N PRO D 163 36.78 -49.67 9.73
CA PRO D 163 37.82 -50.05 8.78
C PRO D 163 37.24 -50.03 7.37
N LEU D 164 38.08 -49.85 6.37
CA LEU D 164 37.61 -49.83 4.99
C LEU D 164 38.72 -50.22 4.02
N GLU D 165 38.57 -51.39 3.40
CA GLU D 165 39.57 -51.89 2.47
C GLU D 165 39.10 -51.69 1.02
N VAL D 166 40.02 -51.20 0.18
CA VAL D 166 39.76 -50.94 -1.23
C VAL D 166 40.29 -52.08 -2.11
N CYS D 167 39.40 -52.68 -2.90
CA CYS D 167 39.77 -53.80 -3.77
C CYS D 167 39.72 -53.45 -5.26
N TYR D 168 40.66 -53.98 -6.03
CA TYR D 168 40.71 -53.72 -7.48
C TYR D 168 40.61 -55.00 -8.30
N THR D 169 40.42 -56.13 -7.61
CA THR D 169 40.30 -57.44 -8.26
C THR D 169 39.55 -58.41 -7.35
N LYS D 170 38.90 -59.39 -7.94
CA LYS D 170 38.15 -60.40 -7.18
C LYS D 170 39.07 -61.11 -6.20
N GLU D 171 40.37 -61.12 -6.53
CA GLU D 171 41.37 -61.74 -5.68
C GLU D 171 41.59 -60.87 -4.44
N GLU D 172 41.56 -59.56 -4.63
CA GLU D 172 41.76 -58.62 -3.55
C GLU D 172 40.56 -58.55 -2.61
N PHE D 173 39.37 -58.79 -3.13
CA PHE D 173 38.17 -58.73 -2.30
C PHE D 173 38.22 -59.74 -1.16
N GLN D 174 37.91 -60.99 -1.47
CA GLN D 174 37.90 -62.08 -0.48
C GLN D 174 38.85 -61.87 0.69
N GLN D 175 40.10 -61.52 0.40
CA GLN D 175 41.08 -61.31 1.46
C GLN D 175 40.67 -60.20 2.44
N ALA D 176 40.12 -59.11 1.91
CA ALA D 176 39.68 -57.98 2.74
C ALA D 176 38.63 -58.43 3.75
N LYS D 177 37.70 -59.27 3.29
CA LYS D 177 36.63 -59.81 4.13
C LYS D 177 37.08 -60.16 5.54
N GLU D 178 37.91 -61.20 5.63
CA GLU D 178 38.44 -61.68 6.91
C GLU D 178 38.92 -60.55 7.80
N LEU D 179 39.57 -59.55 7.20
CA LEU D 179 40.07 -58.42 7.97
C LEU D 179 38.92 -57.76 8.75
N PHE D 180 37.70 -58.16 8.43
CA PHE D 180 36.50 -57.64 9.07
C PHE D 180 35.64 -58.82 9.52
N SER D 181 36.16 -60.03 9.30
CA SER D 181 35.48 -61.28 9.64
C SER D 181 34.76 -61.26 10.98
N GLU D 182 35.43 -60.75 12.00
CA GLU D 182 34.87 -60.67 13.35
C GLU D 182 33.69 -59.72 13.46
N TYR D 183 33.58 -58.79 12.51
CA TYR D 183 32.49 -57.81 12.52
C TYR D 183 31.16 -58.43 12.11
N ASP D 184 30.07 -57.83 12.59
CA ASP D 184 28.73 -58.31 12.28
C ASP D 184 28.26 -57.94 10.87
N HIS D 185 28.11 -56.64 10.63
CA HIS D 185 27.62 -56.15 9.35
C HIS D 185 28.66 -55.36 8.55
N VAL D 186 29.23 -55.98 7.52
CA VAL D 186 30.22 -55.31 6.66
C VAL D 186 29.47 -54.62 5.52
N PHE D 187 29.47 -53.28 5.54
CA PHE D 187 28.78 -52.49 4.51
C PHE D 187 29.56 -52.19 3.23
N VAL D 188 29.36 -53.05 2.23
CA VAL D 188 30.01 -52.94 0.92
C VAL D 188 29.34 -51.90 0.02
N ASP D 189 30.16 -50.99 -0.51
CA ASP D 189 29.72 -49.94 -1.43
C ASP D 189 30.32 -50.26 -2.81
N THR D 190 29.50 -50.26 -3.86
CA THR D 190 30.04 -50.57 -5.18
C THR D 190 29.92 -49.49 -6.26
N ALA D 191 30.61 -49.73 -7.36
CA ALA D 191 30.67 -48.81 -8.50
C ALA D 191 29.33 -48.24 -8.94
N GLY D 192 29.40 -47.07 -9.58
CA GLY D 192 28.21 -46.42 -10.08
C GLY D 192 28.39 -46.18 -11.57
N ARG D 193 27.91 -47.12 -12.38
CA ARG D 193 28.05 -47.01 -13.83
C ARG D 193 26.75 -47.34 -14.57
N ASN D 194 26.81 -47.35 -15.89
CA ASN D 194 25.67 -47.68 -16.74
C ASN D 194 25.49 -49.20 -16.65
N PHE D 195 24.49 -49.76 -17.32
CA PHE D 195 24.30 -51.21 -17.27
C PHE D 195 23.78 -51.82 -18.55
N LYS D 196 23.63 -50.99 -19.58
CA LYS D 196 23.16 -51.46 -20.88
C LYS D 196 24.40 -51.99 -21.59
N ASP D 197 25.28 -52.61 -20.80
CA ASP D 197 26.52 -53.19 -21.28
C ASP D 197 27.09 -54.08 -20.17
N PRO D 198 26.95 -55.41 -20.32
CA PRO D 198 27.44 -56.38 -19.33
C PRO D 198 28.87 -56.16 -18.86
N GLN D 199 29.64 -55.38 -19.62
CA GLN D 199 31.03 -55.12 -19.25
C GLN D 199 31.13 -54.66 -17.80
N TYR D 200 29.97 -54.36 -17.21
CA TYR D 200 29.91 -53.89 -15.84
C TYR D 200 29.01 -54.80 -14.99
N ILE D 201 28.52 -55.85 -15.62
CA ILE D 201 27.67 -56.81 -14.93
C ILE D 201 28.51 -58.01 -14.54
N ASP D 202 29.50 -58.31 -15.37
CA ASP D 202 30.40 -59.42 -15.12
C ASP D 202 31.45 -58.95 -14.13
N GLU D 203 31.85 -57.68 -14.26
CA GLU D 203 32.84 -57.12 -13.38
C GLU D 203 32.26 -57.10 -11.96
N LEU D 204 30.95 -57.27 -11.87
CA LEU D 204 30.26 -57.28 -10.59
C LEU D 204 30.15 -58.70 -10.05
N LYS D 205 29.65 -59.59 -10.88
CA LYS D 205 29.48 -60.99 -10.51
C LYS D 205 30.83 -61.69 -10.30
N GLU D 206 31.90 -60.99 -10.66
CA GLU D 206 33.26 -61.50 -10.51
C GLU D 206 33.82 -61.06 -9.16
N THR D 207 34.09 -59.76 -9.05
CA THR D 207 34.64 -59.16 -7.84
C THR D 207 33.96 -59.67 -6.56
N ILE D 208 32.64 -59.56 -6.48
CA ILE D 208 31.91 -60.04 -5.31
C ILE D 208 31.56 -61.53 -5.48
N PRO D 209 31.88 -62.35 -4.46
CA PRO D 209 31.65 -63.81 -4.44
C PRO D 209 30.19 -64.29 -4.49
N PHE D 210 29.32 -63.64 -3.72
CA PHE D 210 27.91 -64.01 -3.67
C PHE D 210 27.65 -65.37 -3.02
N GLU D 211 27.63 -65.39 -1.69
CA GLU D 211 27.38 -66.60 -0.90
C GLU D 211 26.53 -66.28 0.33
N SER D 212 26.00 -67.31 0.99
CA SER D 212 25.14 -67.17 2.17
C SER D 212 25.44 -65.96 3.06
N SER D 213 26.71 -65.62 3.17
CA SER D 213 27.13 -64.50 3.98
C SER D 213 26.79 -63.16 3.33
N ILE D 214 26.30 -63.21 2.10
CA ILE D 214 25.96 -61.99 1.36
C ILE D 214 24.46 -61.67 1.33
N GLN D 215 24.15 -60.41 1.58
CA GLN D 215 22.78 -59.90 1.60
C GLN D 215 22.72 -58.61 0.76
N SER D 216 22.51 -58.77 -0.54
CA SER D 216 22.49 -57.66 -1.49
C SER D 216 21.23 -56.79 -1.64
N PHE D 217 21.45 -55.58 -2.14
CA PHE D 217 20.39 -54.61 -2.40
C PHE D 217 20.58 -54.03 -3.80
N LEU D 218 19.59 -53.27 -4.26
CA LEU D 218 19.63 -52.62 -5.56
C LEU D 218 18.90 -51.28 -5.46
N VAL D 219 19.65 -50.19 -5.53
CA VAL D 219 19.06 -48.87 -5.41
C VAL D 219 18.71 -48.21 -6.75
N LEU D 220 17.49 -47.69 -6.83
CA LEU D 220 17.01 -46.99 -8.03
C LEU D 220 16.34 -45.71 -7.56
N SER D 221 15.99 -44.84 -8.49
CA SER D 221 15.35 -43.59 -8.09
C SER D 221 13.90 -43.46 -8.52
N ALA D 222 13.03 -43.12 -7.58
CA ALA D 222 11.61 -42.93 -7.86
C ALA D 222 11.43 -41.76 -8.83
N THR D 223 12.54 -41.23 -9.33
CA THR D 223 12.52 -40.14 -10.27
C THR D 223 12.78 -40.72 -11.65
N ALA D 224 13.01 -42.03 -11.69
CA ALA D 224 13.29 -42.75 -12.92
C ALA D 224 12.05 -43.21 -13.67
N LYS D 225 12.11 -43.15 -14.99
CA LYS D 225 11.02 -43.56 -15.87
C LYS D 225 10.78 -45.07 -15.81
N TYR D 226 9.52 -45.48 -15.63
CA TYR D 226 9.19 -46.90 -15.56
C TYR D 226 9.72 -47.71 -16.75
N GLU D 227 9.67 -47.16 -17.95
CA GLU D 227 10.16 -47.91 -19.11
C GLU D 227 11.67 -48.04 -19.07
N ASP D 228 12.30 -47.27 -18.19
CA ASP D 228 13.75 -47.34 -18.03
C ASP D 228 14.07 -48.41 -17.01
N MET D 229 13.54 -48.25 -15.80
CA MET D 229 13.79 -49.23 -14.75
C MET D 229 13.47 -50.64 -15.20
N LYS D 230 12.47 -50.78 -16.05
CA LYS D 230 12.06 -52.09 -16.55
C LYS D 230 13.18 -52.84 -17.29
N HIS D 231 14.12 -52.11 -17.87
CA HIS D 231 15.21 -52.73 -18.61
C HIS D 231 16.45 -53.12 -17.81
N ILE D 232 16.53 -52.71 -16.55
CA ILE D 232 17.69 -53.06 -15.76
C ILE D 232 17.37 -54.17 -14.75
N VAL D 233 16.14 -54.19 -14.26
CA VAL D 233 15.72 -55.22 -13.33
C VAL D 233 15.94 -56.55 -14.02
N LYS D 234 15.83 -56.51 -15.35
CA LYS D 234 16.01 -57.69 -16.18
C LYS D 234 17.49 -57.77 -16.56
N ARG D 235 18.21 -56.70 -16.24
CA ARG D 235 19.64 -56.64 -16.52
C ARG D 235 20.45 -57.10 -15.31
N PHE D 236 19.78 -57.17 -14.16
CA PHE D 236 20.40 -57.63 -12.91
C PHE D 236 19.79 -58.95 -12.48
N SER D 237 19.33 -59.73 -13.45
CA SER D 237 18.75 -61.04 -13.15
C SER D 237 19.88 -62.02 -12.86
N SER D 238 20.92 -61.95 -13.70
CA SER D 238 22.09 -62.80 -13.56
C SER D 238 22.58 -62.73 -12.11
N VAL D 239 22.29 -61.62 -11.45
CA VAL D 239 22.71 -61.41 -10.07
C VAL D 239 21.60 -61.62 -9.04
N PRO D 240 21.93 -62.22 -7.88
CA PRO D 240 20.96 -62.46 -6.80
C PRO D 240 20.74 -61.20 -5.97
N VAL D 241 19.48 -60.80 -5.83
CA VAL D 241 19.14 -59.60 -5.05
C VAL D 241 18.16 -59.92 -3.94
N ASN D 242 18.32 -59.24 -2.80
CA ASN D 242 17.47 -59.43 -1.63
C ASN D 242 16.25 -58.54 -1.64
N GLN D 243 16.49 -57.24 -1.52
CA GLN D 243 15.43 -56.25 -1.48
C GLN D 243 15.71 -55.13 -2.47
N TYR D 244 14.95 -54.05 -2.33
CA TYR D 244 15.10 -52.87 -3.17
C TYR D 244 15.26 -51.66 -2.28
N ILE D 245 15.90 -50.63 -2.81
CA ILE D 245 16.05 -49.39 -2.10
C ILE D 245 15.66 -48.33 -3.14
N PHE D 246 14.73 -47.46 -2.76
CA PHE D 246 14.27 -46.44 -3.67
C PHE D 246 14.49 -45.09 -3.01
N THR D 247 15.22 -44.22 -3.70
CA THR D 247 15.55 -42.90 -3.19
C THR D 247 14.58 -41.79 -3.65
N LYS D 248 15.02 -40.55 -3.53
CA LYS D 248 14.26 -39.36 -3.93
C LYS D 248 12.73 -39.34 -3.87
N ILE D 249 12.11 -40.12 -3.00
CA ILE D 249 10.65 -40.11 -2.95
C ILE D 249 10.16 -38.70 -2.65
N ASP D 250 10.86 -37.99 -1.79
CA ASP D 250 10.44 -36.62 -1.48
C ASP D 250 10.66 -35.70 -2.67
N GLU D 251 11.21 -36.23 -3.75
CA GLU D 251 11.50 -35.43 -4.95
C GLU D 251 10.57 -35.67 -6.14
N THR D 252 10.00 -36.88 -6.21
CA THR D 252 9.12 -37.25 -7.32
C THR D 252 7.65 -36.86 -7.11
N THR D 253 6.91 -36.82 -8.21
CA THR D 253 5.51 -36.44 -8.23
C THR D 253 4.57 -37.60 -7.97
N SER D 254 4.82 -38.72 -8.64
CA SER D 254 3.99 -39.91 -8.53
C SER D 254 4.83 -41.16 -8.26
N LEU D 255 4.22 -42.19 -7.69
CA LEU D 255 4.93 -43.43 -7.39
C LEU D 255 4.42 -44.64 -8.19
N GLY D 256 3.73 -44.35 -9.29
CA GLY D 256 3.20 -45.41 -10.13
C GLY D 256 4.33 -46.21 -10.75
N SER D 257 5.41 -45.53 -11.08
CA SER D 257 6.58 -46.16 -11.68
C SER D 257 7.12 -47.26 -10.75
N VAL D 258 7.24 -46.93 -9.46
CA VAL D 258 7.72 -47.88 -8.46
C VAL D 258 6.79 -49.08 -8.38
N PHE D 259 5.50 -48.83 -8.17
CA PHE D 259 4.52 -49.90 -8.07
C PHE D 259 4.63 -50.80 -9.28
N ASN D 260 4.61 -50.19 -10.46
CA ASN D 260 4.72 -50.94 -11.72
C ASN D 260 5.93 -51.86 -11.76
N ILE D 261 7.00 -51.48 -11.04
CA ILE D 261 8.22 -52.27 -10.98
C ILE D 261 8.01 -53.41 -9.99
N LEU D 262 7.67 -53.06 -8.77
CA LEU D 262 7.44 -54.03 -7.70
C LEU D 262 6.40 -55.06 -8.12
N ALA D 263 5.29 -54.57 -8.66
CA ALA D 263 4.21 -55.43 -9.10
C ALA D 263 4.70 -56.60 -9.94
N GLU D 264 5.38 -56.31 -11.04
CA GLU D 264 5.87 -57.36 -11.93
C GLU D 264 7.22 -57.97 -11.50
N SER D 265 7.41 -58.13 -10.18
CA SER D 265 8.66 -58.70 -9.64
C SER D 265 8.50 -59.84 -8.65
N LYS D 266 9.57 -60.61 -8.50
CA LYS D 266 9.61 -61.72 -7.56
C LYS D 266 9.85 -61.18 -6.14
N ILE D 267 11.03 -60.61 -5.94
CA ILE D 267 11.41 -60.05 -4.65
C ILE D 267 10.60 -58.81 -4.27
N GLY D 268 10.77 -58.35 -3.03
CA GLY D 268 10.05 -57.18 -2.57
C GLY D 268 11.02 -56.06 -2.27
N VAL D 269 10.81 -55.37 -1.16
CA VAL D 269 11.69 -54.27 -0.77
C VAL D 269 11.70 -54.08 0.74
N GLY D 270 12.81 -53.57 1.27
CA GLY D 270 12.90 -53.35 2.70
C GLY D 270 13.28 -51.93 3.03
N PHE D 271 14.21 -51.38 2.24
CA PHE D 271 14.68 -50.03 2.45
C PHE D 271 14.29 -49.03 1.37
N MET D 272 14.17 -47.78 1.79
CA MET D 272 13.75 -46.69 0.89
C MET D 272 14.04 -45.36 1.60
N THR D 273 14.88 -44.54 0.98
CA THR D 273 15.27 -43.24 1.52
C THR D 273 14.29 -42.12 1.17
N ASN D 274 14.47 -40.95 1.78
CA ASN D 274 13.59 -39.81 1.51
C ASN D 274 14.20 -38.46 1.84
N GLY D 275 15.52 -38.33 1.69
CA GLY D 275 16.18 -37.07 1.99
C GLY D 275 17.69 -37.05 1.85
N GLN D 276 18.32 -36.01 2.38
CA GLN D 276 19.77 -35.88 2.29
C GLN D 276 20.46 -35.98 3.66
N ASN D 277 19.83 -35.40 4.66
CA ASN D 277 20.33 -35.37 6.03
C ASN D 277 20.51 -36.79 6.58
N VAL D 278 21.75 -37.26 6.63
CA VAL D 278 22.09 -38.60 7.11
C VAL D 278 22.21 -38.61 8.64
N PRO D 279 21.87 -39.74 9.30
CA PRO D 279 21.37 -40.99 8.72
C PRO D 279 19.86 -41.16 8.90
N GLU D 280 19.18 -40.03 9.11
CA GLU D 280 17.73 -40.00 9.32
C GLU D 280 16.93 -40.31 8.05
N ASP D 281 16.78 -39.29 7.20
CA ASP D 281 16.04 -39.38 5.94
C ASP D 281 16.09 -40.71 5.18
N ILE D 282 15.30 -41.67 5.66
CA ILE D 282 15.15 -43.01 5.09
C ILE D 282 14.17 -43.79 5.97
N GLN D 283 13.52 -44.81 5.42
CA GLN D 283 12.54 -45.60 6.18
C GLN D 283 12.34 -47.02 5.68
N THR D 284 11.39 -47.73 6.30
CA THR D 284 11.10 -49.12 5.93
C THR D 284 9.62 -49.34 5.65
N VAL D 285 9.24 -49.15 4.39
CA VAL D 285 7.85 -49.30 3.96
C VAL D 285 7.34 -50.74 4.01
N SER D 286 6.03 -50.89 3.78
CA SER D 286 5.37 -52.20 3.80
C SER D 286 4.42 -52.34 2.61
N PRO D 287 4.17 -53.57 2.15
CA PRO D 287 3.27 -53.76 1.02
C PRO D 287 2.05 -52.85 1.09
N LEU D 288 1.29 -52.95 2.19
CA LEU D 288 0.10 -52.12 2.35
C LEU D 288 0.44 -50.66 2.66
N GLY D 289 1.38 -50.44 3.59
CA GLY D 289 1.77 -49.08 3.93
C GLY D 289 2.17 -48.31 2.69
N PHE D 290 2.93 -48.97 1.82
CA PHE D 290 3.40 -48.40 0.57
C PHE D 290 2.25 -48.00 -0.33
N VAL D 291 1.33 -48.93 -0.57
CA VAL D 291 0.18 -48.65 -1.43
C VAL D 291 -0.47 -47.34 -1.01
N ARG D 292 -0.69 -47.18 0.29
CA ARG D 292 -1.30 -45.97 0.80
C ARG D 292 -0.58 -44.73 0.29
N MET D 293 0.73 -44.83 0.13
CA MET D 293 1.51 -43.71 -0.37
C MET D 293 1.17 -43.37 -1.81
N LEU D 294 0.61 -44.35 -2.53
CA LEU D 294 0.23 -44.14 -3.92
C LEU D 294 -1.00 -43.22 -4.01
N CYS D 295 -1.99 -43.48 -3.17
CA CYS D 295 -3.22 -42.70 -3.15
C CYS D 295 -3.15 -41.34 -2.46
N ARG D 296 -2.32 -40.45 -3.01
CA ARG D 296 -2.14 -39.10 -2.47
C ARG D 296 -2.18 -39.05 -0.95
N PRO E 39 -47.65 20.11 1.10
CA PRO E 39 -47.55 18.83 1.85
C PRO E 39 -46.45 19.03 2.88
N GLU E 40 -46.41 18.21 3.92
CA GLU E 40 -45.37 18.38 4.93
C GLU E 40 -44.50 17.14 5.20
N PRO E 41 -44.95 16.19 6.05
CA PRO E 41 -44.07 15.04 6.26
C PRO E 41 -44.12 14.15 5.03
N LEU E 42 -44.78 14.64 3.99
CA LEU E 42 -44.89 13.90 2.75
C LEU E 42 -43.67 14.11 1.89
N ARG E 43 -43.09 15.32 1.96
CA ARG E 43 -41.88 15.60 1.20
C ARG E 43 -40.90 14.50 1.61
N LYS E 44 -40.94 14.17 2.89
CA LYS E 44 -40.07 13.15 3.46
C LYS E 44 -40.30 11.80 2.80
N ALA E 45 -41.56 11.48 2.54
CA ALA E 45 -41.93 10.21 1.93
C ALA E 45 -41.77 10.22 0.42
N GLU E 46 -41.78 11.40 -0.19
CA GLU E 46 -41.61 11.50 -1.64
C GLU E 46 -40.16 11.23 -1.99
N LYS E 47 -39.26 11.49 -1.05
CA LYS E 47 -37.85 11.21 -1.29
C LYS E 47 -37.63 9.72 -1.14
N LEU E 48 -38.30 9.11 -0.16
CA LEU E 48 -38.18 7.68 0.04
C LEU E 48 -38.50 6.94 -1.25
N LEU E 49 -39.75 7.07 -1.72
CA LEU E 49 -40.17 6.41 -2.93
C LEU E 49 -39.25 6.72 -4.12
N GLN E 50 -38.53 7.83 -4.03
CA GLN E 50 -37.60 8.22 -5.07
C GLN E 50 -36.25 7.54 -4.91
N GLU E 51 -35.78 7.43 -3.67
CA GLU E 51 -34.50 6.78 -3.41
C GLU E 51 -34.56 5.31 -3.84
N THR E 52 -35.75 4.72 -3.79
CA THR E 52 -35.93 3.34 -4.18
C THR E 52 -36.02 3.25 -5.69
N GLY E 53 -36.04 2.05 -6.24
CA GLY E 53 -36.14 1.91 -7.68
C GLY E 53 -37.51 2.41 -8.10
N ILE E 54 -38.52 1.58 -7.90
CA ILE E 54 -39.91 1.92 -8.19
C ILE E 54 -40.12 2.86 -9.38
N LYS E 55 -40.71 2.35 -10.45
CA LYS E 55 -40.96 3.16 -11.63
C LYS E 55 -41.81 4.36 -11.27
N GLU E 56 -42.15 5.18 -12.26
CA GLU E 56 -42.95 6.37 -12.00
C GLU E 56 -44.40 6.03 -11.72
N SER E 57 -45.05 5.39 -12.68
CA SER E 57 -46.45 4.99 -12.54
C SER E 57 -46.75 4.74 -11.05
N THR E 58 -45.92 3.92 -10.43
CA THR E 58 -46.07 3.55 -9.02
C THR E 58 -45.73 4.70 -8.09
N LYS E 59 -44.45 5.04 -8.03
CA LYS E 59 -43.97 6.12 -7.17
C LYS E 59 -45.04 7.18 -6.92
N THR E 60 -45.65 7.66 -7.99
CA THR E 60 -46.67 8.68 -7.88
C THR E 60 -47.95 8.09 -7.30
N ASN E 61 -48.38 6.94 -7.84
CA ASN E 61 -49.60 6.30 -7.38
C ASN E 61 -49.60 5.97 -5.89
N THR E 62 -48.43 5.75 -5.32
CA THR E 62 -48.35 5.40 -3.92
C THR E 62 -48.76 6.62 -3.11
N LEU E 63 -48.10 7.74 -3.35
CA LEU E 63 -48.41 8.99 -2.65
C LEU E 63 -49.89 9.31 -2.76
N LYS E 64 -50.47 9.03 -3.92
CA LYS E 64 -51.90 9.26 -4.12
C LYS E 64 -52.59 8.51 -2.98
N LYS E 65 -52.42 7.18 -2.98
CA LYS E 65 -53.00 6.32 -1.96
C LYS E 65 -52.70 6.76 -0.51
N LEU E 66 -51.45 7.14 -0.24
CA LEU E 66 -51.07 7.57 1.09
C LEU E 66 -51.91 8.77 1.53
N LEU E 67 -51.80 9.87 0.79
CA LEU E 67 -52.52 11.11 1.08
C LEU E 67 -54.03 10.93 1.17
N ARG E 68 -54.62 10.15 0.27
CA ARG E 68 -56.07 9.90 0.31
C ARG E 68 -56.39 9.30 1.66
N PHE E 69 -55.96 8.07 1.89
CA PHE E 69 -56.21 7.42 3.17
C PHE E 69 -55.22 8.03 4.15
N SER E 70 -55.48 9.26 4.54
CA SER E 70 -54.61 10.00 5.45
C SER E 70 -55.30 11.33 5.75
N VAL E 71 -55.81 11.96 4.70
CA VAL E 71 -56.52 13.22 4.81
C VAL E 71 -57.89 12.87 5.37
N GLU E 72 -58.22 11.59 5.31
CA GLU E 72 -59.49 11.11 5.82
C GLU E 72 -59.28 10.24 7.06
N ALA E 73 -58.27 9.39 7.02
CA ALA E 73 -57.99 8.51 8.15
C ALA E 73 -57.52 9.32 9.35
N GLY E 74 -56.38 8.95 9.94
CA GLY E 74 -55.87 9.66 11.09
C GLY E 74 -54.93 10.82 10.78
N GLY E 75 -53.86 10.94 11.54
CA GLY E 75 -52.91 12.01 11.34
C GLY E 75 -51.49 11.48 11.19
N LEU E 76 -50.76 11.95 10.18
CA LEU E 76 -49.39 11.51 9.94
C LEU E 76 -48.37 12.29 10.75
N THR E 77 -47.33 11.59 11.19
CA THR E 77 -46.25 12.17 11.96
C THR E 77 -45.01 12.19 11.07
N GLU E 78 -43.93 12.78 11.58
CA GLU E 78 -42.67 12.84 10.85
C GLU E 78 -42.04 11.46 10.99
N GLU E 79 -42.53 10.71 11.97
CA GLU E 79 -42.04 9.37 12.25
C GLU E 79 -42.78 8.27 11.50
N ASN E 80 -44.04 8.03 11.89
CA ASN E 80 -44.86 6.98 11.30
C ASN E 80 -45.14 7.03 9.78
N VAL E 81 -44.55 7.99 9.09
CA VAL E 81 -44.75 8.10 7.64
C VAL E 81 -44.31 6.84 6.92
N VAL E 82 -43.08 6.41 7.22
CA VAL E 82 -42.50 5.24 6.59
C VAL E 82 -43.31 3.96 6.77
N GLY E 83 -43.60 3.62 8.02
CA GLY E 83 -44.38 2.41 8.29
C GLY E 83 -45.66 2.41 7.51
N LYS E 84 -46.34 3.54 7.49
CA LYS E 84 -47.60 3.64 6.76
C LYS E 84 -47.24 3.48 5.29
N LEU E 85 -46.08 4.03 4.93
CA LEU E 85 -45.57 3.97 3.56
C LEU E 85 -45.26 2.51 3.18
N GLN E 86 -44.48 1.84 4.01
CA GLN E 86 -44.12 0.45 3.78
C GLN E 86 -45.39 -0.38 3.63
N GLU E 87 -46.35 -0.20 4.53
CA GLU E 87 -47.60 -0.94 4.47
C GLU E 87 -48.24 -0.84 3.09
N ILE E 88 -48.59 0.38 2.67
CA ILE E 88 -49.21 0.57 1.37
C ILE E 88 -48.50 -0.16 0.24
N LEU E 89 -47.18 -0.04 0.22
CA LEU E 89 -46.38 -0.69 -0.81
C LEU E 89 -46.57 -2.20 -0.81
N CYS E 90 -46.36 -2.75 0.38
CA CYS E 90 -46.46 -4.18 0.63
C CYS E 90 -47.73 -4.79 0.08
N ASP E 91 -48.80 -3.99 0.01
CA ASP E 91 -50.06 -4.50 -0.47
C ASP E 91 -50.19 -4.51 -1.98
N MET E 92 -49.16 -4.06 -2.67
CA MET E 92 -49.18 -4.05 -4.13
C MET E 92 -48.58 -5.34 -4.68
N LEU E 93 -47.96 -6.12 -3.79
CA LEU E 93 -47.33 -7.39 -4.17
C LEU E 93 -48.35 -8.53 -4.08
N PRO E 94 -47.89 -9.79 -4.20
CA PRO E 94 -48.84 -10.90 -4.11
C PRO E 94 -49.00 -11.35 -2.65
N SER E 95 -50.17 -11.89 -2.33
CA SER E 95 -50.47 -12.37 -0.97
C SER E 95 -49.28 -13.09 -0.34
N ALA E 96 -48.79 -12.56 0.78
CA ALA E 96 -47.63 -13.11 1.49
C ALA E 96 -47.53 -14.63 1.66
N ASP E 97 -48.59 -15.36 1.30
CA ASP E 97 -48.59 -16.82 1.42
C ASP E 97 -47.87 -17.37 0.19
N LYS E 98 -47.82 -16.55 -0.85
CA LYS E 98 -47.19 -16.90 -2.12
C LYS E 98 -45.67 -16.74 -2.01
N TRP E 99 -45.22 -16.27 -0.85
CA TRP E 99 -43.80 -16.07 -0.59
C TRP E 99 -43.26 -17.10 0.38
N GLN E 100 -42.00 -17.47 0.21
CA GLN E 100 -41.35 -18.44 1.09
C GLN E 100 -41.94 -19.83 1.02
N GLU E 101 -42.09 -20.34 -0.19
CA GLU E 101 -42.59 -21.69 -0.40
C GLU E 101 -41.32 -22.53 -0.25
N PRO E 102 -41.33 -23.50 0.68
CA PRO E 102 -40.15 -24.34 0.90
C PRO E 102 -39.97 -25.41 -0.17
N ILE E 103 -38.76 -25.97 -0.23
CA ILE E 103 -38.47 -27.01 -1.19
C ILE E 103 -39.18 -28.25 -0.70
N HIS E 104 -40.26 -28.61 -1.38
CA HIS E 104 -41.06 -29.77 -1.01
C HIS E 104 -41.00 -30.88 -2.07
N SER E 105 -41.56 -30.61 -3.24
CA SER E 105 -41.57 -31.62 -4.30
C SER E 105 -40.19 -32.22 -4.53
N LYS E 106 -40.16 -33.30 -5.31
CA LYS E 106 -38.92 -33.98 -5.61
C LYS E 106 -37.94 -33.15 -6.41
N TYR E 107 -38.31 -32.87 -7.66
CA TYR E 107 -37.47 -32.12 -8.58
C TYR E 107 -37.45 -30.62 -8.33
N ILE E 108 -36.25 -30.07 -8.34
CA ILE E 108 -36.02 -28.64 -8.12
C ILE E 108 -35.22 -28.07 -9.28
N VAL E 109 -35.92 -27.50 -10.28
CA VAL E 109 -35.27 -26.91 -11.45
C VAL E 109 -34.97 -25.40 -11.28
N LEU E 110 -34.01 -24.90 -12.06
CA LEU E 110 -33.66 -23.48 -12.02
C LEU E 110 -33.24 -22.96 -13.39
N PHE E 111 -33.99 -22.01 -13.92
CA PHE E 111 -33.69 -21.39 -15.22
C PHE E 111 -33.66 -19.86 -15.07
N GLY E 112 -32.88 -19.19 -15.92
CA GLY E 112 -32.81 -17.74 -15.82
C GLY E 112 -31.85 -17.01 -16.75
N SER E 113 -31.58 -15.76 -16.41
CA SER E 113 -30.69 -14.94 -17.20
C SER E 113 -29.26 -15.43 -17.12
N THR E 114 -28.47 -15.06 -18.11
CA THR E 114 -27.08 -15.47 -18.18
C THR E 114 -26.14 -14.81 -17.19
N GLY E 115 -25.66 -15.60 -16.21
CA GLY E 115 -24.72 -15.09 -15.23
C GLY E 115 -25.32 -14.61 -13.93
N ALA E 116 -26.62 -14.77 -13.77
CA ALA E 116 -27.31 -14.28 -12.56
C ALA E 116 -27.01 -15.09 -11.29
N GLY E 117 -27.00 -16.41 -11.41
CA GLY E 117 -26.72 -17.26 -10.26
C GLY E 117 -27.35 -18.63 -10.28
N LYS E 118 -27.72 -19.13 -11.46
CA LYS E 118 -28.34 -20.44 -11.58
C LYS E 118 -27.60 -21.58 -10.89
N THR E 119 -26.41 -21.91 -11.38
CA THR E 119 -25.60 -22.98 -10.80
C THR E 119 -25.15 -22.73 -9.34
N THR E 120 -24.45 -21.62 -9.10
CA THR E 120 -24.01 -21.34 -7.75
C THR E 120 -25.14 -21.35 -6.74
N THR E 121 -26.39 -21.30 -7.20
CA THR E 121 -27.51 -21.31 -6.28
C THR E 121 -27.89 -22.74 -5.99
N LEU E 122 -28.09 -23.56 -7.02
CA LEU E 122 -28.43 -24.98 -6.81
C LEU E 122 -27.46 -25.56 -5.79
N ALA E 123 -26.24 -25.02 -5.79
CA ALA E 123 -25.23 -25.45 -4.85
C ALA E 123 -25.73 -25.09 -3.46
N LYS E 124 -25.90 -23.79 -3.23
CA LYS E 124 -26.38 -23.29 -1.96
C LYS E 124 -27.59 -24.06 -1.46
N LEU E 125 -28.48 -24.40 -2.39
CA LEU E 125 -29.68 -25.15 -2.05
C LEU E 125 -29.33 -26.57 -1.68
N ALA E 126 -28.61 -27.26 -2.56
CA ALA E 126 -28.21 -28.65 -2.31
C ALA E 126 -27.54 -28.79 -0.93
N ALA E 127 -26.47 -28.05 -0.70
CA ALA E 127 -25.77 -28.10 0.57
C ALA E 127 -26.73 -27.97 1.75
N ILE E 128 -27.95 -27.52 1.48
CA ILE E 128 -28.94 -27.36 2.52
C ILE E 128 -29.79 -28.62 2.63
N SER E 129 -30.23 -29.13 1.48
CA SER E 129 -31.07 -30.32 1.45
C SER E 129 -30.32 -31.61 1.79
N MET E 130 -29.04 -31.49 2.11
CA MET E 130 -28.24 -32.66 2.46
C MET E 130 -27.60 -32.44 3.82
N LEU E 131 -26.55 -31.63 3.84
CA LEU E 131 -25.81 -31.34 5.05
C LEU E 131 -26.60 -30.57 6.11
N GLU E 132 -27.93 -30.49 5.95
CA GLU E 132 -28.75 -29.76 6.91
C GLU E 132 -30.12 -30.37 7.17
N LYS E 133 -30.78 -30.78 6.11
CA LYS E 133 -32.10 -31.37 6.25
C LYS E 133 -32.00 -32.85 5.96
N HIS E 134 -30.76 -33.31 5.89
CA HIS E 134 -30.43 -34.71 5.63
C HIS E 134 -31.36 -35.46 4.69
N LYS E 135 -31.03 -35.45 3.40
CA LYS E 135 -31.84 -36.14 2.41
C LYS E 135 -31.05 -36.72 1.25
N LYS E 136 -31.69 -37.61 0.50
CA LYS E 136 -31.10 -38.27 -0.67
C LYS E 136 -31.01 -37.25 -1.80
N ILE E 137 -29.80 -36.73 -2.05
CA ILE E 137 -29.59 -35.71 -3.09
C ILE E 137 -29.00 -36.20 -4.43
N ALA E 138 -29.53 -35.66 -5.53
CA ALA E 138 -29.06 -36.01 -6.87
C ALA E 138 -28.91 -34.74 -7.73
N PHE E 139 -28.32 -34.90 -8.91
CA PHE E 139 -28.13 -33.76 -9.80
C PHE E 139 -28.34 -34.11 -11.26
N ILE E 140 -28.84 -33.16 -12.03
CA ILE E 140 -29.07 -33.33 -13.47
C ILE E 140 -28.81 -31.98 -14.14
N THR E 141 -28.28 -31.97 -15.35
CA THR E 141 -28.02 -30.71 -16.03
C THR E 141 -28.39 -30.75 -17.49
N THR E 142 -28.80 -29.60 -18.01
CA THR E 142 -29.19 -29.48 -19.39
C THR E 142 -28.19 -28.57 -20.08
N ASP E 143 -27.32 -27.97 -19.28
CA ASP E 143 -26.32 -27.04 -19.79
C ASP E 143 -25.34 -27.74 -20.69
N THR E 144 -25.60 -27.68 -21.99
CA THR E 144 -24.75 -28.31 -22.98
C THR E 144 -24.00 -27.24 -23.75
N TYR E 145 -24.76 -26.49 -24.54
CA TYR E 145 -24.26 -25.41 -25.38
C TYR E 145 -22.89 -24.81 -25.07
N ARG E 146 -22.60 -24.51 -23.81
CA ARG E 146 -21.31 -23.91 -23.48
C ARG E 146 -20.16 -24.88 -23.21
N ILE E 147 -18.99 -24.52 -23.74
CA ILE E 147 -17.75 -25.29 -23.61
C ILE E 147 -17.39 -25.53 -22.15
N ALA E 148 -17.20 -26.80 -21.80
CA ALA E 148 -16.82 -27.22 -20.45
C ALA E 148 -17.73 -26.68 -19.36
N ALA E 149 -18.90 -26.19 -19.76
CA ALA E 149 -19.86 -25.63 -18.82
C ALA E 149 -20.25 -26.60 -17.70
N VAL E 150 -20.25 -27.89 -18.02
CA VAL E 150 -20.64 -28.92 -17.06
C VAL E 150 -19.61 -29.20 -15.99
N GLU E 151 -18.33 -29.14 -16.34
CA GLU E 151 -17.27 -29.42 -15.38
C GLU E 151 -17.53 -28.75 -14.04
N GLN E 152 -18.15 -27.57 -14.08
CA GLN E 152 -18.45 -26.81 -12.88
C GLN E 152 -19.27 -27.61 -11.88
N LEU E 153 -20.52 -27.91 -12.24
CA LEU E 153 -21.38 -28.67 -11.34
C LEU E 153 -20.85 -30.09 -11.24
N LYS E 154 -20.15 -30.53 -12.28
CA LYS E 154 -19.59 -31.86 -12.29
C LYS E 154 -18.78 -32.06 -11.01
N THR E 155 -17.87 -31.13 -10.74
CA THR E 155 -17.04 -31.22 -9.54
C THR E 155 -17.67 -30.55 -8.34
N TYR E 156 -18.93 -30.15 -8.47
CA TYR E 156 -19.64 -29.53 -7.36
C TYR E 156 -20.32 -30.69 -6.64
N ALA E 157 -20.73 -31.67 -7.43
CA ALA E 157 -21.37 -32.87 -6.92
C ALA E 157 -20.30 -33.77 -6.32
N GLU E 158 -19.15 -33.83 -6.98
CA GLU E 158 -18.05 -34.65 -6.51
C GLU E 158 -17.70 -34.29 -5.06
N LEU E 159 -18.17 -33.14 -4.60
CA LEU E 159 -17.88 -32.70 -3.23
C LEU E 159 -19.06 -32.99 -2.29
N LEU E 160 -20.22 -33.28 -2.89
CA LEU E 160 -21.42 -33.60 -2.13
C LEU E 160 -21.75 -35.08 -2.34
N GLN E 161 -20.76 -35.83 -2.81
CA GLN E 161 -20.88 -37.26 -3.09
C GLN E 161 -22.22 -37.68 -3.68
N ALA E 162 -22.80 -36.80 -4.49
CA ALA E 162 -24.06 -37.06 -5.16
C ALA E 162 -23.78 -37.37 -6.63
N PRO E 163 -24.76 -37.96 -7.34
CA PRO E 163 -24.61 -38.32 -8.76
C PRO E 163 -24.66 -37.10 -9.69
N LEU E 164 -24.98 -37.36 -10.96
CA LEU E 164 -25.09 -36.33 -11.97
C LEU E 164 -25.34 -36.93 -13.34
N GLU E 165 -26.26 -36.33 -14.08
CA GLU E 165 -26.58 -36.77 -15.43
C GLU E 165 -26.61 -35.55 -16.34
N VAL E 166 -26.29 -35.77 -17.61
CA VAL E 166 -26.25 -34.70 -18.60
C VAL E 166 -27.12 -35.12 -19.76
N CYS E 167 -28.26 -34.47 -19.95
CA CYS E 167 -29.16 -34.83 -21.04
C CYS E 167 -29.26 -33.77 -22.11
N TYR E 168 -29.31 -34.21 -23.37
CA TYR E 168 -29.41 -33.30 -24.51
C TYR E 168 -30.80 -33.39 -25.13
N THR E 169 -31.56 -34.40 -24.72
CA THR E 169 -32.93 -34.59 -25.21
C THR E 169 -33.80 -35.06 -24.05
N LYS E 170 -35.07 -34.67 -24.07
CA LYS E 170 -35.99 -35.05 -23.00
C LYS E 170 -35.98 -36.57 -22.79
N GLU E 171 -35.68 -37.30 -23.86
CA GLU E 171 -35.61 -38.75 -23.79
C GLU E 171 -34.66 -39.09 -22.67
N GLU E 172 -33.54 -38.39 -22.66
CA GLU E 172 -32.51 -38.61 -21.65
C GLU E 172 -32.91 -38.02 -20.31
N PHE E 173 -33.61 -36.88 -20.32
CA PHE E 173 -34.01 -36.25 -19.07
C PHE E 173 -34.92 -37.13 -18.22
N GLN E 174 -35.90 -37.77 -18.85
CA GLN E 174 -36.81 -38.64 -18.12
C GLN E 174 -36.02 -39.86 -17.69
N GLN E 175 -35.14 -40.33 -18.58
CA GLN E 175 -34.29 -41.46 -18.27
C GLN E 175 -33.62 -41.09 -16.96
N ALA E 176 -33.13 -39.86 -16.91
CA ALA E 176 -32.46 -39.34 -15.73
C ALA E 176 -33.37 -39.38 -14.50
N LYS E 177 -34.66 -39.11 -14.69
CA LYS E 177 -35.60 -39.11 -13.57
C LYS E 177 -35.77 -40.48 -12.92
N GLU E 178 -35.69 -41.54 -13.72
CA GLU E 178 -35.81 -42.89 -13.16
C GLU E 178 -34.57 -43.18 -12.34
N LEU E 179 -33.41 -42.97 -12.97
CA LEU E 179 -32.11 -43.20 -12.36
C LEU E 179 -31.96 -42.62 -10.95
N PHE E 180 -32.85 -41.70 -10.57
CA PHE E 180 -32.80 -41.08 -9.24
C PHE E 180 -34.05 -41.35 -8.41
N SER E 181 -35.05 -41.95 -9.07
CA SER E 181 -36.32 -42.30 -8.45
C SER E 181 -36.30 -42.35 -6.92
N GLU E 182 -35.35 -43.13 -6.39
CA GLU E 182 -35.21 -43.33 -4.95
C GLU E 182 -34.64 -42.12 -4.21
N TYR E 183 -34.66 -40.95 -4.83
CA TYR E 183 -34.12 -39.77 -4.19
C TYR E 183 -35.15 -38.74 -3.73
N ASP E 184 -34.84 -38.11 -2.59
CA ASP E 184 -35.72 -37.09 -2.02
C ASP E 184 -35.78 -35.89 -2.96
N HIS E 185 -34.61 -35.28 -3.17
CA HIS E 185 -34.50 -34.11 -4.01
C HIS E 185 -33.50 -34.23 -5.15
N VAL E 186 -34.00 -33.95 -6.35
CA VAL E 186 -33.18 -33.97 -7.56
C VAL E 186 -33.04 -32.55 -8.11
N PHE E 187 -31.88 -31.95 -7.88
CA PHE E 187 -31.60 -30.58 -8.34
C PHE E 187 -31.20 -30.47 -9.82
N VAL E 188 -32.01 -29.78 -10.61
CA VAL E 188 -31.72 -29.61 -12.03
C VAL E 188 -31.07 -28.25 -12.30
N ASP E 189 -30.23 -28.21 -13.34
CA ASP E 189 -29.52 -27.00 -13.75
C ASP E 189 -29.85 -26.81 -15.21
N THR E 190 -29.70 -25.59 -15.74
CA THR E 190 -30.04 -25.35 -17.15
C THR E 190 -29.06 -24.46 -17.87
N ALA E 191 -29.21 -24.42 -19.19
CA ALA E 191 -28.34 -23.61 -20.04
C ALA E 191 -28.67 -22.13 -19.94
N GLY E 192 -27.65 -21.29 -19.88
CA GLY E 192 -27.87 -19.87 -19.82
C GLY E 192 -28.20 -19.42 -21.23
N ARG E 193 -29.30 -18.67 -21.39
CA ARG E 193 -29.70 -18.22 -22.72
C ARG E 193 -30.44 -16.90 -22.67
N ASN E 194 -30.33 -16.13 -23.75
CA ASN E 194 -31.04 -14.85 -23.84
C ASN E 194 -32.50 -15.22 -24.08
N PHE E 195 -33.26 -15.27 -23.00
CA PHE E 195 -34.66 -15.64 -23.06
C PHE E 195 -35.63 -14.62 -23.66
N LYS E 196 -35.12 -13.79 -24.56
CA LYS E 196 -35.99 -12.83 -25.24
C LYS E 196 -36.40 -13.64 -26.47
N ASP E 197 -35.42 -13.95 -27.31
CA ASP E 197 -35.64 -14.74 -28.50
C ASP E 197 -36.44 -15.97 -28.06
N PRO E 198 -37.70 -16.11 -28.54
CA PRO E 198 -38.58 -17.24 -28.19
C PRO E 198 -38.02 -18.61 -28.50
N GLN E 199 -37.11 -18.69 -29.47
CA GLN E 199 -36.51 -19.95 -29.85
C GLN E 199 -36.07 -20.75 -28.62
N TYR E 200 -35.76 -20.04 -27.54
CA TYR E 200 -35.27 -20.69 -26.32
C TYR E 200 -36.27 -21.10 -25.24
N ILE E 201 -37.50 -20.59 -25.27
CA ILE E 201 -38.47 -21.00 -24.26
C ILE E 201 -39.08 -22.29 -24.77
N ASP E 202 -39.04 -22.44 -26.09
CA ASP E 202 -39.55 -23.66 -26.69
C ASP E 202 -38.54 -24.71 -26.26
N GLU E 203 -37.29 -24.48 -26.65
CA GLU E 203 -36.19 -25.38 -26.34
C GLU E 203 -36.22 -25.87 -24.90
N LEU E 204 -36.52 -24.97 -23.96
CA LEU E 204 -36.57 -25.32 -22.54
C LEU E 204 -37.71 -26.29 -22.27
N LYS E 205 -38.89 -25.96 -22.78
CA LYS E 205 -40.06 -26.81 -22.59
C LYS E 205 -39.90 -28.13 -23.36
N GLU E 206 -38.94 -28.18 -24.27
CA GLU E 206 -38.66 -29.39 -25.04
C GLU E 206 -38.01 -30.41 -24.11
N THR E 207 -36.82 -30.07 -23.64
CA THR E 207 -36.08 -30.93 -22.74
C THR E 207 -36.88 -31.30 -21.50
N ILE E 208 -37.08 -30.34 -20.60
CA ILE E 208 -37.84 -30.60 -19.39
C ILE E 208 -39.33 -30.74 -19.67
N PRO E 209 -40.02 -31.67 -18.97
CA PRO E 209 -41.45 -31.94 -19.11
C PRO E 209 -42.41 -30.97 -18.41
N PHE E 210 -42.21 -30.78 -17.11
CA PHE E 210 -43.05 -29.90 -16.29
C PHE E 210 -44.33 -30.59 -15.85
N GLU E 211 -44.31 -31.14 -14.62
CA GLU E 211 -45.48 -31.83 -14.11
C GLU E 211 -45.38 -32.16 -12.62
N SER E 212 -46.56 -32.39 -12.03
CA SER E 212 -46.76 -32.75 -10.63
C SER E 212 -45.59 -32.66 -9.63
N SER E 213 -44.51 -33.37 -9.93
CA SER E 213 -43.35 -33.40 -9.04
C SER E 213 -42.25 -32.39 -9.35
N ILE E 214 -42.59 -31.25 -9.94
CA ILE E 214 -41.59 -30.26 -10.26
C ILE E 214 -41.80 -28.88 -9.66
N GLN E 215 -40.78 -28.40 -8.94
CA GLN E 215 -40.81 -27.07 -8.33
C GLN E 215 -39.88 -26.14 -9.12
N SER E 216 -40.44 -25.44 -10.11
CA SER E 216 -39.67 -24.52 -10.95
C SER E 216 -39.29 -23.23 -10.23
N PHE E 217 -38.20 -22.62 -10.66
CA PHE E 217 -37.74 -21.37 -10.08
C PHE E 217 -37.13 -20.50 -11.16
N LEU E 218 -37.60 -19.26 -11.27
CA LEU E 218 -37.06 -18.32 -12.25
C LEU E 218 -36.00 -17.49 -11.53
N VAL E 219 -34.74 -17.63 -11.92
CA VAL E 219 -33.66 -16.88 -11.29
C VAL E 219 -33.38 -15.61 -12.09
N LEU E 220 -33.38 -14.49 -11.37
CA LEU E 220 -33.12 -13.17 -11.95
C LEU E 220 -32.16 -12.42 -11.04
N SER E 221 -31.35 -11.53 -11.59
CA SER E 221 -30.45 -10.76 -10.75
C SER E 221 -31.06 -9.41 -10.39
N ALA E 222 -30.98 -9.03 -9.12
CA ALA E 222 -31.53 -7.75 -8.71
C ALA E 222 -30.76 -6.62 -9.42
N THR E 223 -29.71 -7.00 -10.15
CA THR E 223 -28.87 -6.06 -10.88
C THR E 223 -29.49 -5.58 -12.21
N ALA E 224 -30.33 -6.43 -12.80
CA ALA E 224 -30.99 -6.13 -14.07
C ALA E 224 -31.99 -4.97 -14.04
N LYS E 225 -32.07 -4.27 -15.16
CA LYS E 225 -32.97 -3.13 -15.30
C LYS E 225 -34.37 -3.68 -15.39
N TYR E 226 -35.34 -2.97 -14.83
CA TYR E 226 -36.72 -3.41 -14.84
C TYR E 226 -37.24 -3.69 -16.25
N GLU E 227 -37.12 -2.70 -17.13
CA GLU E 227 -37.58 -2.82 -18.50
C GLU E 227 -37.08 -4.12 -19.12
N ASP E 228 -35.85 -4.51 -18.79
CA ASP E 228 -35.30 -5.75 -19.32
C ASP E 228 -36.05 -6.93 -18.77
N MET E 229 -35.99 -7.11 -17.44
CA MET E 229 -36.68 -8.21 -16.76
C MET E 229 -38.14 -8.37 -17.20
N LYS E 230 -38.89 -7.26 -17.20
CA LYS E 230 -40.29 -7.31 -17.60
C LYS E 230 -40.48 -7.95 -18.97
N HIS E 231 -39.55 -7.72 -19.89
CA HIS E 231 -39.65 -8.30 -21.21
C HIS E 231 -39.51 -9.81 -21.18
N ILE E 232 -38.61 -10.35 -20.37
CA ILE E 232 -38.47 -11.80 -20.35
C ILE E 232 -39.49 -12.48 -19.45
N VAL E 233 -39.86 -11.85 -18.35
CA VAL E 233 -40.85 -12.47 -17.47
C VAL E 233 -42.08 -12.83 -18.29
N LYS E 234 -42.47 -11.95 -19.20
CA LYS E 234 -43.63 -12.19 -20.06
C LYS E 234 -43.40 -13.41 -20.95
N ARG E 235 -42.14 -13.70 -21.25
CA ARG E 235 -41.79 -14.83 -22.12
C ARG E 235 -41.88 -16.19 -21.44
N PHE E 236 -41.80 -16.19 -20.12
CA PHE E 236 -41.90 -17.43 -19.37
C PHE E 236 -43.33 -17.66 -18.97
N SER E 237 -44.22 -16.88 -19.58
CA SER E 237 -45.65 -16.97 -19.31
C SER E 237 -46.19 -18.35 -19.66
N SER E 238 -45.61 -18.96 -20.69
CA SER E 238 -46.02 -20.27 -21.17
C SER E 238 -45.42 -21.44 -20.40
N VAL E 239 -44.67 -21.15 -19.33
CA VAL E 239 -44.05 -22.21 -18.52
C VAL E 239 -44.31 -22.00 -17.03
N PRO E 240 -44.85 -23.02 -16.35
CA PRO E 240 -45.16 -22.91 -14.92
C PRO E 240 -43.95 -22.45 -14.11
N VAL E 241 -44.21 -21.71 -13.04
CA VAL E 241 -43.13 -21.23 -12.16
C VAL E 241 -43.66 -21.02 -10.73
N ASN E 242 -43.00 -21.68 -9.78
CA ASN E 242 -43.36 -21.63 -8.37
C ASN E 242 -42.89 -20.39 -7.62
N GLN E 243 -41.62 -20.06 -7.79
CA GLN E 243 -41.05 -18.92 -7.09
C GLN E 243 -40.05 -18.12 -7.90
N TYR E 244 -39.59 -17.05 -7.28
CA TYR E 244 -38.60 -16.15 -7.86
C TYR E 244 -37.31 -16.34 -7.10
N ILE E 245 -36.19 -16.16 -7.79
CA ILE E 245 -34.92 -16.23 -7.13
C ILE E 245 -34.23 -14.98 -7.64
N PHE E 246 -33.99 -14.05 -6.74
CA PHE E 246 -33.33 -12.82 -7.09
C PHE E 246 -31.96 -12.87 -6.47
N THR E 247 -30.94 -12.80 -7.30
CA THR E 247 -29.57 -12.89 -6.84
C THR E 247 -28.84 -11.55 -6.81
N LYS E 248 -27.71 -11.53 -6.12
CA LYS E 248 -26.87 -10.35 -6.07
C LYS E 248 -27.43 -9.09 -5.40
N ILE E 249 -28.34 -9.26 -4.44
CA ILE E 249 -28.89 -8.09 -3.77
C ILE E 249 -27.77 -7.27 -3.11
N ASP E 250 -26.61 -7.86 -2.94
CA ASP E 250 -25.48 -7.15 -2.30
C ASP E 250 -24.72 -6.28 -3.28
N GLU E 251 -24.94 -6.50 -4.57
CA GLU E 251 -24.25 -5.72 -5.58
C GLU E 251 -25.20 -4.61 -6.01
N THR E 252 -26.49 -4.83 -5.74
CA THR E 252 -27.48 -3.86 -6.10
C THR E 252 -27.19 -2.54 -5.39
N THR E 253 -27.95 -1.52 -5.73
CA THR E 253 -27.79 -0.20 -5.14
C THR E 253 -29.18 0.11 -4.60
N SER E 254 -30.19 -0.40 -5.30
CA SER E 254 -31.59 -0.22 -4.89
C SER E 254 -32.33 -1.52 -5.22
N LEU E 255 -33.57 -1.67 -4.75
CA LEU E 255 -34.32 -2.88 -5.03
C LEU E 255 -35.68 -2.63 -5.63
N GLY E 256 -35.91 -1.39 -6.03
CA GLY E 256 -37.19 -1.03 -6.63
C GLY E 256 -37.44 -1.77 -7.93
N SER E 257 -36.36 -2.12 -8.62
CA SER E 257 -36.48 -2.84 -9.87
C SER E 257 -37.05 -4.21 -9.60
N VAL E 258 -36.76 -4.76 -8.42
CA VAL E 258 -37.27 -6.07 -8.03
C VAL E 258 -38.73 -5.94 -7.61
N PHE E 259 -39.04 -4.87 -6.89
CA PHE E 259 -40.40 -4.63 -6.46
C PHE E 259 -41.35 -4.62 -7.64
N ASN E 260 -41.04 -3.80 -8.65
CA ASN E 260 -41.88 -3.67 -9.84
C ASN E 260 -42.17 -5.00 -10.53
N ILE E 261 -41.21 -5.92 -10.50
CA ILE E 261 -41.41 -7.22 -11.12
C ILE E 261 -42.45 -8.04 -10.36
N LEU E 262 -42.23 -8.17 -9.05
CA LEU E 262 -43.16 -8.91 -8.21
C LEU E 262 -44.49 -8.20 -8.20
N ALA E 263 -44.45 -6.89 -7.94
CA ALA E 263 -45.65 -6.08 -7.89
C ALA E 263 -46.64 -6.41 -8.99
N GLU E 264 -46.16 -6.77 -10.17
CA GLU E 264 -47.07 -7.11 -11.26
C GLU E 264 -47.00 -8.57 -11.66
N SER E 265 -47.00 -9.45 -10.65
CA SER E 265 -46.91 -10.89 -10.88
C SER E 265 -47.73 -11.68 -9.87
N LYS E 266 -48.08 -12.91 -10.25
CA LYS E 266 -48.85 -13.79 -9.38
C LYS E 266 -48.03 -14.30 -8.19
N ILE E 267 -46.83 -14.78 -8.47
CA ILE E 267 -45.93 -15.35 -7.47
C ILE E 267 -45.02 -14.37 -6.74
N GLY E 268 -44.42 -14.84 -5.65
CA GLY E 268 -43.52 -14.03 -4.85
C GLY E 268 -42.10 -14.60 -4.95
N VAL E 269 -41.26 -14.34 -3.95
CA VAL E 269 -39.88 -14.84 -4.00
C VAL E 269 -39.46 -15.93 -3.01
N GLY E 270 -38.84 -17.00 -3.54
CA GLY E 270 -38.38 -18.10 -2.72
C GLY E 270 -37.13 -17.71 -1.93
N PHE E 271 -35.99 -17.72 -2.61
CA PHE E 271 -34.73 -17.35 -1.95
C PHE E 271 -34.12 -16.13 -2.62
N MET E 272 -33.03 -15.65 -2.03
CA MET E 272 -32.32 -14.51 -2.56
C MET E 272 -30.86 -14.63 -2.16
N THR E 273 -30.01 -14.93 -3.12
CA THR E 273 -28.58 -15.06 -2.86
C THR E 273 -28.09 -13.67 -2.52
N ASN E 274 -26.98 -13.57 -1.81
CA ASN E 274 -26.45 -12.28 -1.40
C ASN E 274 -24.93 -12.29 -1.27
N GLY E 275 -24.30 -13.23 -1.96
CA GLY E 275 -22.85 -13.36 -1.89
C GLY E 275 -22.37 -14.58 -2.65
N GLN E 276 -21.05 -14.69 -2.78
CA GLN E 276 -20.44 -15.80 -3.52
C GLN E 276 -20.19 -17.01 -2.62
N ASN E 277 -19.81 -16.75 -1.38
CA ASN E 277 -19.55 -17.80 -0.40
C ASN E 277 -20.67 -18.84 -0.40
N VAL E 278 -20.30 -20.08 -0.71
CA VAL E 278 -21.23 -21.19 -0.75
C VAL E 278 -21.03 -22.08 0.47
N PRO E 279 -22.12 -22.49 1.14
CA PRO E 279 -23.50 -22.16 0.79
C PRO E 279 -24.07 -21.11 1.76
N GLU E 280 -23.18 -20.43 2.47
CA GLU E 280 -23.55 -19.40 3.43
C GLU E 280 -24.38 -18.26 2.83
N ASP E 281 -23.79 -17.51 1.91
CA ASP E 281 -24.46 -16.37 1.29
C ASP E 281 -25.71 -16.69 0.47
N ILE E 282 -26.84 -16.79 1.18
CA ILE E 282 -28.15 -17.07 0.61
C ILE E 282 -29.15 -16.98 1.75
N GLN E 283 -30.28 -16.32 1.51
CA GLN E 283 -31.29 -16.16 2.54
C GLN E 283 -32.70 -16.34 2.00
N THR E 284 -33.68 -15.92 2.78
CA THR E 284 -35.08 -16.03 2.39
C THR E 284 -35.84 -14.86 3.00
N VAL E 285 -36.89 -14.40 2.33
CA VAL E 285 -37.63 -13.24 2.82
C VAL E 285 -39.13 -13.27 2.60
N SER E 286 -39.80 -12.39 3.33
CA SER E 286 -41.25 -12.22 3.28
C SER E 286 -41.60 -10.83 2.78
N PRO E 287 -42.80 -10.67 2.18
CA PRO E 287 -43.23 -9.37 1.67
C PRO E 287 -42.74 -8.18 2.51
N LEU E 288 -43.41 -7.89 3.62
CA LEU E 288 -43.01 -6.77 4.46
C LEU E 288 -41.52 -6.69 4.80
N GLY E 289 -40.87 -7.85 4.88
CA GLY E 289 -39.46 -7.88 5.17
C GLY E 289 -38.68 -7.36 3.98
N PHE E 290 -39.12 -7.78 2.79
CA PHE E 290 -38.50 -7.34 1.55
C PHE E 290 -38.74 -5.84 1.44
N VAL E 291 -40.01 -5.46 1.47
CA VAL E 291 -40.41 -4.07 1.37
C VAL E 291 -39.60 -3.23 2.34
N ARG E 292 -39.00 -3.88 3.33
CA ARG E 292 -38.19 -3.17 4.30
C ARG E 292 -36.75 -2.98 3.87
N MET E 293 -36.26 -3.86 3.01
CA MET E 293 -34.89 -3.73 2.50
C MET E 293 -34.98 -2.66 1.42
N LEU E 294 -36.09 -2.72 0.69
CA LEU E 294 -36.39 -1.81 -0.42
C LEU E 294 -36.15 -0.34 -0.11
N CYS E 295 -36.67 0.13 1.02
CA CYS E 295 -36.50 1.53 1.42
C CYS E 295 -35.02 1.91 1.56
N ARG E 296 -34.35 2.05 0.42
CA ARG E 296 -32.93 2.41 0.32
C ARG E 296 -32.11 2.23 1.59
N PRO F 39 37.11 -28.28 22.45
CA PRO F 39 36.17 -27.36 23.12
C PRO F 39 34.72 -27.76 22.80
N GLU F 40 33.82 -27.59 23.76
CA GLU F 40 32.41 -27.94 23.56
C GLU F 40 31.42 -26.78 23.79
N PRO F 41 31.00 -26.51 25.04
CA PRO F 41 30.06 -25.38 25.15
C PRO F 41 30.84 -24.09 24.96
N LEU F 42 32.11 -24.10 25.36
CA LEU F 42 32.95 -22.93 25.20
C LEU F 42 32.89 -22.56 23.73
N ARG F 43 32.82 -23.59 22.88
CA ARG F 43 32.75 -23.38 21.44
C ARG F 43 31.49 -22.57 21.13
N LYS F 44 30.50 -22.68 22.01
CA LYS F 44 29.22 -21.98 21.89
C LYS F 44 29.37 -20.55 22.38
N ALA F 45 30.21 -20.38 23.41
CA ALA F 45 30.46 -19.07 23.99
C ALA F 45 31.25 -18.18 23.06
N GLU F 46 32.36 -18.69 22.51
CA GLU F 46 33.18 -17.89 21.60
C GLU F 46 32.36 -17.34 20.46
N LYS F 47 31.38 -18.12 19.99
CA LYS F 47 30.54 -17.69 18.90
C LYS F 47 29.69 -16.50 19.34
N LEU F 48 29.16 -16.58 20.56
CA LEU F 48 28.35 -15.50 21.10
C LEU F 48 29.19 -14.25 21.23
N LEU F 49 30.43 -14.43 21.66
CA LEU F 49 31.34 -13.31 21.83
C LEU F 49 31.63 -12.70 20.46
N GLN F 50 31.96 -13.56 19.50
CA GLN F 50 32.25 -13.08 18.17
C GLN F 50 31.10 -12.21 17.70
N GLU F 51 29.91 -12.46 18.22
CA GLU F 51 28.76 -11.67 17.82
C GLU F 51 28.71 -10.30 18.50
N THR F 52 29.03 -10.24 19.80
CA THR F 52 29.02 -8.96 20.48
C THR F 52 30.18 -8.20 19.85
N GLY F 53 30.09 -6.88 19.78
CA GLY F 53 31.16 -6.12 19.16
C GLY F 53 32.34 -5.84 20.07
N ILE F 54 32.92 -6.89 20.64
CA ILE F 54 34.05 -6.73 21.55
C ILE F 54 35.40 -6.69 20.80
N LYS F 55 36.39 -6.07 21.42
CA LYS F 55 37.70 -5.99 20.82
C LYS F 55 38.43 -7.32 21.00
N GLU F 56 38.89 -7.86 19.88
CA GLU F 56 39.62 -9.11 19.82
C GLU F 56 40.27 -9.55 21.13
N SER F 57 41.07 -8.67 21.74
CA SER F 57 41.75 -9.03 22.98
C SER F 57 40.76 -9.43 24.05
N THR F 58 39.91 -8.49 24.44
CA THR F 58 38.89 -8.71 25.46
C THR F 58 38.20 -10.02 25.18
N LYS F 59 37.78 -10.18 23.94
CA LYS F 59 37.12 -11.40 23.50
C LYS F 59 37.92 -12.61 23.93
N THR F 60 39.23 -12.53 23.75
CA THR F 60 40.13 -13.62 24.10
C THR F 60 40.45 -13.71 25.58
N ASN F 61 40.80 -12.60 26.20
CA ASN F 61 41.13 -12.59 27.62
C ASN F 61 39.93 -12.96 28.48
N THR F 62 38.75 -12.96 27.85
CA THR F 62 37.50 -13.30 28.54
C THR F 62 37.30 -14.80 28.40
N LEU F 63 37.77 -15.35 27.28
CA LEU F 63 37.63 -16.76 26.98
C LEU F 63 38.61 -17.63 27.75
N LYS F 64 39.89 -17.28 27.72
CA LYS F 64 40.86 -18.10 28.43
C LYS F 64 40.75 -17.89 29.93
N LYS F 65 39.64 -17.27 30.32
CA LYS F 65 39.32 -16.98 31.71
C LYS F 65 38.15 -17.89 32.05
N LEU F 66 37.17 -17.93 31.15
CA LEU F 66 36.00 -18.78 31.32
C LEU F 66 36.45 -20.22 31.27
N LEU F 67 37.73 -20.41 30.98
CA LEU F 67 38.33 -21.73 30.86
C LEU F 67 39.22 -21.98 32.06
N ARG F 68 39.92 -20.93 32.50
CA ARG F 68 40.80 -21.05 33.65
C ARG F 68 39.98 -21.33 34.89
N PHE F 69 38.75 -20.84 34.90
CA PHE F 69 37.88 -21.03 36.05
C PHE F 69 37.13 -22.36 35.98
N SER F 70 36.40 -22.56 34.88
CA SER F 70 35.61 -23.77 34.72
C SER F 70 36.43 -25.05 34.64
N VAL F 71 37.76 -24.92 34.64
CA VAL F 71 38.60 -26.10 34.56
C VAL F 71 39.02 -26.53 35.95
N GLU F 72 38.92 -25.61 36.91
CA GLU F 72 39.28 -25.90 38.29
C GLU F 72 38.01 -25.89 39.13
N ALA F 73 36.94 -25.34 38.57
CA ALA F 73 35.67 -25.27 39.28
C ALA F 73 34.72 -26.35 38.78
N GLY F 74 33.44 -26.17 39.06
CA GLY F 74 32.45 -27.14 38.64
C GLY F 74 32.45 -27.46 37.16
N GLY F 75 31.26 -27.80 36.66
CA GLY F 75 31.12 -28.15 35.26
C GLY F 75 30.26 -27.22 34.43
N LEU F 76 30.79 -26.85 33.26
CA LEU F 76 30.10 -25.97 32.32
C LEU F 76 29.06 -26.74 31.52
N THR F 77 27.83 -26.24 31.56
CA THR F 77 26.74 -26.83 30.81
C THR F 77 26.48 -25.82 29.72
N GLU F 78 26.36 -26.28 28.46
CA GLU F 78 26.11 -25.36 27.36
C GLU F 78 24.92 -24.48 27.73
N GLU F 79 24.23 -24.88 28.80
CA GLU F 79 23.06 -24.19 29.30
C GLU F 79 23.36 -23.08 30.30
N ASN F 80 24.54 -23.09 30.93
CA ASN F 80 24.88 -22.04 31.88
C ASN F 80 26.15 -21.30 31.50
N VAL F 81 26.60 -21.50 30.27
CA VAL F 81 27.82 -20.86 29.79
C VAL F 81 27.60 -19.35 29.73
N VAL F 82 26.45 -18.99 29.18
CA VAL F 82 26.07 -17.59 29.02
C VAL F 82 26.15 -16.80 30.31
N GLY F 83 25.57 -17.35 31.38
CA GLY F 83 25.59 -16.67 32.65
C GLY F 83 26.98 -16.44 33.20
N LYS F 84 27.79 -17.50 33.25
CA LYS F 84 29.15 -17.39 33.78
C LYS F 84 29.97 -16.45 32.90
N LEU F 85 29.50 -16.30 31.67
CA LEU F 85 30.17 -15.45 30.70
C LEU F 85 29.87 -13.98 31.02
N GLN F 86 28.64 -13.71 31.47
CA GLN F 86 28.24 -12.35 31.80
C GLN F 86 28.83 -11.80 33.10
N GLU F 87 29.16 -12.64 34.07
CA GLU F 87 29.75 -12.13 35.31
C GLU F 87 31.19 -11.72 35.06
N ILE F 88 31.81 -12.42 34.09
CA ILE F 88 33.20 -12.14 33.72
C ILE F 88 33.27 -10.78 33.05
N LEU F 89 32.26 -10.47 32.26
CA LEU F 89 32.21 -9.19 31.58
C LEU F 89 31.94 -8.05 32.57
N CYS F 90 30.97 -8.26 33.45
CA CYS F 90 30.62 -7.26 34.44
C CYS F 90 31.83 -6.80 35.23
N ASP F 91 32.63 -7.74 35.70
CA ASP F 91 33.82 -7.42 36.48
C ASP F 91 34.89 -6.67 35.73
N MET F 92 34.58 -6.28 34.49
CA MET F 92 35.52 -5.52 33.67
C MET F 92 34.97 -4.11 33.52
N LEU F 93 33.72 -3.95 33.94
CA LEU F 93 33.01 -2.67 33.91
C LEU F 93 33.05 -2.08 35.31
N PRO F 94 32.84 -0.75 35.41
CA PRO F 94 32.86 -0.07 36.71
C PRO F 94 31.93 -0.69 37.76
N SER F 95 32.24 -0.39 39.03
CA SER F 95 31.48 -0.87 40.16
C SER F 95 30.05 -0.37 40.01
N ALA F 96 29.09 -1.29 40.10
CA ALA F 96 27.68 -0.98 39.94
C ALA F 96 27.21 0.29 40.64
N ASP F 97 27.97 0.76 41.62
CA ASP F 97 27.60 1.98 42.32
C ASP F 97 28.19 3.18 41.58
N LYS F 98 28.98 2.90 40.55
CA LYS F 98 29.62 3.93 39.74
C LYS F 98 28.69 4.17 38.54
N TRP F 99 27.56 3.50 38.57
CA TRP F 99 26.57 3.63 37.52
C TRP F 99 25.36 4.29 38.13
N GLN F 100 24.42 4.70 37.28
CA GLN F 100 23.19 5.32 37.74
C GLN F 100 23.33 6.38 38.83
N GLU F 101 23.91 7.52 38.50
CA GLU F 101 24.03 8.62 39.46
C GLU F 101 22.72 9.41 39.38
N PRO F 102 21.82 9.24 40.35
CA PRO F 102 20.55 9.96 40.33
C PRO F 102 20.75 11.47 40.17
N ILE F 103 19.96 12.10 39.30
CA ILE F 103 20.09 13.54 39.12
C ILE F 103 19.93 14.21 40.48
N HIS F 104 21.04 14.50 41.11
CA HIS F 104 21.06 15.11 42.44
C HIS F 104 21.40 16.59 42.36
N SER F 105 22.62 16.88 41.91
CA SER F 105 23.11 18.24 41.78
C SER F 105 22.11 19.23 41.21
N LYS F 106 22.33 20.50 41.55
CA LYS F 106 21.47 21.60 41.14
C LYS F 106 21.59 22.01 39.68
N TYR F 107 22.66 21.56 39.03
CA TYR F 107 22.88 21.88 37.62
C TYR F 107 23.24 20.61 36.87
N ILE F 108 22.55 20.36 35.77
CA ILE F 108 22.82 19.18 34.94
C ILE F 108 23.41 19.65 33.60
N VAL F 109 24.71 19.40 33.41
CA VAL F 109 25.38 19.80 32.18
C VAL F 109 25.53 18.63 31.22
N LEU F 110 25.32 18.87 29.93
CA LEU F 110 25.49 17.80 28.95
C LEU F 110 26.28 18.30 27.73
N PHE F 111 27.37 17.58 27.44
CA PHE F 111 28.26 17.89 26.31
C PHE F 111 28.64 16.59 25.60
N GLY F 112 28.65 16.62 24.27
CA GLY F 112 29.00 15.42 23.53
C GLY F 112 29.21 15.54 22.03
N SER F 113 29.36 14.40 21.39
CA SER F 113 29.58 14.34 19.94
C SER F 113 28.47 15.06 19.20
N THR F 114 28.69 15.35 17.93
CA THR F 114 27.69 16.04 17.14
C THR F 114 26.59 15.09 16.70
N GLY F 115 25.37 15.62 16.60
CA GLY F 115 24.23 14.83 16.19
C GLY F 115 23.96 13.65 17.11
N ALA F 116 24.77 13.51 18.15
CA ALA F 116 24.63 12.40 19.07
C ALA F 116 23.23 12.31 19.68
N GLY F 117 22.76 13.43 20.24
CA GLY F 117 21.45 13.45 20.84
C GLY F 117 21.39 14.30 22.09
N LYS F 118 22.38 15.16 22.28
CA LYS F 118 22.41 16.04 23.43
C LYS F 118 21.04 16.65 23.75
N THR F 119 20.68 17.69 22.99
CA THR F 119 19.43 18.41 23.19
C THR F 119 18.21 17.59 23.60
N THR F 120 17.70 16.79 22.65
CA THR F 120 16.53 15.95 22.86
C THR F 120 16.58 15.24 24.21
N THR F 121 17.77 14.83 24.61
CA THR F 121 17.95 14.14 25.88
C THR F 121 17.69 15.10 27.04
N LEU F 122 18.25 16.30 26.97
CA LEU F 122 18.02 17.27 28.03
C LEU F 122 16.51 17.38 28.18
N ALA F 123 15.82 17.49 27.06
CA ALA F 123 14.37 17.57 27.09
C ALA F 123 13.86 16.49 28.03
N LYS F 124 13.99 15.23 27.59
CA LYS F 124 13.54 14.10 28.38
C LYS F 124 13.94 14.25 29.85
N LEU F 125 15.23 14.44 30.10
CA LEU F 125 15.70 14.60 31.47
C LEU F 125 14.99 15.71 32.24
N ALA F 126 14.77 16.84 31.58
CA ALA F 126 14.12 17.97 32.23
C ALA F 126 12.62 17.74 32.43
N ALA F 127 11.97 17.09 31.47
CA ALA F 127 10.55 16.80 31.56
C ALA F 127 10.27 15.87 32.72
N ILE F 128 11.17 14.92 32.95
CA ILE F 128 11.00 13.96 34.02
C ILE F 128 11.22 14.61 35.38
N SER F 129 12.20 15.49 35.47
CA SER F 129 12.49 16.15 36.74
C SER F 129 11.39 17.15 37.13
N MET F 130 10.58 17.57 36.16
CA MET F 130 9.50 18.51 36.44
C MET F 130 8.16 17.83 36.60
N LEU F 131 7.68 17.23 35.50
CA LEU F 131 6.39 16.55 35.48
C LEU F 131 6.22 15.42 36.48
N GLU F 132 7.29 14.69 36.79
CA GLU F 132 7.21 13.55 37.71
C GLU F 132 7.82 13.74 39.09
N LYS F 133 9.06 14.23 39.15
CA LYS F 133 9.73 14.44 40.43
C LYS F 133 9.28 15.74 41.08
N HIS F 134 8.57 16.57 40.32
CA HIS F 134 8.07 17.84 40.80
C HIS F 134 9.19 18.73 41.33
N LYS F 135 10.04 19.21 40.42
CA LYS F 135 11.14 20.08 40.84
C LYS F 135 11.22 21.30 39.94
N LYS F 136 11.41 22.47 40.54
CA LYS F 136 11.50 23.73 39.82
C LYS F 136 12.55 23.64 38.71
N ILE F 137 12.08 23.67 37.47
CA ILE F 137 12.94 23.55 36.29
C ILE F 137 13.40 24.88 35.68
N ALA F 138 14.59 24.87 35.09
CA ALA F 138 15.14 26.05 34.44
C ALA F 138 16.21 25.62 33.43
N PHE F 139 16.30 26.36 32.33
CA PHE F 139 17.26 26.03 31.27
C PHE F 139 18.38 27.04 31.07
N ILE F 140 19.39 26.63 30.28
CA ILE F 140 20.54 27.48 29.95
C ILE F 140 21.20 26.94 28.68
N THR F 141 21.42 27.83 27.71
CA THR F 141 22.04 27.46 26.44
C THR F 141 23.45 28.00 26.30
N THR F 142 24.28 27.23 25.59
CA THR F 142 25.65 27.61 25.35
C THR F 142 25.92 27.28 23.90
N ASP F 143 24.89 26.75 23.25
CA ASP F 143 25.01 26.41 21.83
C ASP F 143 24.76 27.68 21.03
N THR F 144 25.83 28.45 20.86
CA THR F 144 25.80 29.70 20.12
C THR F 144 26.03 29.41 18.64
N TYR F 145 27.23 28.90 18.35
CA TYR F 145 27.68 28.54 17.02
C TYR F 145 26.63 28.04 16.03
N ARG F 146 25.90 27.00 16.41
CA ARG F 146 24.89 26.39 15.52
C ARG F 146 23.68 27.28 15.22
N ILE F 147 23.53 27.63 13.96
CA ILE F 147 22.44 28.48 13.48
C ILE F 147 21.02 28.04 13.89
N ALA F 148 20.36 28.92 14.65
CA ALA F 148 19.00 28.70 15.13
C ALA F 148 18.79 27.58 16.13
N ALA F 149 19.88 27.09 16.72
CA ALA F 149 19.76 26.00 17.69
C ALA F 149 19.01 26.50 18.91
N VAL F 150 19.45 27.63 19.43
CA VAL F 150 18.85 28.23 20.60
C VAL F 150 17.34 28.33 20.49
N GLU F 151 16.86 28.83 19.35
CA GLU F 151 15.42 29.01 19.13
C GLU F 151 14.61 27.75 19.46
N GLN F 152 15.16 26.58 19.16
CA GLN F 152 14.48 25.33 19.43
C GLN F 152 14.25 25.15 20.92
N LEU F 153 15.29 24.78 21.64
CA LEU F 153 15.21 24.57 23.07
C LEU F 153 14.33 25.63 23.74
N LYS F 154 14.30 26.83 23.18
CA LYS F 154 13.49 27.90 23.73
C LYS F 154 11.99 27.59 23.66
N THR F 155 11.53 27.07 22.53
CA THR F 155 10.12 26.76 22.38
C THR F 155 9.73 25.68 23.37
N TYR F 156 10.61 24.70 23.51
CA TYR F 156 10.39 23.60 24.44
C TYR F 156 10.18 24.16 25.84
N ALA F 157 11.07 25.05 26.26
CA ALA F 157 10.99 25.66 27.58
C ALA F 157 9.67 26.41 27.73
N GLU F 158 9.03 26.73 26.61
CA GLU F 158 7.75 27.44 26.67
C GLU F 158 6.62 26.42 26.71
N LEU F 159 6.89 25.21 26.23
CA LEU F 159 5.87 24.17 26.27
C LEU F 159 6.04 23.46 27.61
N LEU F 160 7.19 23.69 28.22
CA LEU F 160 7.53 23.07 29.52
C LEU F 160 7.32 24.09 30.63
N GLN F 161 6.91 25.30 30.26
CA GLN F 161 6.66 26.38 31.21
C GLN F 161 7.88 26.74 32.06
N ALA F 162 9.07 26.62 31.46
CA ALA F 162 10.29 26.92 32.17
C ALA F 162 11.05 28.07 31.52
N PRO F 163 11.83 28.81 32.33
CA PRO F 163 12.61 29.94 31.82
C PRO F 163 13.88 29.48 31.12
N LEU F 164 14.34 30.28 30.17
CA LEU F 164 15.56 29.96 29.41
C LEU F 164 16.69 30.96 29.74
N GLU F 165 17.87 30.72 29.20
CA GLU F 165 19.02 31.59 29.45
C GLU F 165 20.19 31.30 28.53
N VAL F 166 20.31 32.11 27.48
CA VAL F 166 21.38 31.97 26.49
C VAL F 166 22.68 32.63 27.00
N CYS F 167 23.82 32.01 26.72
CA CYS F 167 25.10 32.55 27.16
C CYS F 167 26.15 32.54 26.06
N TYR F 168 26.98 33.58 25.98
CA TYR F 168 28.03 33.65 24.96
C TYR F 168 29.38 33.82 25.59
N THR F 169 29.40 34.03 26.91
CA THR F 169 30.65 34.21 27.65
C THR F 169 30.50 33.65 29.06
N LYS F 170 31.55 33.06 29.59
CA LYS F 170 31.47 32.47 30.91
C LYS F 170 30.88 33.43 31.92
N GLU F 171 31.09 34.72 31.71
CA GLU F 171 30.54 35.71 32.64
C GLU F 171 29.02 35.62 32.57
N GLU F 172 28.47 35.68 31.36
CA GLU F 172 27.02 35.60 31.16
C GLU F 172 26.47 34.26 31.68
N PHE F 173 27.32 33.24 31.68
CA PHE F 173 26.93 31.93 32.19
C PHE F 173 26.83 32.05 33.70
N GLN F 174 27.94 32.43 34.32
CA GLN F 174 28.04 32.59 35.76
C GLN F 174 26.84 33.35 36.32
N GLN F 175 26.61 34.53 35.77
CA GLN F 175 25.50 35.37 36.21
C GLN F 175 24.19 34.62 36.14
N ALA F 176 23.93 33.97 35.01
CA ALA F 176 22.71 33.22 34.82
C ALA F 176 22.64 31.99 35.70
N LYS F 177 23.79 31.53 36.19
CA LYS F 177 23.81 30.34 37.03
C LYS F 177 23.42 30.66 38.47
N GLU F 178 23.33 31.95 38.78
CA GLU F 178 22.97 32.40 40.12
C GLU F 178 21.57 33.00 40.02
N LEU F 179 21.20 33.32 38.79
CA LEU F 179 19.89 33.88 38.49
C LEU F 179 18.94 32.70 38.50
N PHE F 180 19.41 31.57 39.01
CA PHE F 180 18.62 30.35 39.10
C PHE F 180 18.96 29.59 40.38
N SER F 181 19.54 30.30 41.34
CA SER F 181 19.93 29.70 42.61
C SER F 181 18.69 29.24 43.39
N GLU F 182 17.54 29.80 43.06
CA GLU F 182 16.30 29.44 43.75
C GLU F 182 15.67 28.16 43.20
N TYR F 183 16.20 27.67 42.09
CA TYR F 183 15.67 26.44 41.48
C TYR F 183 16.35 25.19 42.03
N ASP F 184 15.74 24.03 41.79
CA ASP F 184 16.29 22.77 42.26
C ASP F 184 17.33 22.25 41.31
N HIS F 185 16.95 22.16 40.04
CA HIS F 185 17.83 21.70 38.99
C HIS F 185 17.85 22.68 37.83
N VAL F 186 18.97 22.74 37.13
CA VAL F 186 19.11 23.62 35.97
C VAL F 186 19.75 22.80 34.86
N PHE F 187 19.08 22.72 33.72
CA PHE F 187 19.56 21.94 32.59
C PHE F 187 20.32 22.78 31.55
N VAL F 188 21.61 22.49 31.39
CA VAL F 188 22.45 23.22 30.45
C VAL F 188 22.80 22.47 29.17
N ASP F 189 22.41 23.06 28.03
CA ASP F 189 22.64 22.48 26.71
C ASP F 189 23.84 23.20 26.08
N THR F 190 24.79 22.44 25.55
CA THR F 190 25.98 23.01 24.92
C THR F 190 26.08 22.72 23.42
N ALA F 191 27.10 23.30 22.80
CA ALA F 191 27.35 23.16 21.37
C ALA F 191 27.92 21.80 20.96
N GLY F 192 27.75 21.50 19.68
CA GLY F 192 28.24 20.25 19.14
C GLY F 192 29.53 20.51 18.39
N ARG F 193 30.64 20.17 19.03
CA ARG F 193 31.95 20.37 18.43
C ARG F 193 32.62 19.05 18.05
N ASN F 194 33.70 19.16 17.28
CA ASN F 194 34.49 18.02 16.85
C ASN F 194 35.52 17.87 17.96
N PHE F 195 35.09 17.37 19.11
CA PHE F 195 35.97 17.22 20.27
C PHE F 195 37.26 16.43 20.09
N LYS F 196 37.57 16.02 18.86
CA LYS F 196 38.83 15.29 18.65
C LYS F 196 39.96 16.32 18.59
N ASP F 197 39.59 17.57 18.36
CA ASP F 197 40.54 18.67 18.32
C ASP F 197 40.52 19.32 19.71
N PRO F 198 41.67 19.30 20.41
CA PRO F 198 41.72 19.89 21.76
C PRO F 198 41.31 21.36 21.82
N GLN F 199 41.15 22.00 20.67
CA GLN F 199 40.78 23.40 20.63
C GLN F 199 39.47 23.66 21.37
N TYR F 200 38.55 22.71 21.26
CA TYR F 200 37.23 22.85 21.90
C TYR F 200 37.09 22.35 23.33
N ILE F 201 38.02 21.52 23.80
CA ILE F 201 37.94 21.07 25.18
C ILE F 201 38.22 22.31 26.02
N ASP F 202 38.94 23.26 25.45
CA ASP F 202 39.24 24.49 26.15
C ASP F 202 38.01 25.37 26.11
N GLU F 203 37.46 25.57 24.91
CA GLU F 203 36.25 26.39 24.75
C GLU F 203 35.16 25.93 25.72
N LEU F 204 35.29 24.71 26.23
CA LEU F 204 34.29 24.17 27.14
C LEU F 204 34.62 24.52 28.59
N LYS F 205 35.87 24.32 28.99
CA LYS F 205 36.27 24.62 30.36
C LYS F 205 36.31 26.13 30.66
N GLU F 206 36.44 26.95 29.61
CA GLU F 206 36.49 28.40 29.77
C GLU F 206 35.09 29.02 29.76
N THR F 207 34.07 28.18 29.68
CA THR F 207 32.68 28.65 29.67
C THR F 207 32.04 28.15 30.95
N ILE F 208 31.89 26.84 31.04
CA ILE F 208 31.32 26.23 32.22
C ILE F 208 32.50 26.01 33.15
N PRO F 209 32.44 26.57 34.37
CA PRO F 209 33.49 26.44 35.38
C PRO F 209 33.67 25.07 36.01
N PHE F 210 32.65 24.23 35.93
CA PHE F 210 32.72 22.89 36.51
C PHE F 210 33.09 22.88 38.00
N GLU F 211 32.40 23.69 38.80
CA GLU F 211 32.69 23.72 40.23
C GLU F 211 31.76 22.76 40.98
N SER F 212 32.15 22.43 42.21
CA SER F 212 31.42 21.52 43.08
C SER F 212 29.97 21.13 42.73
N SER F 213 29.06 22.10 42.75
CA SER F 213 27.64 21.87 42.48
C SER F 213 27.21 21.34 41.11
N ILE F 214 28.16 21.18 40.20
CA ILE F 214 27.83 20.71 38.86
C ILE F 214 27.85 19.18 38.70
N GLN F 215 27.01 18.70 37.80
CA GLN F 215 26.91 17.27 37.50
C GLN F 215 27.06 17.14 35.98
N SER F 216 28.24 16.70 35.55
CA SER F 216 28.56 16.56 34.13
C SER F 216 28.31 15.18 33.51
N PHE F 217 27.60 15.16 32.38
CA PHE F 217 27.29 13.91 31.66
C PHE F 217 27.81 14.01 30.21
N LEU F 218 28.68 13.08 29.81
CA LEU F 218 29.24 13.05 28.46
C LEU F 218 28.39 12.20 27.51
N VAL F 219 27.86 12.81 26.44
CA VAL F 219 26.97 12.12 25.50
C VAL F 219 27.57 11.56 24.21
N LEU F 220 27.49 10.25 24.05
CA LEU F 220 28.01 9.62 22.85
C LEU F 220 26.92 8.71 22.29
N SER F 221 26.96 8.45 21.00
CA SER F 221 25.98 7.58 20.36
C SER F 221 26.54 6.16 20.30
N ALA F 222 25.67 5.16 20.36
CA ALA F 222 26.09 3.77 20.29
C ALA F 222 26.41 3.43 18.85
N THR F 223 26.08 4.36 17.97
CA THR F 223 26.30 4.18 16.55
C THR F 223 27.76 4.38 16.15
N ALA F 224 28.54 4.91 17.09
CA ALA F 224 29.96 5.23 16.90
C ALA F 224 31.00 4.10 16.97
N LYS F 225 32.02 4.23 16.11
CA LYS F 225 33.12 3.28 16.04
C LYS F 225 33.97 3.44 17.29
N TYR F 226 34.40 2.32 17.86
CA TYR F 226 35.23 2.35 19.05
C TYR F 226 36.50 3.16 18.86
N GLU F 227 37.26 2.82 17.82
CA GLU F 227 38.52 3.53 17.53
C GLU F 227 38.30 5.04 17.56
N ASP F 228 37.13 5.46 17.13
CA ASP F 228 36.80 6.87 17.12
C ASP F 228 36.55 7.36 18.54
N MET F 229 35.58 6.75 19.20
CA MET F 229 35.26 7.13 20.57
C MET F 229 36.43 7.10 21.55
N LYS F 230 37.35 6.15 21.35
CA LYS F 230 38.49 6.04 22.25
C LYS F 230 39.35 7.30 22.24
N HIS F 231 39.56 7.86 21.05
CA HIS F 231 40.38 9.07 20.89
C HIS F 231 39.70 10.30 21.46
N ILE F 232 38.44 10.15 21.82
CA ILE F 232 37.66 11.25 22.37
C ILE F 232 37.58 11.17 23.90
N VAL F 233 37.27 9.98 24.40
CA VAL F 233 37.15 9.80 25.84
C VAL F 233 38.42 10.30 26.56
N LYS F 234 39.55 10.27 25.87
CA LYS F 234 40.80 10.74 26.45
C LYS F 234 40.84 12.26 26.52
N ARG F 235 40.56 12.91 25.39
CA ARG F 235 40.56 14.37 25.31
C ARG F 235 39.68 15.02 26.37
N PHE F 236 38.82 14.23 26.99
CA PHE F 236 37.90 14.70 28.03
C PHE F 236 38.40 14.36 29.44
N SER F 237 39.69 14.10 29.60
CA SER F 237 40.21 13.76 30.92
C SER F 237 40.44 14.97 31.81
N SER F 238 40.64 16.14 31.19
CA SER F 238 40.87 17.38 31.93
C SER F 238 39.57 18.03 32.35
N VAL F 239 38.45 17.33 32.10
CA VAL F 239 37.13 17.83 32.45
C VAL F 239 36.37 16.75 33.23
N PRO F 240 36.03 17.03 34.49
CA PRO F 240 35.31 16.10 35.36
C PRO F 240 33.97 15.63 34.83
N VAL F 241 33.95 14.37 34.38
CA VAL F 241 32.74 13.77 33.85
C VAL F 241 32.19 12.81 34.92
N ASN F 242 30.97 13.05 35.37
CA ASN F 242 30.36 12.20 36.39
C ASN F 242 29.89 10.85 35.88
N GLN F 243 29.02 10.87 34.88
CA GLN F 243 28.45 9.66 34.32
C GLN F 243 28.39 9.77 32.80
N TYR F 244 28.07 8.64 32.16
CA TYR F 244 27.95 8.57 30.70
C TYR F 244 26.49 8.62 30.29
N ILE F 245 26.29 8.72 28.99
CA ILE F 245 24.95 8.71 28.41
C ILE F 245 25.19 8.27 26.99
N PHE F 246 24.70 7.08 26.67
CA PHE F 246 24.86 6.56 25.33
C PHE F 246 23.48 6.62 24.69
N THR F 247 23.43 7.12 23.46
CA THR F 247 22.14 7.25 22.82
C THR F 247 22.02 6.40 21.57
N LYS F 248 20.78 6.13 21.16
CA LYS F 248 20.50 5.35 19.96
C LYS F 248 20.77 3.85 20.03
N ILE F 249 20.45 3.21 21.15
CA ILE F 249 20.68 1.77 21.24
C ILE F 249 19.67 1.04 20.36
N ASP F 250 18.59 1.75 20.05
CA ASP F 250 17.53 1.20 19.22
C ASP F 250 17.94 1.30 17.77
N GLU F 251 19.06 1.97 17.55
CA GLU F 251 19.53 2.19 16.19
C GLU F 251 20.80 1.44 15.80
N THR F 252 21.49 0.84 16.76
CA THR F 252 22.71 0.11 16.42
C THR F 252 22.57 -1.41 16.38
N THR F 253 23.42 -2.05 15.61
CA THR F 253 23.41 -3.50 15.48
C THR F 253 23.83 -4.23 16.74
N SER F 254 24.83 -3.69 17.45
CA SER F 254 25.35 -4.29 18.67
C SER F 254 25.88 -3.24 19.64
N LEU F 255 26.16 -3.66 20.87
CA LEU F 255 26.68 -2.75 21.90
C LEU F 255 28.11 -3.05 22.32
N GLY F 256 28.80 -3.90 21.56
CA GLY F 256 30.18 -4.23 21.88
C GLY F 256 31.10 -3.02 22.09
N SER F 257 31.02 -2.03 21.21
CA SER F 257 31.85 -0.84 21.32
C SER F 257 31.59 -0.06 22.61
N VAL F 258 30.32 0.04 23.00
CA VAL F 258 29.99 0.74 24.23
C VAL F 258 30.68 -0.02 25.37
N PHE F 259 30.74 -1.34 25.25
CA PHE F 259 31.41 -2.14 26.26
C PHE F 259 32.90 -1.77 26.35
N ASN F 260 33.55 -1.69 25.19
CA ASN F 260 34.96 -1.37 25.14
C ASN F 260 35.33 -0.03 25.77
N ILE F 261 34.46 0.96 25.61
CA ILE F 261 34.72 2.27 26.20
C ILE F 261 34.62 2.09 27.71
N LEU F 262 33.44 1.70 28.17
CA LEU F 262 33.16 1.48 29.58
C LEU F 262 34.20 0.62 30.29
N ALA F 263 34.56 -0.49 29.65
CA ALA F 263 35.54 -1.40 30.22
C ALA F 263 36.78 -0.65 30.69
N GLU F 264 37.31 0.19 29.81
CA GLU F 264 38.51 0.96 30.13
C GLU F 264 38.27 2.38 30.62
N SER F 265 37.49 2.53 31.70
CA SER F 265 37.19 3.84 32.27
C SER F 265 36.96 3.74 33.79
N LYS F 266 36.56 4.85 34.39
CA LYS F 266 36.30 4.87 35.83
C LYS F 266 34.82 4.95 36.13
N ILE F 267 34.10 5.74 35.33
CA ILE F 267 32.67 5.92 35.52
C ILE F 267 31.82 5.00 34.66
N GLY F 268 30.54 4.93 34.98
CA GLY F 268 29.63 4.11 34.21
C GLY F 268 28.59 4.97 33.53
N VAL F 269 27.48 4.36 33.12
CA VAL F 269 26.42 5.11 32.46
C VAL F 269 25.41 5.60 33.50
N GLY F 270 24.67 6.63 33.13
CA GLY F 270 23.66 7.18 34.03
C GLY F 270 22.34 7.15 33.31
N PHE F 271 22.40 7.14 31.99
CA PHE F 271 21.20 7.13 31.18
C PHE F 271 21.48 6.55 29.80
N MET F 272 20.45 6.00 29.19
CA MET F 272 20.56 5.46 27.85
C MET F 272 19.24 5.78 27.13
N THR F 273 19.33 6.27 25.90
CA THR F 273 18.13 6.62 25.14
C THR F 273 17.85 5.53 24.10
N ASN F 274 16.58 5.39 23.73
CA ASN F 274 16.16 4.34 22.79
C ASN F 274 15.15 4.76 21.73
N GLY F 275 14.83 6.05 21.69
CA GLY F 275 13.87 6.52 20.70
C GLY F 275 13.77 8.03 20.65
N GLN F 276 13.01 8.53 19.68
CA GLN F 276 12.82 9.97 19.49
C GLN F 276 11.72 10.51 20.38
N ASN F 277 10.85 9.64 20.87
CA ASN F 277 9.74 10.03 21.73
C ASN F 277 10.19 10.76 23.00
N VAL F 278 9.46 11.80 23.37
CA VAL F 278 9.81 12.55 24.57
C VAL F 278 8.62 12.67 25.51
N PRO F 279 8.84 12.39 26.81
CA PRO F 279 10.13 11.97 27.36
C PRO F 279 10.24 10.46 27.48
N GLU F 280 9.23 9.75 27.00
CA GLU F 280 9.21 8.30 27.08
C GLU F 280 10.55 7.59 26.83
N ASP F 281 11.04 7.72 25.61
CA ASP F 281 12.27 7.04 25.17
C ASP F 281 13.64 7.30 25.81
N ILE F 282 13.65 7.27 27.14
CA ILE F 282 14.85 7.44 27.95
C ILE F 282 14.79 6.31 28.96
N GLN F 283 15.93 5.94 29.54
CA GLN F 283 15.94 4.87 30.52
C GLN F 283 17.20 4.87 31.37
N THR F 284 17.45 3.75 32.02
CA THR F 284 18.62 3.64 32.87
C THR F 284 18.93 2.17 33.12
N VAL F 285 20.20 1.83 33.30
CA VAL F 285 20.57 0.44 33.52
C VAL F 285 21.73 0.25 34.49
N SER F 286 22.05 -1.01 34.73
CA SER F 286 23.13 -1.40 35.63
C SER F 286 24.18 -2.15 34.82
N PRO F 287 25.38 -2.34 35.39
CA PRO F 287 26.41 -3.06 34.65
C PRO F 287 25.86 -4.39 34.13
N LEU F 288 25.44 -5.26 35.04
CA LEU F 288 24.89 -6.56 34.66
C LEU F 288 23.68 -6.41 33.75
N GLY F 289 22.94 -5.34 33.95
CA GLY F 289 21.78 -5.07 33.13
C GLY F 289 22.26 -4.78 31.72
N PHE F 290 23.34 -4.00 31.65
CA PHE F 290 23.96 -3.62 30.38
C PHE F 290 24.53 -4.81 29.62
N VAL F 291 25.26 -5.67 30.30
CA VAL F 291 25.85 -6.84 29.68
C VAL F 291 24.79 -7.78 29.13
N ARG F 292 23.78 -8.05 29.96
CA ARG F 292 22.68 -8.93 29.57
C ARG F 292 22.05 -8.42 28.28
N MET F 293 22.31 -7.15 28.00
CA MET F 293 21.80 -6.46 26.83
C MET F 293 22.81 -6.60 25.68
N LEU F 294 24.08 -6.68 26.03
CA LEU F 294 25.16 -6.80 25.04
C LEU F 294 25.08 -8.14 24.32
N CYS F 295 24.78 -9.20 25.08
CA CYS F 295 24.68 -10.56 24.54
C CYS F 295 23.59 -10.67 23.47
N ARG F 296 23.88 -10.13 22.29
CA ARG F 296 22.95 -10.13 21.16
C ARG F 296 21.48 -10.21 21.57
N PRO G 39 17.27 59.79 16.43
CA PRO G 39 16.22 59.56 15.40
C PRO G 39 15.23 60.72 15.41
N GLU G 40 15.04 61.38 14.27
CA GLU G 40 14.09 62.50 14.19
C GLU G 40 13.06 62.30 13.06
N PRO G 41 13.51 62.24 11.79
CA PRO G 41 12.52 62.04 10.74
C PRO G 41 12.09 60.58 10.79
N LEU G 42 12.94 59.78 11.43
CA LEU G 42 12.68 58.35 11.62
C LEU G 42 11.83 58.22 12.88
N ARG G 43 11.95 59.22 13.76
CA ARG G 43 11.23 59.26 15.03
C ARG G 43 9.72 59.34 14.85
N LYS G 44 9.27 59.75 13.66
CA LYS G 44 7.84 59.84 13.41
C LYS G 44 7.39 58.70 12.51
N ALA G 45 8.34 58.14 11.77
CA ALA G 45 8.03 57.01 10.89
C ALA G 45 7.69 55.82 11.78
N GLU G 46 7.97 55.97 13.07
CA GLU G 46 7.71 54.94 14.06
C GLU G 46 6.42 55.25 14.79
N LYS G 47 6.06 56.53 14.80
CA LYS G 47 4.84 56.98 15.46
C LYS G 47 3.62 56.52 14.67
N LEU G 48 3.71 56.67 13.35
CA LEU G 48 2.62 56.29 12.46
C LEU G 48 2.57 54.78 12.31
N LEU G 49 3.74 54.16 12.23
CA LEU G 49 3.82 52.71 12.09
C LEU G 49 3.08 52.05 13.26
N GLN G 50 3.13 52.70 14.40
CA GLN G 50 2.47 52.22 15.60
C GLN G 50 0.96 52.24 15.40
N GLU G 51 0.45 53.43 15.07
CA GLU G 51 -0.97 53.65 14.84
C GLU G 51 -1.65 52.68 13.88
N THR G 52 -0.89 51.90 13.14
CA THR G 52 -1.50 50.92 12.24
C THR G 52 -1.83 49.79 13.21
N GLY G 53 -1.98 48.56 12.72
CA GLY G 53 -2.29 47.50 13.65
C GLY G 53 -1.41 46.30 13.47
N ILE G 54 -0.35 46.44 12.69
CA ILE G 54 0.51 45.30 12.45
C ILE G 54 1.07 44.74 13.76
N LYS G 55 1.21 43.42 13.80
CA LYS G 55 1.73 42.74 14.98
C LYS G 55 3.13 43.28 15.29
N GLU G 56 3.64 42.97 16.49
CA GLU G 56 4.95 43.44 16.91
C GLU G 56 6.06 43.10 15.93
N SER G 57 6.34 41.80 15.79
CA SER G 57 7.38 41.32 14.91
C SER G 57 7.51 42.14 13.64
N THR G 58 6.42 42.24 12.88
CA THR G 58 6.45 43.02 11.64
C THR G 58 6.94 44.44 11.85
N LYS G 59 6.32 45.16 12.78
CA LYS G 59 6.74 46.53 13.05
C LYS G 59 8.26 46.53 13.28
N THR G 60 8.73 45.52 14.01
CA THR G 60 10.16 45.39 14.30
C THR G 60 10.97 45.37 13.01
N ASN G 61 10.76 44.35 12.20
CA ASN G 61 11.47 44.21 10.94
C ASN G 61 11.33 45.44 10.03
N THR G 62 10.23 46.16 10.18
CA THR G 62 10.01 47.34 9.37
C THR G 62 11.10 48.37 9.68
N LEU G 63 11.27 48.67 10.97
CA LEU G 63 12.32 49.63 11.39
C LEU G 63 13.72 49.04 11.13
N LYS G 64 13.92 47.77 11.50
CA LYS G 64 15.21 47.10 11.30
C LYS G 64 15.57 47.11 9.82
N LYS G 65 14.71 47.77 9.03
CA LYS G 65 14.92 47.89 7.58
C LYS G 65 15.04 49.35 7.19
N LEU G 66 14.06 50.14 7.58
CA LEU G 66 14.08 51.56 7.27
C LEU G 66 15.44 52.14 7.64
N LEU G 67 16.00 51.68 8.76
CA LEU G 67 17.32 52.16 9.21
C LEU G 67 18.39 51.69 8.24
N ARG G 68 18.50 50.38 8.07
CA ARG G 68 19.47 49.74 7.19
C ARG G 68 19.60 50.47 5.85
N PHE G 69 18.55 50.42 5.03
CA PHE G 69 18.57 51.05 3.70
C PHE G 69 18.52 52.58 3.74
N SER G 70 18.73 53.18 4.92
CA SER G 70 18.72 54.63 5.03
C SER G 70 19.89 55.12 5.89
N VAL G 71 20.83 54.23 6.16
CA VAL G 71 22.01 54.56 6.94
C VAL G 71 23.20 54.41 6.02
N GLU G 72 23.09 53.47 5.09
CA GLU G 72 24.13 53.21 4.11
C GLU G 72 23.77 53.94 2.81
N ALA G 73 22.47 54.04 2.56
CA ALA G 73 21.98 54.72 1.37
C ALA G 73 22.02 56.23 1.62
N GLY G 74 21.12 56.95 0.96
CA GLY G 74 21.09 58.39 1.10
C GLY G 74 20.39 58.92 2.33
N GLY G 75 20.32 60.25 2.43
CA GLY G 75 19.67 60.88 3.56
C GLY G 75 18.16 60.70 3.57
N LEU G 76 17.51 61.32 4.55
CA LEU G 76 16.06 61.25 4.68
C LEU G 76 15.50 62.58 5.18
N THR G 77 14.25 62.84 4.86
CA THR G 77 13.57 64.06 5.28
C THR G 77 12.24 63.62 5.85
N GLU G 78 11.71 64.34 6.84
CA GLU G 78 10.42 63.96 7.40
C GLU G 78 9.34 64.33 6.39
N GLU G 79 9.44 63.68 5.23
CA GLU G 79 8.54 63.90 4.11
C GLU G 79 8.67 62.69 3.16
N ASN G 80 9.91 62.31 2.86
CA ASN G 80 10.17 61.19 1.96
C ASN G 80 10.21 59.85 2.68
N VAL G 81 10.42 59.86 4.00
CA VAL G 81 10.46 58.62 4.78
C VAL G 81 9.03 58.07 4.85
N VAL G 82 8.08 58.99 5.00
CA VAL G 82 6.67 58.64 5.08
C VAL G 82 6.27 57.83 3.85
N GLY G 83 7.06 57.96 2.79
CA GLY G 83 6.78 57.23 1.58
C GLY G 83 7.66 55.99 1.46
N LYS G 84 8.91 56.09 1.92
CA LYS G 84 9.83 54.96 1.85
C LYS G 84 9.39 53.88 2.82
N LEU G 85 8.50 54.24 3.74
CA LEU G 85 7.96 53.31 4.70
C LEU G 85 6.96 52.46 3.93
N GLN G 86 6.05 53.14 3.25
CA GLN G 86 5.00 52.50 2.45
C GLN G 86 5.58 51.48 1.48
N GLU G 87 6.66 51.85 0.78
CA GLU G 87 7.29 50.94 -0.17
C GLU G 87 7.78 49.67 0.52
N ILE G 88 7.94 49.75 1.84
CA ILE G 88 8.40 48.62 2.67
C ILE G 88 7.24 47.67 2.92
N LEU G 89 6.21 48.19 3.59
CA LEU G 89 5.02 47.41 3.91
C LEU G 89 4.50 46.64 2.70
N CYS G 90 4.53 47.29 1.54
CA CYS G 90 4.06 46.68 0.30
C CYS G 90 4.80 45.42 -0.05
N ASP G 91 6.13 45.50 -0.07
CA ASP G 91 6.95 44.35 -0.42
C ASP G 91 6.61 43.15 0.46
N MET G 92 5.92 43.42 1.57
CA MET G 92 5.56 42.37 2.51
C MET G 92 4.30 41.60 2.15
N LEU G 93 3.77 41.87 0.96
CA LEU G 93 2.59 41.17 0.46
C LEU G 93 3.01 40.61 -0.90
N PRO G 94 2.18 39.72 -1.50
CA PRO G 94 2.58 39.18 -2.81
C PRO G 94 2.54 40.27 -3.87
N SER G 95 3.35 40.10 -4.91
CA SER G 95 3.43 41.07 -6.00
C SER G 95 2.11 41.76 -6.36
N ALA G 96 2.23 42.94 -6.97
CA ALA G 96 1.05 43.74 -7.36
C ALA G 96 0.15 43.05 -8.38
N ASP G 97 0.67 42.03 -9.06
CA ASP G 97 -0.14 41.30 -10.03
C ASP G 97 -1.00 40.32 -9.24
N LYS G 98 -0.38 39.60 -8.31
CA LYS G 98 -1.07 38.64 -7.46
C LYS G 98 -2.34 39.27 -6.90
N TRP G 99 -2.39 40.61 -6.94
CA TRP G 99 -3.53 41.38 -6.46
C TRP G 99 -4.42 41.76 -7.64
N GLN G 100 -5.64 42.19 -7.31
CA GLN G 100 -6.63 42.62 -8.30
C GLN G 100 -6.84 41.73 -9.53
N GLU G 101 -7.27 40.50 -9.31
CA GLU G 101 -7.52 39.59 -10.42
C GLU G 101 -8.90 39.89 -10.98
N PRO G 102 -9.06 39.82 -12.30
CA PRO G 102 -10.35 40.10 -12.93
C PRO G 102 -11.27 38.89 -12.92
N ILE G 103 -12.55 39.13 -12.64
CA ILE G 103 -13.56 38.07 -12.64
C ILE G 103 -13.69 37.62 -14.09
N HIS G 104 -12.69 36.88 -14.55
CA HIS G 104 -12.65 36.41 -15.93
C HIS G 104 -13.02 34.95 -16.19
N SER G 105 -12.65 34.05 -15.29
CA SER G 105 -12.99 32.64 -15.52
C SER G 105 -14.51 32.47 -15.53
N LYS G 106 -14.97 31.29 -15.89
CA LYS G 106 -16.41 31.03 -15.97
C LYS G 106 -17.16 31.12 -14.65
N TYR G 107 -16.92 30.18 -13.76
CA TYR G 107 -17.63 30.14 -12.48
C TYR G 107 -16.98 30.97 -11.38
N ILE G 108 -17.72 31.95 -10.87
CA ILE G 108 -17.22 32.80 -9.80
C ILE G 108 -17.87 32.37 -8.48
N VAL G 109 -17.15 31.56 -7.72
CA VAL G 109 -17.64 31.06 -6.44
C VAL G 109 -17.10 31.85 -5.24
N LEU G 110 -17.97 32.11 -4.26
CA LEU G 110 -17.58 32.82 -3.05
C LEU G 110 -17.94 31.97 -1.83
N PHE G 111 -17.28 32.25 -0.71
CA PHE G 111 -17.53 31.56 0.55
C PHE G 111 -16.65 32.13 1.66
N GLY G 112 -16.86 31.63 2.87
CA GLY G 112 -16.09 32.10 4.00
C GLY G 112 -16.89 32.43 5.25
N SER G 113 -16.40 33.41 6.01
CA SER G 113 -17.00 33.85 7.26
C SER G 113 -18.53 33.97 7.26
N THR G 114 -19.15 33.67 8.39
CA THR G 114 -20.61 33.74 8.52
C THR G 114 -21.07 35.16 8.85
N GLY G 115 -22.10 35.62 8.16
CA GLY G 115 -22.62 36.97 8.37
C GLY G 115 -21.66 38.01 7.85
N ALA G 116 -20.63 37.57 7.14
CA ALA G 116 -19.60 38.44 6.59
C ALA G 116 -20.02 39.26 5.40
N GLY G 117 -20.93 38.72 4.59
CA GLY G 117 -21.41 39.46 3.43
C GLY G 117 -21.30 38.73 2.10
N LYS G 118 -21.06 37.43 2.13
CA LYS G 118 -20.94 36.65 0.91
C LYS G 118 -22.02 36.95 -0.14
N THR G 119 -23.27 36.67 0.22
CA THR G 119 -24.38 36.90 -0.71
C THR G 119 -24.39 38.30 -1.34
N THR G 120 -24.34 39.35 -0.52
CA THR G 120 -24.37 40.70 -1.06
C THR G 120 -23.24 41.02 -2.03
N THR G 121 -22.05 40.53 -1.73
CA THR G 121 -20.92 40.79 -2.60
C THR G 121 -21.15 40.06 -3.91
N LEU G 122 -21.63 38.82 -3.80
CA LEU G 122 -21.93 37.97 -4.96
C LEU G 122 -22.90 38.73 -5.88
N ALA G 123 -23.86 39.42 -5.27
CA ALA G 123 -24.86 40.21 -5.98
C ALA G 123 -24.20 41.36 -6.72
N LYS G 124 -23.48 42.19 -5.97
CA LYS G 124 -22.76 43.33 -6.55
C LYS G 124 -22.02 42.93 -7.83
N LEU G 125 -21.14 41.94 -7.73
CA LEU G 125 -20.38 41.46 -8.90
C LEU G 125 -21.29 41.07 -10.08
N ALA G 126 -22.35 40.32 -9.80
CA ALA G 126 -23.29 39.88 -10.82
C ALA G 126 -23.70 41.08 -11.67
N ALA G 127 -24.33 42.06 -11.04
CA ALA G 127 -24.77 43.27 -11.73
C ALA G 127 -23.62 43.87 -12.54
N ILE G 128 -22.51 44.12 -11.86
CA ILE G 128 -21.34 44.71 -12.49
C ILE G 128 -20.83 43.89 -13.68
N SER G 129 -21.08 42.59 -13.66
CA SER G 129 -20.64 41.74 -14.76
C SER G 129 -21.68 41.75 -15.90
N MET G 130 -22.90 42.15 -15.56
CA MET G 130 -23.99 42.20 -16.54
C MET G 130 -24.30 43.62 -17.02
N LEU G 131 -24.71 44.47 -16.10
CA LEU G 131 -25.05 45.86 -16.42
C LEU G 131 -23.83 46.74 -16.57
N GLU G 132 -22.80 46.25 -17.25
CA GLU G 132 -21.60 47.05 -17.41
C GLU G 132 -20.62 46.45 -18.41
N LYS G 133 -20.19 45.22 -18.15
CA LYS G 133 -19.26 44.53 -19.05
C LYS G 133 -20.05 43.82 -20.13
N HIS G 134 -21.38 44.00 -20.06
CA HIS G 134 -22.32 43.41 -21.00
C HIS G 134 -22.03 41.93 -21.23
N LYS G 135 -22.36 41.13 -20.21
CA LYS G 135 -22.13 39.69 -20.24
C LYS G 135 -23.33 38.92 -19.70
N LYS G 136 -23.53 37.71 -20.20
CA LYS G 136 -24.64 36.88 -19.74
C LYS G 136 -24.37 36.41 -18.32
N ILE G 137 -25.42 36.38 -17.50
CA ILE G 137 -25.29 35.98 -16.10
C ILE G 137 -26.26 34.87 -15.68
N ALA G 138 -25.80 34.02 -14.77
CA ALA G 138 -26.59 32.91 -14.23
C ALA G 138 -26.15 32.59 -12.79
N PHE G 139 -27.09 32.20 -11.95
CA PHE G 139 -26.81 31.88 -10.54
C PHE G 139 -26.79 30.40 -10.17
N ILE G 140 -26.30 30.12 -8.96
CA ILE G 140 -26.19 28.76 -8.40
C ILE G 140 -25.93 28.86 -6.89
N THR G 141 -26.96 28.62 -6.08
CA THR G 141 -26.83 28.67 -4.63
C THR G 141 -26.53 27.31 -4.03
N THR G 142 -26.05 27.31 -2.80
CA THR G 142 -25.76 26.07 -2.08
C THR G 142 -26.20 26.32 -0.65
N ASP G 143 -26.63 27.55 -0.39
CA ASP G 143 -27.09 27.88 0.94
C ASP G 143 -28.37 27.10 1.17
N THR G 144 -28.22 25.90 1.72
CA THR G 144 -29.36 25.04 1.98
C THR G 144 -29.61 24.86 3.47
N TYR G 145 -28.53 24.74 4.24
CA TYR G 145 -28.59 24.54 5.69
C TYR G 145 -29.40 25.61 6.43
N ARG G 146 -29.19 26.86 6.07
CA ARG G 146 -29.87 27.98 6.70
C ARG G 146 -31.31 28.13 6.26
N ILE G 147 -32.19 28.29 7.24
CA ILE G 147 -33.63 28.45 7.02
C ILE G 147 -34.03 29.36 5.86
N ALA G 148 -34.46 28.74 4.76
CA ALA G 148 -34.91 29.45 3.57
C ALA G 148 -34.01 30.61 3.15
N ALA G 149 -32.75 30.30 2.88
CA ALA G 149 -31.81 31.32 2.45
C ALA G 149 -32.06 31.75 1.02
N VAL G 150 -32.18 30.77 0.13
CA VAL G 150 -32.41 31.00 -1.28
C VAL G 150 -33.42 32.12 -1.61
N GLU G 151 -34.51 32.19 -0.84
CA GLU G 151 -35.53 33.19 -1.08
C GLU G 151 -34.96 34.59 -1.30
N GLN G 152 -33.77 34.85 -0.75
CA GLN G 152 -33.14 36.16 -0.91
C GLN G 152 -32.44 36.33 -2.24
N LEU G 153 -31.57 35.39 -2.59
CA LEU G 153 -30.83 35.43 -3.85
C LEU G 153 -31.75 35.16 -5.03
N LYS G 154 -32.91 34.56 -4.77
CA LYS G 154 -33.84 34.26 -5.84
C LYS G 154 -34.48 35.57 -6.30
N THR G 155 -34.86 36.41 -5.34
CA THR G 155 -35.46 37.69 -5.71
C THR G 155 -34.42 38.57 -6.38
N TYR G 156 -33.14 38.21 -6.22
CA TYR G 156 -32.05 38.95 -6.84
C TYR G 156 -32.08 38.66 -8.33
N ALA G 157 -31.97 37.37 -8.67
CA ALA G 157 -32.01 36.94 -10.05
C ALA G 157 -33.26 37.46 -10.74
N GLU G 158 -34.40 37.35 -10.07
CA GLU G 158 -35.66 37.81 -10.62
C GLU G 158 -35.55 39.25 -11.15
N LEU G 159 -34.54 39.98 -10.67
CA LEU G 159 -34.34 41.35 -11.10
C LEU G 159 -33.25 41.45 -12.15
N LEU G 160 -32.24 40.58 -12.03
CA LEU G 160 -31.14 40.57 -12.97
C LEU G 160 -31.58 39.74 -14.18
N GLN G 161 -32.83 39.29 -14.11
CA GLN G 161 -33.42 38.47 -15.18
C GLN G 161 -32.52 37.28 -15.45
N ALA G 162 -32.15 36.57 -14.38
CA ALA G 162 -31.27 35.41 -14.46
C ALA G 162 -31.83 34.15 -13.78
N PRO G 163 -31.35 32.98 -14.21
CA PRO G 163 -31.71 31.64 -13.74
C PRO G 163 -30.97 31.14 -12.51
N LEU G 164 -31.71 30.81 -11.45
CA LEU G 164 -31.12 30.30 -10.23
C LEU G 164 -31.30 28.79 -10.11
N GLU G 165 -30.30 28.14 -9.52
CA GLU G 165 -30.29 26.69 -9.30
C GLU G 165 -29.81 26.30 -7.90
N VAL G 166 -30.74 25.84 -7.08
CA VAL G 166 -30.44 25.42 -5.72
C VAL G 166 -30.01 23.96 -5.72
N CYS G 167 -28.69 23.72 -5.63
CA CYS G 167 -28.14 22.37 -5.67
C CYS G 167 -27.88 21.78 -4.28
N TYR G 168 -28.65 20.75 -3.95
CA TYR G 168 -28.54 20.08 -2.65
C TYR G 168 -27.53 18.95 -2.66
N THR G 169 -26.94 18.68 -3.83
CA THR G 169 -25.95 17.61 -3.92
C THR G 169 -24.87 17.95 -4.93
N LYS G 170 -23.79 17.20 -4.91
CA LYS G 170 -22.68 17.44 -5.82
C LYS G 170 -23.12 17.16 -7.26
N GLU G 171 -24.10 16.28 -7.42
CA GLU G 171 -24.61 15.95 -8.74
C GLU G 171 -25.31 17.19 -9.27
N GLU G 172 -26.38 17.58 -8.59
CA GLU G 172 -27.16 18.75 -8.97
C GLU G 172 -26.23 19.88 -9.36
N PHE G 173 -25.25 20.17 -8.52
CA PHE G 173 -24.31 21.24 -8.79
C PHE G 173 -23.62 21.06 -10.13
N GLN G 174 -23.11 19.86 -10.38
CA GLN G 174 -22.43 19.58 -11.62
C GLN G 174 -23.35 19.59 -12.83
N GLN G 175 -24.61 19.26 -12.59
CA GLN G 175 -25.60 19.22 -13.67
C GLN G 175 -26.24 20.58 -13.93
N ALA G 176 -26.09 21.50 -12.98
CA ALA G 176 -26.63 22.85 -13.13
C ALA G 176 -25.58 23.67 -13.85
N LYS G 177 -24.35 23.15 -13.87
CA LYS G 177 -23.24 23.79 -14.55
C LYS G 177 -23.32 23.45 -16.03
N GLU G 178 -23.61 22.17 -16.30
CA GLU G 178 -23.74 21.67 -17.65
C GLU G 178 -25.00 22.27 -18.26
N LEU G 179 -25.81 22.89 -17.41
CA LEU G 179 -27.04 23.53 -17.84
C LEU G 179 -26.78 25.01 -18.06
N PHE G 180 -25.77 25.53 -17.39
CA PHE G 180 -25.42 26.93 -17.50
C PHE G 180 -24.11 27.20 -18.22
N SER G 181 -23.52 26.15 -18.79
CA SER G 181 -22.27 26.31 -19.52
C SER G 181 -22.53 27.20 -20.73
N GLU G 182 -23.79 27.64 -20.86
CA GLU G 182 -24.22 28.50 -21.95
C GLU G 182 -23.70 29.92 -21.71
N TYR G 183 -23.86 30.37 -20.48
CA TYR G 183 -23.46 31.72 -20.08
C TYR G 183 -21.96 31.94 -19.92
N ASP G 184 -21.59 33.23 -19.87
CA ASP G 184 -20.21 33.66 -19.71
C ASP G 184 -19.76 33.39 -18.27
N HIS G 185 -20.55 33.91 -17.33
CA HIS G 185 -20.23 33.74 -15.91
C HIS G 185 -21.44 33.21 -15.14
N VAL G 186 -21.16 32.31 -14.21
CA VAL G 186 -22.18 31.73 -13.36
C VAL G 186 -21.70 32.04 -11.94
N PHE G 187 -22.50 32.80 -11.20
CA PHE G 187 -22.15 33.20 -9.84
C PHE G 187 -22.62 32.26 -8.74
N VAL G 188 -21.69 31.41 -8.30
CA VAL G 188 -21.95 30.42 -7.26
C VAL G 188 -21.95 31.00 -5.86
N ASP G 189 -23.06 30.86 -5.15
CA ASP G 189 -23.17 31.34 -3.79
C ASP G 189 -23.21 30.14 -2.85
N THR G 190 -22.68 30.29 -1.63
CA THR G 190 -22.67 29.17 -0.68
C THR G 190 -23.20 29.46 0.72
N ALA G 191 -23.08 28.48 1.61
CA ALA G 191 -23.56 28.56 2.99
C ALA G 191 -22.51 29.03 4.00
N GLY G 192 -23.00 29.64 5.09
CA GLY G 192 -22.12 30.14 6.13
C GLY G 192 -21.96 29.16 7.27
N ARG G 193 -20.77 28.59 7.40
CA ARG G 193 -20.48 27.61 8.42
C ARG G 193 -19.29 28.00 9.30
N ASN G 194 -19.25 27.45 10.51
CA ASN G 194 -18.13 27.69 11.41
C ASN G 194 -16.97 26.91 10.81
N PHE G 195 -16.27 27.53 9.87
CA PHE G 195 -15.15 26.90 9.17
C PHE G 195 -13.95 26.42 9.98
N LYS G 196 -13.79 26.90 11.21
CA LYS G 196 -12.64 26.46 12.00
C LYS G 196 -12.71 24.94 12.24
N ASP G 197 -13.88 24.37 12.00
CA ASP G 197 -14.10 22.94 12.14
C ASP G 197 -13.92 22.31 10.74
N PRO G 198 -12.82 21.56 10.53
CA PRO G 198 -12.53 20.91 9.25
C PRO G 198 -13.68 20.10 8.64
N GLN G 199 -14.67 19.78 9.46
CA GLN G 199 -15.82 19.02 9.00
C GLN G 199 -16.59 19.75 7.90
N TYR G 200 -16.52 21.08 7.91
CA TYR G 200 -17.23 21.89 6.92
C TYR G 200 -16.40 22.27 5.70
N ILE G 201 -15.07 22.13 5.79
CA ILE G 201 -14.20 22.46 4.67
C ILE G 201 -14.25 21.32 3.66
N ASP G 202 -14.47 20.11 4.19
CA ASP G 202 -14.57 18.91 3.35
C ASP G 202 -15.91 18.99 2.61
N GLU G 203 -16.91 19.53 3.30
CA GLU G 203 -18.24 19.70 2.75
C GLU G 203 -18.24 20.62 1.53
N LEU G 204 -17.49 21.72 1.60
CA LEU G 204 -17.41 22.66 0.48
C LEU G 204 -16.76 21.99 -0.72
N LYS G 205 -15.76 21.16 -0.46
CA LYS G 205 -15.03 20.46 -1.52
C LYS G 205 -15.84 19.31 -2.09
N GLU G 206 -16.96 19.00 -1.44
CA GLU G 206 -17.86 17.94 -1.89
C GLU G 206 -18.73 18.53 -2.99
N THR G 207 -19.59 19.46 -2.60
CA THR G 207 -20.50 20.12 -3.52
C THR G 207 -19.79 20.65 -4.77
N ILE G 208 -18.62 21.25 -4.58
CA ILE G 208 -17.86 21.81 -5.70
C ILE G 208 -16.53 21.10 -5.93
N PRO G 209 -16.41 20.40 -7.08
CA PRO G 209 -15.19 19.66 -7.46
C PRO G 209 -13.99 20.56 -7.77
N PHE G 210 -14.19 21.87 -7.74
CA PHE G 210 -13.12 22.83 -7.99
C PHE G 210 -12.18 22.48 -9.15
N GLU G 211 -12.74 22.31 -10.34
CA GLU G 211 -11.92 22.00 -11.50
C GLU G 211 -11.19 23.28 -11.87
N SER G 212 -10.75 23.37 -13.12
CA SER G 212 -10.04 24.54 -13.59
C SER G 212 -10.98 25.67 -14.04
N SER G 213 -12.22 25.30 -14.35
CA SER G 213 -13.21 26.27 -14.82
C SER G 213 -13.60 27.28 -13.75
N ILE G 214 -13.38 26.90 -12.50
CA ILE G 214 -13.75 27.75 -11.37
C ILE G 214 -12.69 28.76 -10.92
N GLN G 215 -13.18 29.90 -10.46
CA GLN G 215 -12.37 31.01 -9.97
C GLN G 215 -12.96 31.43 -8.64
N SER G 216 -12.44 30.84 -7.57
CA SER G 216 -12.91 31.07 -6.20
C SER G 216 -12.31 32.24 -5.40
N PHE G 217 -13.17 32.91 -4.64
CA PHE G 217 -12.79 34.05 -3.81
C PHE G 217 -13.10 33.76 -2.33
N LEU G 218 -12.11 33.93 -1.45
CA LEU G 218 -12.29 33.72 -0.01
C LEU G 218 -12.72 35.04 0.64
N VAL G 219 -13.86 35.04 1.32
CA VAL G 219 -14.38 36.25 1.93
C VAL G 219 -14.31 36.30 3.45
N LEU G 220 -13.74 37.39 3.95
CA LEU G 220 -13.59 37.65 5.38
C LEU G 220 -14.00 39.10 5.59
N SER G 221 -14.18 39.49 6.84
CA SER G 221 -14.55 40.88 7.15
C SER G 221 -13.43 41.51 7.97
N ALA G 222 -13.05 42.73 7.60
CA ALA G 222 -11.98 43.42 8.31
C ALA G 222 -12.27 43.56 9.81
N THR G 223 -13.52 43.34 10.19
CA THR G 223 -13.92 43.44 11.59
C THR G 223 -13.40 42.31 12.47
N ALA G 224 -12.98 41.21 11.86
CA ALA G 224 -12.50 40.07 12.62
C ALA G 224 -11.10 40.24 13.16
N LYS G 225 -10.82 39.54 14.25
CA LYS G 225 -9.52 39.60 14.90
C LYS G 225 -8.52 38.70 14.19
N TYR G 226 -7.40 39.28 13.80
CA TYR G 226 -6.34 38.56 13.11
C TYR G 226 -6.15 37.14 13.64
N GLU G 227 -6.06 37.03 14.96
CA GLU G 227 -5.84 35.73 15.58
C GLU G 227 -6.93 34.74 15.15
N ASP G 228 -8.06 35.26 14.72
CA ASP G 228 -9.16 34.42 14.27
C ASP G 228 -9.02 34.10 12.79
N MET G 229 -8.85 35.13 11.96
CA MET G 229 -8.69 34.91 10.54
C MET G 229 -7.58 33.90 10.36
N LYS G 230 -6.52 34.06 11.13
CA LYS G 230 -5.37 33.16 11.03
C LYS G 230 -5.81 31.70 10.99
N HIS G 231 -6.47 31.25 12.05
CA HIS G 231 -6.93 29.87 12.15
C HIS G 231 -7.80 29.42 10.98
N ILE G 232 -8.64 30.33 10.48
CA ILE G 232 -9.51 29.99 9.37
C ILE G 232 -8.88 30.40 8.04
N VAL G 233 -7.61 30.07 7.89
CA VAL G 233 -6.87 30.35 6.66
C VAL G 233 -5.95 29.16 6.46
N LYS G 234 -5.96 28.26 7.43
CA LYS G 234 -5.17 27.05 7.39
C LYS G 234 -6.09 25.89 7.04
N ARG G 235 -7.39 26.12 7.15
CA ARG G 235 -8.35 25.08 6.82
C ARG G 235 -8.48 25.09 5.30
N PHE G 236 -8.56 26.30 4.77
CA PHE G 236 -8.70 26.55 3.33
C PHE G 236 -7.38 26.39 2.59
N SER G 237 -6.31 26.09 3.31
CA SER G 237 -5.02 25.94 2.67
C SER G 237 -5.07 24.86 1.59
N SER G 238 -6.02 23.95 1.71
CA SER G 238 -6.18 22.85 0.75
C SER G 238 -7.09 23.20 -0.43
N VAL G 239 -8.18 23.91 -0.16
CA VAL G 239 -9.12 24.30 -1.21
C VAL G 239 -8.58 25.54 -1.91
N PRO G 240 -8.10 25.39 -3.15
CA PRO G 240 -7.56 26.52 -3.90
C PRO G 240 -8.45 27.77 -3.88
N VAL G 241 -7.80 28.92 -3.69
CA VAL G 241 -8.49 30.20 -3.62
C VAL G 241 -7.74 31.22 -4.48
N ASN G 242 -8.42 31.79 -5.48
CA ASN G 242 -7.80 32.75 -6.38
C ASN G 242 -7.53 34.10 -5.73
N GLN G 243 -8.56 34.76 -5.23
CA GLN G 243 -8.40 36.05 -4.61
C GLN G 243 -9.05 36.10 -3.23
N TYR G 244 -9.02 37.29 -2.65
CA TYR G 244 -9.59 37.53 -1.34
C TYR G 244 -10.68 38.55 -1.49
N ILE G 245 -11.60 38.58 -0.55
CA ILE G 245 -12.63 39.58 -0.57
C ILE G 245 -12.84 39.92 0.88
N PHE G 246 -12.42 41.13 1.24
CA PHE G 246 -12.53 41.63 2.59
C PHE G 246 -13.72 42.58 2.58
N THR G 247 -14.71 42.26 3.38
CA THR G 247 -15.91 43.06 3.44
C THR G 247 -15.98 43.91 4.68
N LYS G 248 -16.74 45.00 4.61
CA LYS G 248 -16.93 45.91 5.73
C LYS G 248 -15.73 46.77 6.13
N ILE G 249 -14.89 47.16 5.17
CA ILE G 249 -13.76 48.01 5.51
C ILE G 249 -14.26 49.42 5.79
N ASP G 250 -15.53 49.52 6.16
CA ASP G 250 -16.16 50.80 6.47
C ASP G 250 -16.87 50.69 7.81
N GLU G 251 -16.67 49.54 8.47
CA GLU G 251 -17.29 49.29 9.77
C GLU G 251 -16.26 49.07 10.88
N THR G 252 -14.97 49.16 10.53
CA THR G 252 -13.88 48.95 11.49
C THR G 252 -13.03 50.18 11.87
N THR G 253 -12.01 49.95 12.69
CA THR G 253 -11.11 51.01 13.17
C THR G 253 -9.82 51.05 12.37
N SER G 254 -9.21 49.89 12.19
CA SER G 254 -7.98 49.78 11.44
C SER G 254 -8.01 48.58 10.50
N LEU G 255 -7.04 48.51 9.61
CA LEU G 255 -6.96 47.41 8.67
C LEU G 255 -5.68 46.64 8.93
N GLY G 256 -5.10 46.89 10.10
CA GLY G 256 -3.86 46.21 10.47
C GLY G 256 -4.09 44.72 10.49
N SER G 257 -5.22 44.31 11.07
CA SER G 257 -5.60 42.90 11.16
C SER G 257 -5.48 42.33 9.77
N VAL G 258 -6.11 43.01 8.83
CA VAL G 258 -6.10 42.58 7.44
C VAL G 258 -4.66 42.49 6.93
N PHE G 259 -3.86 43.51 7.21
CA PHE G 259 -2.46 43.50 6.77
C PHE G 259 -1.78 42.25 7.31
N ASN G 260 -2.01 41.95 8.59
CA ASN G 260 -1.41 40.78 9.23
C ASN G 260 -1.73 39.47 8.52
N ILE G 261 -2.99 39.29 8.12
CA ILE G 261 -3.41 38.09 7.39
C ILE G 261 -2.82 38.11 5.98
N LEU G 262 -3.02 39.22 5.30
CA LEU G 262 -2.52 39.40 3.94
C LEU G 262 -1.03 39.11 3.94
N ALA G 263 -0.28 39.90 4.72
CA ALA G 263 1.17 39.74 4.82
C ALA G 263 1.64 38.29 4.75
N GLU G 264 1.02 37.44 5.57
CA GLU G 264 1.39 36.02 5.62
C GLU G 264 0.57 35.13 4.70
N SER G 265 0.34 35.57 3.46
CA SER G 265 -0.43 34.80 2.50
C SER G 265 0.13 34.84 1.08
N LYS G 266 -0.04 33.73 0.36
CA LYS G 266 0.45 33.60 -1.00
C LYS G 266 -0.32 34.40 -2.06
N ILE G 267 -1.55 34.80 -1.76
CA ILE G 267 -2.31 35.55 -2.77
C ILE G 267 -3.00 36.83 -2.31
N GLY G 268 -3.01 37.81 -3.21
CA GLY G 268 -3.61 39.09 -2.93
C GLY G 268 -5.12 39.07 -2.78
N VAL G 269 -5.73 40.24 -2.97
CA VAL G 269 -7.18 40.38 -2.83
C VAL G 269 -7.86 40.64 -4.19
N GLY G 270 -9.15 40.35 -4.26
CA GLY G 270 -9.89 40.56 -5.49
C GLY G 270 -10.75 41.80 -5.39
N PHE G 271 -11.52 41.92 -4.32
CA PHE G 271 -12.40 43.07 -4.12
C PHE G 271 -12.54 43.40 -2.64
N MET G 272 -13.09 44.58 -2.35
CA MET G 272 -13.31 45.03 -0.98
C MET G 272 -14.56 45.88 -0.88
N THR G 273 -15.63 45.32 -0.32
CA THR G 273 -16.88 46.05 -0.17
C THR G 273 -16.68 47.15 0.87
N ASN G 274 -17.62 48.09 0.94
CA ASN G 274 -17.54 49.19 1.90
C ASN G 274 -18.88 49.91 2.13
N GLY G 275 -19.96 49.13 2.19
CA GLY G 275 -21.29 49.69 2.40
C GLY G 275 -22.42 48.69 2.16
N GLN G 276 -23.66 49.08 2.44
CA GLN G 276 -24.80 48.19 2.25
C GLN G 276 -25.51 48.36 0.89
N ASN G 277 -25.33 49.53 0.29
CA ASN G 277 -25.97 49.83 -0.99
C ASN G 277 -25.37 48.98 -2.10
N VAL G 278 -26.24 48.35 -2.89
CA VAL G 278 -25.81 47.51 -3.99
C VAL G 278 -26.20 48.11 -5.34
N PRO G 279 -25.27 48.08 -6.31
CA PRO G 279 -23.92 47.53 -6.23
C PRO G 279 -22.88 48.67 -6.25
N GLU G 280 -23.11 49.69 -5.44
CA GLU G 280 -22.21 50.84 -5.40
C GLU G 280 -21.02 50.71 -4.47
N ASP G 281 -21.10 49.82 -3.47
CA ASP G 281 -20.01 49.69 -2.51
C ASP G 281 -19.18 48.41 -2.56
N ILE G 282 -18.24 48.38 -3.50
CA ILE G 282 -17.35 47.25 -3.68
C ILE G 282 -16.26 47.83 -4.56
N GLN G 283 -15.02 47.45 -4.33
CA GLN G 283 -13.93 48.01 -5.13
C GLN G 283 -12.65 47.21 -5.11
N THR G 284 -11.76 47.58 -6.03
CA THR G 284 -10.45 46.95 -6.17
C THR G 284 -9.38 47.93 -5.72
N VAL G 285 -8.24 47.39 -5.30
CA VAL G 285 -7.11 48.20 -4.83
C VAL G 285 -5.82 47.43 -4.94
N SER G 286 -4.80 48.06 -5.53
CA SER G 286 -3.50 47.42 -5.67
C SER G 286 -2.81 47.53 -4.31
N PRO G 287 -1.77 46.71 -4.08
CA PRO G 287 -1.06 46.74 -2.80
C PRO G 287 -0.82 48.14 -2.25
N LEU G 288 0.06 48.92 -2.90
CA LEU G 288 0.35 50.27 -2.43
C LEU G 288 -0.92 51.08 -2.20
N GLY G 289 -1.99 50.65 -2.85
CA GLY G 289 -3.26 51.34 -2.69
C GLY G 289 -3.86 50.93 -1.36
N PHE G 290 -3.68 49.67 -0.99
CA PHE G 290 -4.19 49.16 0.27
C PHE G 290 -3.38 49.78 1.40
N VAL G 291 -2.06 49.70 1.26
CA VAL G 291 -1.16 50.25 2.26
C VAL G 291 -1.62 51.64 2.67
N ARG G 292 -1.71 52.55 1.70
CA ARG G 292 -2.13 53.91 1.97
C ARG G 292 -3.34 54.02 2.90
N MET G 293 -4.17 52.98 2.98
CA MET G 293 -5.33 53.01 3.85
C MET G 293 -4.94 52.88 5.32
N LEU G 294 -3.94 52.05 5.59
CA LEU G 294 -3.47 51.86 6.96
C LEU G 294 -2.88 53.17 7.49
N CYS G 295 -2.33 53.98 6.61
CA CYS G 295 -1.76 55.27 6.98
C CYS G 295 -2.91 56.20 7.37
N ARG G 296 -3.54 55.89 8.51
CA ARG G 296 -4.68 56.67 9.01
C ARG G 296 -4.52 58.17 8.82
N PRO H 39 -6.53 -45.85 -42.43
CA PRO H 39 -5.15 -45.50 -42.06
C PRO H 39 -4.15 -46.60 -42.40
N GLU H 40 -3.17 -46.28 -43.24
CA GLU H 40 -2.14 -47.25 -43.61
C GLU H 40 -0.75 -46.83 -43.09
N PRO H 41 -0.10 -45.83 -43.73
CA PRO H 41 1.22 -45.47 -43.20
C PRO H 41 1.02 -44.64 -41.94
N LEU H 42 -0.20 -44.14 -41.76
CA LEU H 42 -0.51 -43.36 -40.57
C LEU H 42 -0.40 -44.29 -39.37
N ARG H 43 -0.47 -45.60 -39.62
CA ARG H 43 -0.33 -46.57 -38.55
C ARG H 43 1.13 -46.49 -38.14
N LYS H 44 1.98 -46.40 -39.15
CA LYS H 44 3.42 -46.30 -38.95
C LYS H 44 3.71 -45.11 -38.03
N ALA H 45 2.94 -44.04 -38.21
CA ALA H 45 3.09 -42.84 -37.40
C ALA H 45 2.68 -43.07 -35.95
N GLU H 46 1.38 -43.28 -35.71
CA GLU H 46 0.89 -43.51 -34.35
C GLU H 46 1.68 -44.60 -33.64
N LYS H 47 2.41 -45.42 -34.41
CA LYS H 47 3.21 -46.47 -33.83
C LYS H 47 4.55 -45.91 -33.39
N LEU H 48 5.13 -45.05 -34.23
CA LEU H 48 6.41 -44.41 -33.92
C LEU H 48 6.15 -43.47 -32.75
N LEU H 49 5.29 -42.49 -32.98
CA LEU H 49 4.92 -41.53 -31.97
C LEU H 49 4.65 -42.26 -30.67
N GLN H 50 4.13 -43.48 -30.78
CA GLN H 50 3.86 -44.26 -29.59
C GLN H 50 5.17 -44.58 -28.91
N GLU H 51 6.10 -45.13 -29.68
CA GLU H 51 7.40 -45.49 -29.14
C GLU H 51 8.22 -44.35 -28.50
N THR H 52 7.77 -43.11 -28.64
CA THR H 52 8.50 -42.02 -28.00
C THR H 52 7.85 -41.84 -26.64
N GLY H 53 8.38 -40.94 -25.82
CA GLY H 53 7.79 -40.72 -24.51
C GLY H 53 6.60 -39.78 -24.64
N ILE H 54 6.60 -39.01 -25.73
CA ILE H 54 5.56 -38.04 -26.01
C ILE H 54 4.23 -38.36 -25.32
N LYS H 55 3.69 -37.39 -24.59
CA LYS H 55 2.43 -37.63 -23.91
C LYS H 55 1.28 -37.72 -24.92
N GLU H 56 0.24 -38.45 -24.56
CA GLU H 56 -0.94 -38.64 -25.41
C GLU H 56 -1.37 -37.35 -26.08
N SER H 57 -1.62 -36.34 -25.26
CA SER H 57 -2.05 -35.02 -25.74
C SER H 57 -1.28 -34.54 -26.95
N THR H 58 0.04 -34.68 -26.89
CA THR H 58 0.90 -34.24 -27.99
C THR H 58 0.80 -35.15 -29.19
N LYS H 59 0.93 -36.45 -28.96
CA LYS H 59 0.86 -37.43 -30.03
C LYS H 59 -0.44 -37.36 -30.82
N THR H 60 -1.58 -37.50 -30.16
CA THR H 60 -2.82 -37.46 -30.91
C THR H 60 -2.81 -36.18 -31.73
N ASN H 61 -2.31 -35.11 -31.12
CA ASN H 61 -2.27 -33.82 -31.80
C ASN H 61 -1.29 -33.72 -32.96
N THR H 62 -0.34 -34.63 -33.02
CA THR H 62 0.63 -34.63 -34.10
C THR H 62 -0.03 -35.32 -35.28
N LEU H 63 -0.83 -36.33 -34.97
CA LEU H 63 -1.55 -37.07 -36.00
C LEU H 63 -2.63 -36.17 -36.58
N LYS H 64 -3.38 -35.51 -35.70
CA LYS H 64 -4.45 -34.61 -36.14
C LYS H 64 -3.94 -33.50 -37.05
N LYS H 65 -2.62 -33.34 -37.12
CA LYS H 65 -2.02 -32.33 -37.97
C LYS H 65 -1.35 -33.05 -39.13
N LEU H 66 -0.91 -34.27 -38.87
CA LEU H 66 -0.22 -35.09 -39.86
C LEU H 66 -1.09 -35.40 -41.07
N LEU H 67 -2.38 -35.61 -40.84
CA LEU H 67 -3.29 -35.92 -41.93
C LEU H 67 -3.99 -34.68 -42.46
N ARG H 68 -4.33 -33.75 -41.56
CA ARG H 68 -4.98 -32.50 -41.96
C ARG H 68 -4.10 -31.77 -42.96
N PHE H 69 -2.79 -32.03 -42.89
CA PHE H 69 -1.82 -31.40 -43.78
C PHE H 69 -1.36 -32.41 -44.81
N SER H 70 -2.21 -33.40 -45.08
CA SER H 70 -1.90 -34.43 -46.05
C SER H 70 -3.17 -34.96 -46.71
N VAL H 71 -4.30 -34.34 -46.36
CA VAL H 71 -5.58 -34.73 -46.94
C VAL H 71 -5.94 -33.69 -48.00
N GLU H 72 -5.50 -32.46 -47.77
CA GLU H 72 -5.75 -31.36 -48.69
C GLU H 72 -4.49 -31.04 -49.48
N ALA H 73 -3.41 -31.74 -49.12
CA ALA H 73 -2.12 -31.57 -49.77
C ALA H 73 -1.79 -32.80 -50.62
N GLY H 74 -0.51 -33.12 -50.69
CA GLY H 74 -0.07 -34.26 -51.49
C GLY H 74 -0.43 -35.63 -50.94
N GLY H 75 0.41 -36.62 -51.27
CA GLY H 75 0.17 -37.98 -50.83
C GLY H 75 1.22 -38.55 -49.90
N LEU H 76 0.77 -39.10 -48.77
CA LEU H 76 1.64 -39.69 -47.77
C LEU H 76 2.12 -41.08 -48.16
N THR H 77 3.35 -41.14 -48.68
CA THR H 77 3.94 -42.41 -49.08
C THR H 77 4.34 -43.20 -47.83
N GLU H 78 4.25 -44.52 -47.91
CA GLU H 78 4.62 -45.38 -46.78
C GLU H 78 6.05 -45.10 -46.33
N GLU H 79 6.69 -44.17 -47.02
CA GLU H 79 8.06 -43.78 -46.73
C GLU H 79 8.14 -42.46 -45.94
N ASN H 80 7.81 -41.36 -46.59
CA ASN H 80 7.87 -40.03 -45.97
C ASN H 80 6.92 -39.79 -44.81
N VAL H 81 6.52 -40.86 -44.13
CA VAL H 81 5.63 -40.71 -42.97
C VAL H 81 6.43 -40.03 -41.89
N VAL H 82 7.72 -40.37 -41.85
CA VAL H 82 8.64 -39.83 -40.87
C VAL H 82 9.08 -38.42 -41.25
N GLY H 83 9.00 -38.10 -42.54
CA GLY H 83 9.40 -36.79 -43.00
C GLY H 83 8.66 -35.67 -42.28
N LYS H 84 7.37 -35.53 -42.59
CA LYS H 84 6.53 -34.49 -42.00
C LYS H 84 6.39 -34.66 -40.49
N LEU H 85 6.66 -35.87 -40.00
CA LEU H 85 6.55 -36.14 -38.57
C LEU H 85 7.54 -35.26 -37.81
N GLN H 86 8.83 -35.50 -38.02
CA GLN H 86 9.89 -34.74 -37.35
C GLN H 86 9.71 -33.26 -37.64
N GLU H 87 9.34 -32.96 -38.88
CA GLU H 87 9.13 -31.58 -39.30
C GLU H 87 8.08 -30.89 -38.45
N ILE H 88 7.10 -31.66 -37.97
CA ILE H 88 6.06 -31.09 -37.13
C ILE H 88 6.56 -31.06 -35.68
N LEU H 89 7.25 -32.13 -35.28
CA LEU H 89 7.78 -32.23 -33.92
C LEU H 89 8.72 -31.07 -33.65
N CYS H 90 9.60 -30.80 -34.61
CA CYS H 90 10.55 -29.72 -34.48
C CYS H 90 9.83 -28.38 -34.28
N ASP H 91 8.79 -28.13 -35.07
CA ASP H 91 8.03 -26.88 -34.97
C ASP H 91 7.41 -26.60 -33.61
N MET H 92 7.56 -27.54 -32.68
CA MET H 92 7.01 -27.37 -31.34
C MET H 92 8.10 -26.96 -30.36
N LEU H 93 9.34 -27.32 -30.67
CA LEU H 93 10.48 -26.96 -29.81
C LEU H 93 10.84 -25.52 -30.11
N PRO H 94 11.30 -24.78 -29.09
CA PRO H 94 11.69 -23.38 -29.21
C PRO H 94 12.64 -23.09 -30.37
N SER H 95 12.48 -21.89 -30.95
CA SER H 95 13.26 -21.42 -32.09
C SER H 95 14.55 -22.17 -32.38
N ALA H 96 14.75 -22.51 -33.65
CA ALA H 96 15.94 -23.23 -34.09
C ALA H 96 17.24 -22.59 -33.62
N ASP H 97 17.27 -21.27 -33.58
CA ASP H 97 18.47 -20.55 -33.17
C ASP H 97 18.69 -20.45 -31.67
N LYS H 98 17.75 -20.96 -30.88
CA LYS H 98 17.91 -20.89 -29.43
C LYS H 98 18.49 -22.19 -28.89
N TRP H 99 19.33 -22.81 -29.71
CA TRP H 99 20.00 -24.06 -29.38
C TRP H 99 21.48 -23.96 -29.78
N GLN H 100 22.36 -24.50 -28.96
CA GLN H 100 23.80 -24.50 -29.23
C GLN H 100 24.51 -23.18 -28.98
N GLU H 101 24.08 -22.44 -27.97
CA GLU H 101 24.75 -21.17 -27.67
C GLU H 101 26.20 -21.44 -27.31
N PRO H 102 27.12 -20.59 -27.79
CA PRO H 102 28.56 -20.76 -27.50
C PRO H 102 28.88 -20.16 -26.14
N ILE H 103 29.98 -20.59 -25.53
CA ILE H 103 30.35 -20.06 -24.22
C ILE H 103 31.24 -18.82 -24.38
N HIS H 104 30.74 -17.66 -23.93
CA HIS H 104 31.49 -16.42 -24.03
C HIS H 104 31.53 -15.67 -22.71
N SER H 105 30.37 -15.51 -22.08
CA SER H 105 30.30 -14.80 -20.80
C SER H 105 31.41 -15.31 -19.91
N LYS H 106 31.89 -14.47 -19.00
CA LYS H 106 32.98 -14.87 -18.11
C LYS H 106 32.59 -16.03 -17.20
N TYR H 107 31.43 -15.91 -16.55
CA TYR H 107 31.00 -16.98 -15.66
C TYR H 107 29.99 -17.95 -16.26
N ILE H 108 30.17 -19.23 -15.92
CA ILE H 108 29.32 -20.30 -16.39
C ILE H 108 28.95 -21.12 -15.15
N VAL H 109 27.69 -21.05 -14.72
CA VAL H 109 27.26 -21.80 -13.55
C VAL H 109 26.32 -22.91 -13.95
N LEU H 110 26.42 -24.06 -13.26
CA LEU H 110 25.55 -25.20 -13.54
C LEU H 110 24.85 -25.74 -12.28
N PHE H 111 23.53 -25.61 -12.25
CA PHE H 111 22.72 -26.13 -11.14
C PHE H 111 21.86 -27.27 -11.68
N GLY H 112 21.29 -28.08 -10.80
CA GLY H 112 20.48 -29.19 -11.27
C GLY H 112 19.93 -30.13 -10.20
N SER H 113 19.74 -31.39 -10.58
CA SER H 113 19.17 -32.36 -9.67
C SER H 113 20.14 -33.41 -9.12
N THR H 114 19.81 -33.89 -7.93
CA THR H 114 20.59 -34.90 -7.22
C THR H 114 21.06 -36.05 -8.10
N GLY H 115 22.36 -36.14 -8.31
CA GLY H 115 22.91 -37.22 -9.12
C GLY H 115 22.73 -37.04 -10.61
N ALA H 116 22.39 -35.82 -11.03
CA ALA H 116 22.17 -35.54 -12.44
C ALA H 116 23.46 -35.59 -13.24
N GLY H 117 24.44 -34.80 -12.81
CA GLY H 117 25.72 -34.76 -13.49
C GLY H 117 26.32 -33.37 -13.62
N LYS H 118 26.05 -32.51 -12.64
CA LYS H 118 26.58 -31.15 -12.67
C LYS H 118 28.10 -31.14 -12.66
N THR H 119 28.69 -31.67 -11.59
CA THR H 119 30.14 -31.72 -11.44
C THR H 119 30.83 -32.31 -12.67
N THR H 120 30.53 -33.57 -12.98
CA THR H 120 31.12 -34.27 -14.12
C THR H 120 31.02 -33.50 -15.43
N THR H 121 29.93 -32.74 -15.58
CA THR H 121 29.71 -31.95 -16.79
C THR H 121 30.62 -30.72 -16.74
N LEU H 122 30.51 -29.98 -15.64
CA LEU H 122 31.32 -28.77 -15.43
C LEU H 122 32.74 -29.07 -15.90
N ALA H 123 33.20 -30.26 -15.56
CA ALA H 123 34.53 -30.71 -15.93
C ALA H 123 34.67 -30.74 -17.45
N LYS H 124 33.89 -31.61 -18.08
CA LYS H 124 33.95 -31.71 -19.53
C LYS H 124 33.95 -30.33 -20.15
N LEU H 125 33.12 -29.44 -19.62
CA LEU H 125 32.98 -28.06 -20.10
C LEU H 125 34.26 -27.24 -19.97
N ALA H 126 34.84 -27.22 -18.78
CA ALA H 126 36.07 -26.46 -18.56
C ALA H 126 37.13 -26.95 -19.53
N ALA H 127 37.53 -28.21 -19.36
CA ALA H 127 38.54 -28.84 -20.20
C ALA H 127 38.47 -28.45 -21.67
N ILE H 128 37.27 -28.51 -22.24
CA ILE H 128 37.08 -28.16 -23.64
C ILE H 128 37.58 -26.76 -23.93
N SER H 129 37.26 -25.84 -23.03
CA SER H 129 37.66 -24.44 -23.17
C SER H 129 39.18 -24.25 -23.15
N MET H 130 39.82 -24.66 -22.06
CA MET H 130 41.27 -24.53 -21.92
C MET H 130 42.05 -25.25 -23.01
N LEU H 131 42.34 -26.53 -22.78
CA LEU H 131 43.11 -27.36 -23.70
C LEU H 131 42.84 -27.08 -25.18
N GLU H 132 41.86 -27.80 -25.71
CA GLU H 132 41.50 -27.69 -27.12
C GLU H 132 41.31 -26.26 -27.59
N LYS H 133 40.54 -25.48 -26.84
CA LYS H 133 40.27 -24.09 -27.21
C LYS H 133 41.06 -23.04 -26.43
N HIS H 134 42.37 -23.27 -26.31
CA HIS H 134 43.33 -22.39 -25.63
C HIS H 134 42.70 -21.23 -24.85
N LYS H 135 42.68 -21.35 -23.52
CA LYS H 135 42.12 -20.31 -22.65
C LYS H 135 42.27 -20.61 -21.16
N LYS H 136 42.34 -19.55 -20.36
CA LYS H 136 42.51 -19.64 -18.91
C LYS H 136 41.28 -20.21 -18.20
N ILE H 137 41.50 -20.89 -17.08
CA ILE H 137 40.41 -21.51 -16.33
C ILE H 137 40.44 -21.31 -14.82
N ALA H 138 39.28 -20.98 -14.26
CA ALA H 138 39.14 -20.78 -12.83
C ALA H 138 37.79 -21.36 -12.39
N PHE H 139 37.76 -21.99 -11.22
CA PHE H 139 36.53 -22.60 -10.70
C PHE H 139 36.02 -21.86 -9.46
N ILE H 140 34.75 -22.08 -9.14
CA ILE H 140 34.09 -21.49 -7.97
C ILE H 140 32.95 -22.43 -7.59
N THR H 141 33.12 -23.17 -6.50
CA THR H 141 32.08 -24.11 -6.07
C THR H 141 31.19 -23.56 -4.98
N THR H 142 29.98 -24.12 -4.91
CA THR H 142 28.99 -23.70 -3.93
C THR H 142 28.51 -24.88 -3.10
N ASP H 143 28.89 -26.10 -3.47
CA ASP H 143 28.43 -27.27 -2.72
C ASP H 143 28.90 -27.17 -1.28
N THR H 144 28.06 -26.61 -0.43
CA THR H 144 28.38 -26.43 0.98
C THR H 144 27.73 -27.49 1.85
N TYR H 145 26.59 -28.00 1.42
CA TYR H 145 25.87 -29.00 2.21
C TYR H 145 26.43 -30.42 2.31
N ARG H 146 26.77 -31.05 1.19
CA ARG H 146 27.27 -32.42 1.26
C ARG H 146 28.62 -32.60 1.93
N ILE H 147 28.83 -33.80 2.45
CA ILE H 147 30.08 -34.16 3.14
C ILE H 147 31.18 -34.45 2.13
N ALA H 148 32.26 -33.66 2.19
CA ALA H 148 33.43 -33.80 1.33
C ALA H 148 33.11 -33.61 -0.17
N ALA H 149 31.86 -33.32 -0.47
CA ALA H 149 31.43 -33.12 -1.85
C ALA H 149 32.41 -32.27 -2.62
N VAL H 150 32.93 -31.24 -1.96
CA VAL H 150 33.87 -30.33 -2.60
C VAL H 150 35.14 -30.99 -3.08
N GLU H 151 35.82 -31.70 -2.19
CA GLU H 151 37.06 -32.35 -2.57
C GLU H 151 36.92 -33.19 -3.83
N GLN H 152 35.70 -33.66 -4.10
CA GLN H 152 35.46 -34.46 -5.30
C GLN H 152 35.96 -33.69 -6.51
N LEU H 153 35.78 -32.37 -6.46
CA LEU H 153 36.20 -31.49 -7.55
C LEU H 153 37.53 -30.83 -7.20
N LYS H 154 37.83 -30.75 -5.91
CA LYS H 154 39.08 -30.15 -5.45
C LYS H 154 40.20 -30.87 -6.17
N THR H 155 40.27 -32.18 -5.96
CA THR H 155 41.29 -33.00 -6.59
C THR H 155 41.04 -33.04 -8.09
N TYR H 156 39.80 -32.81 -8.49
CA TYR H 156 39.46 -32.83 -9.90
C TYR H 156 40.23 -31.74 -10.65
N ALA H 157 39.78 -30.50 -10.48
CA ALA H 157 40.40 -29.35 -11.14
C ALA H 157 41.92 -29.38 -11.15
N GLU H 158 42.52 -30.09 -10.19
CA GLU H 158 43.96 -30.18 -10.09
C GLU H 158 44.69 -30.70 -11.34
N LEU H 159 43.97 -31.37 -12.23
CA LEU H 159 44.58 -31.87 -13.46
C LEU H 159 44.56 -30.76 -14.50
N LEU H 160 43.94 -29.66 -14.10
CA LEU H 160 43.82 -28.47 -14.94
C LEU H 160 44.38 -27.28 -14.17
N GLN H 161 45.10 -27.59 -13.10
CA GLN H 161 45.72 -26.57 -12.23
C GLN H 161 44.89 -25.30 -12.17
N ALA H 162 43.59 -25.47 -11.90
CA ALA H 162 42.69 -24.34 -11.81
C ALA H 162 42.45 -24.06 -10.34
N PRO H 163 42.55 -22.78 -9.94
CA PRO H 163 42.34 -22.38 -8.55
C PRO H 163 40.90 -22.60 -8.10
N LEU H 164 40.65 -23.70 -7.40
CA LEU H 164 39.31 -23.99 -6.91
C LEU H 164 39.09 -23.27 -5.58
N GLU H 165 38.23 -22.27 -5.60
CA GLU H 165 37.95 -21.49 -4.40
C GLU H 165 36.56 -21.74 -3.82
N VAL H 166 36.51 -22.58 -2.79
CA VAL H 166 35.27 -22.95 -2.11
C VAL H 166 34.55 -21.75 -1.48
N CYS H 167 33.37 -21.43 -2.00
CA CYS H 167 32.57 -20.32 -1.50
C CYS H 167 31.36 -20.80 -0.70
N TYR H 168 31.21 -20.30 0.52
CA TYR H 168 30.11 -20.70 1.39
C TYR H 168 29.02 -19.65 1.51
N THR H 169 29.21 -18.49 0.90
CA THR H 169 28.21 -17.43 0.99
C THR H 169 28.19 -16.52 -0.23
N LYS H 170 27.18 -15.65 -0.27
CA LYS H 170 27.02 -14.69 -1.35
C LYS H 170 28.20 -13.74 -1.24
N GLU H 171 28.79 -13.72 -0.06
CA GLU H 171 29.95 -12.90 0.23
C GLU H 171 31.16 -13.62 -0.35
N GLU H 172 31.56 -14.71 0.31
CA GLU H 172 32.70 -15.50 -0.12
C GLU H 172 32.62 -15.76 -1.63
N PHE H 173 31.41 -15.84 -2.16
CA PHE H 173 31.23 -16.06 -3.59
C PHE H 173 31.64 -14.77 -4.31
N GLN H 174 30.90 -13.71 -4.05
CA GLN H 174 31.15 -12.40 -4.64
C GLN H 174 32.62 -12.00 -4.55
N GLN H 175 33.32 -12.53 -3.56
CA GLN H 175 34.73 -12.23 -3.36
C GLN H 175 35.65 -13.10 -4.21
N ALA H 176 35.34 -14.38 -4.31
CA ALA H 176 36.17 -15.26 -5.14
C ALA H 176 35.93 -14.80 -6.56
N LYS H 177 34.86 -14.04 -6.74
CA LYS H 177 34.47 -13.49 -8.02
C LYS H 177 35.51 -12.44 -8.39
N GLU H 178 35.96 -11.69 -7.39
CA GLU H 178 36.96 -10.65 -7.58
C GLU H 178 38.38 -11.21 -7.56
N LEU H 179 38.52 -12.43 -7.07
CA LEU H 179 39.82 -13.08 -7.02
C LEU H 179 40.31 -13.32 -8.44
N PHE H 180 39.37 -13.62 -9.33
CA PHE H 180 39.67 -13.86 -10.73
C PHE H 180 39.20 -12.64 -11.48
N SER H 181 39.95 -12.22 -12.48
CA SER H 181 39.58 -11.05 -13.25
C SER H 181 40.39 -11.05 -14.53
N GLU H 182 41.59 -11.62 -14.44
CA GLU H 182 42.50 -11.68 -15.57
C GLU H 182 42.33 -13.02 -16.27
N TYR H 183 41.17 -13.63 -16.06
CA TYR H 183 40.86 -14.92 -16.67
C TYR H 183 39.92 -14.73 -17.84
N ASP H 184 39.50 -15.84 -18.43
CA ASP H 184 38.58 -15.80 -19.55
C ASP H 184 37.21 -16.33 -19.12
N HIS H 185 37.18 -17.56 -18.63
CA HIS H 185 35.94 -18.17 -18.20
C HIS H 185 36.07 -18.94 -16.88
N VAL H 186 35.27 -18.55 -15.89
CA VAL H 186 35.27 -19.20 -14.58
C VAL H 186 34.02 -20.07 -14.42
N PHE H 187 34.23 -21.33 -14.04
CA PHE H 187 33.15 -22.27 -13.86
C PHE H 187 32.70 -22.44 -12.41
N VAL H 188 31.38 -22.48 -12.20
CA VAL H 188 30.79 -22.66 -10.87
C VAL H 188 30.10 -24.01 -10.73
N ASP H 189 29.98 -24.50 -9.51
CA ASP H 189 29.33 -25.77 -9.24
C ASP H 189 28.50 -25.50 -7.98
N THR H 190 27.28 -26.02 -7.94
CA THR H 190 26.42 -25.84 -6.77
C THR H 190 26.06 -27.20 -6.21
N ALA H 191 25.32 -27.20 -5.10
CA ALA H 191 24.93 -28.45 -4.48
C ALA H 191 23.61 -28.97 -5.04
N GLY H 192 23.41 -30.27 -4.93
CA GLY H 192 22.18 -30.89 -5.42
C GLY H 192 21.07 -30.77 -4.40
N ARG H 193 20.04 -30.02 -4.76
CA ARG H 193 18.89 -29.83 -3.88
C ARG H 193 17.60 -30.36 -4.49
N ASN H 194 16.60 -30.53 -3.64
CA ASN H 194 15.29 -30.99 -4.05
C ASN H 194 14.62 -29.68 -4.45
N PHE H 195 15.07 -29.11 -5.56
CA PHE H 195 14.53 -27.84 -6.03
C PHE H 195 13.03 -27.83 -6.22
N LYS H 196 12.37 -28.93 -5.87
CA LYS H 196 10.92 -29.00 -5.96
C LYS H 196 10.43 -28.22 -4.73
N ASP H 197 11.39 -27.81 -3.92
CA ASP H 197 11.11 -27.05 -2.70
C ASP H 197 11.84 -25.71 -2.80
N PRO H 198 11.10 -24.60 -2.97
CA PRO H 198 11.78 -23.30 -3.06
C PRO H 198 12.67 -23.01 -1.84
N GLN H 199 12.63 -23.90 -0.85
CA GLN H 199 13.44 -23.74 0.35
C GLN H 199 14.91 -23.85 -0.06
N TYR H 200 15.13 -24.10 -1.35
CA TYR H 200 16.47 -24.24 -1.90
C TYR H 200 16.62 -23.39 -3.15
N ILE H 201 15.50 -22.96 -3.71
CA ILE H 201 15.53 -22.12 -4.91
C ILE H 201 15.84 -20.71 -4.48
N ASP H 202 15.59 -20.41 -3.21
CA ASP H 202 15.89 -19.09 -2.69
C ASP H 202 17.29 -19.13 -2.09
N GLU H 203 17.78 -20.34 -1.81
CA GLU H 203 19.13 -20.51 -1.29
C GLU H 203 20.07 -20.20 -2.44
N LEU H 204 19.79 -20.81 -3.58
CA LEU H 204 20.60 -20.63 -4.78
C LEU H 204 20.41 -19.24 -5.39
N LYS H 205 19.24 -18.65 -5.18
CA LYS H 205 19.00 -17.32 -5.72
C LYS H 205 19.45 -16.24 -4.75
N GLU H 206 19.84 -16.65 -3.55
CA GLU H 206 20.31 -15.71 -2.53
C GLU H 206 21.80 -15.91 -2.24
N THR H 207 22.51 -16.35 -3.26
CA THR H 207 23.95 -16.59 -3.18
C THR H 207 24.58 -15.95 -4.41
N ILE H 208 24.45 -16.63 -5.54
CA ILE H 208 24.99 -16.12 -6.80
C ILE H 208 24.16 -14.91 -7.20
N PRO H 209 24.81 -13.89 -7.79
CA PRO H 209 24.16 -12.66 -8.25
C PRO H 209 23.42 -12.71 -9.60
N PHE H 210 23.94 -13.49 -10.54
CA PHE H 210 23.31 -13.61 -11.88
C PHE H 210 23.43 -12.31 -12.69
N GLU H 211 24.64 -11.91 -13.04
CA GLU H 211 24.84 -10.68 -13.82
C GLU H 211 24.96 -10.90 -15.32
N SER H 212 24.84 -9.83 -16.10
CA SER H 212 24.92 -9.89 -17.55
C SER H 212 26.18 -10.55 -18.11
N SER H 213 27.20 -10.71 -17.26
CA SER H 213 28.45 -11.34 -17.69
C SER H 213 28.39 -12.83 -17.33
N ILE H 214 27.21 -13.24 -16.86
CA ILE H 214 26.95 -14.61 -16.45
C ILE H 214 26.26 -15.38 -17.57
N GLN H 215 25.96 -16.66 -17.32
CA GLN H 215 25.32 -17.51 -18.31
C GLN H 215 25.15 -18.89 -17.66
N SER H 216 23.98 -19.16 -17.09
CA SER H 216 23.75 -20.44 -16.39
C SER H 216 23.04 -21.53 -17.20
N PHE H 217 23.42 -22.78 -16.94
CA PHE H 217 22.86 -23.95 -17.61
C PHE H 217 22.14 -24.89 -16.65
N LEU H 218 20.83 -25.09 -16.86
CA LEU H 218 20.05 -25.99 -16.01
C LEU H 218 20.37 -27.42 -16.40
N VAL H 219 20.77 -28.23 -15.43
CA VAL H 219 21.13 -29.60 -15.69
C VAL H 219 20.04 -30.56 -15.24
N LEU H 220 19.56 -31.36 -16.20
CA LEU H 220 18.52 -32.34 -15.94
C LEU H 220 18.92 -33.69 -16.51
N SER H 221 18.49 -34.76 -15.83
CA SER H 221 18.76 -36.12 -16.26
C SER H 221 17.75 -36.49 -17.35
N ALA H 222 18.14 -37.35 -18.28
CA ALA H 222 17.23 -37.74 -19.33
C ALA H 222 16.42 -38.95 -18.85
N THR H 223 16.75 -39.42 -17.66
CA THR H 223 16.07 -40.55 -17.05
C THR H 223 14.84 -40.08 -16.27
N ALA H 224 14.76 -38.78 -16.05
CA ALA H 224 13.70 -38.16 -15.30
C ALA H 224 12.31 -38.17 -15.97
N LYS H 225 11.29 -38.37 -15.13
CA LYS H 225 9.90 -38.39 -15.54
C LYS H 225 9.42 -36.97 -15.87
N TYR H 226 8.94 -36.76 -17.09
CA TYR H 226 8.47 -35.44 -17.49
C TYR H 226 7.64 -34.77 -16.40
N GLU H 227 6.71 -35.51 -15.81
CA GLU H 227 5.87 -34.94 -14.76
C GLU H 227 6.68 -34.52 -13.54
N ASP H 228 7.94 -34.93 -13.50
CA ASP H 228 8.85 -34.59 -12.40
C ASP H 228 9.61 -33.33 -12.80
N MET H 229 10.18 -33.34 -14.00
CA MET H 229 10.92 -32.20 -14.48
C MET H 229 9.97 -31.02 -14.49
N LYS H 230 8.72 -31.30 -14.80
CA LYS H 230 7.68 -30.29 -14.85
C LYS H 230 7.82 -29.32 -13.68
N HIS H 231 7.66 -29.85 -12.46
CA HIS H 231 7.77 -29.03 -11.26
C HIS H 231 9.10 -28.32 -11.18
N ILE H 232 10.19 -29.09 -11.22
CA ILE H 232 11.52 -28.52 -11.13
C ILE H 232 11.94 -27.66 -12.33
N VAL H 233 10.97 -26.97 -12.92
CA VAL H 233 11.24 -26.08 -14.05
C VAL H 233 10.41 -24.82 -13.84
N LYS H 234 9.42 -24.93 -12.95
CA LYS H 234 8.56 -23.81 -12.62
C LYS H 234 9.07 -23.14 -11.35
N ARG H 235 10.22 -23.63 -10.88
CA ARG H 235 10.84 -23.08 -9.70
C ARG H 235 12.01 -22.27 -10.21
N PHE H 236 12.65 -22.78 -11.25
CA PHE H 236 13.76 -22.09 -11.88
C PHE H 236 13.18 -21.06 -12.84
N SER H 237 11.89 -20.81 -12.66
CA SER H 237 11.17 -19.85 -13.48
C SER H 237 11.44 -18.43 -12.98
N SER H 238 12.34 -18.33 -11.99
CA SER H 238 12.72 -17.06 -11.40
C SER H 238 14.03 -16.59 -12.04
N VAL H 239 15.06 -17.44 -11.91
CA VAL H 239 16.40 -17.20 -12.44
C VAL H 239 16.57 -17.54 -13.92
N PRO H 240 16.86 -16.53 -14.76
CA PRO H 240 17.05 -16.61 -16.21
C PRO H 240 18.11 -17.58 -16.73
N VAL H 241 17.65 -18.73 -17.19
CA VAL H 241 18.55 -19.75 -17.73
C VAL H 241 18.76 -19.54 -19.23
N ASN H 242 20.00 -19.67 -19.67
CA ASN H 242 20.32 -19.51 -21.07
C ASN H 242 19.92 -20.76 -21.84
N GLN H 243 20.50 -21.89 -21.45
CA GLN H 243 20.22 -23.15 -22.12
C GLN H 243 19.89 -24.28 -21.16
N TYR H 244 19.75 -25.47 -21.72
CA TYR H 244 19.45 -26.67 -20.97
C TYR H 244 20.68 -27.59 -21.07
N ILE H 245 20.86 -28.44 -20.07
CA ILE H 245 21.95 -29.40 -20.06
C ILE H 245 21.31 -30.74 -19.74
N PHE H 246 20.92 -31.48 -20.79
CA PHE H 246 20.30 -32.78 -20.59
C PHE H 246 21.43 -33.79 -20.62
N THR H 247 21.48 -34.62 -19.58
CA THR H 247 22.53 -35.61 -19.47
C THR H 247 22.01 -37.04 -19.49
N LYS H 248 22.94 -37.97 -19.62
CA LYS H 248 22.61 -39.39 -19.61
C LYS H 248 21.69 -39.82 -20.74
N ILE H 249 21.86 -39.25 -21.93
CA ILE H 249 20.98 -39.65 -23.02
C ILE H 249 21.39 -41.04 -23.42
N ASP H 250 22.50 -41.53 -22.86
CA ASP H 250 22.98 -42.86 -23.19
C ASP H 250 22.47 -43.93 -22.24
N GLU H 251 21.68 -43.52 -21.25
CA GLU H 251 21.10 -44.47 -20.30
C GLU H 251 19.62 -44.70 -20.59
N THR H 252 18.85 -43.61 -20.69
CA THR H 252 17.41 -43.66 -20.95
C THR H 252 17.00 -44.47 -22.17
N THR H 253 15.70 -44.75 -22.25
CA THR H 253 15.13 -45.53 -23.35
C THR H 253 14.66 -44.67 -24.53
N SER H 254 14.17 -43.47 -24.24
CA SER H 254 13.70 -42.55 -25.28
C SER H 254 13.81 -41.13 -24.74
N LEU H 255 13.96 -40.17 -25.65
CA LEU H 255 14.07 -38.77 -25.27
C LEU H 255 12.72 -38.05 -25.31
N GLY H 256 11.64 -38.81 -25.24
CA GLY H 256 10.32 -38.23 -25.27
C GLY H 256 10.08 -37.21 -24.17
N SER H 257 10.30 -37.61 -22.92
CA SER H 257 10.09 -36.72 -21.78
C SER H 257 10.93 -35.47 -21.96
N VAL H 258 12.10 -35.62 -22.56
CA VAL H 258 12.95 -34.48 -22.78
C VAL H 258 12.21 -33.54 -23.73
N PHE H 259 11.73 -34.10 -24.83
CA PHE H 259 11.00 -33.33 -25.84
C PHE H 259 9.84 -32.54 -25.25
N ASN H 260 9.01 -33.21 -24.45
CA ASN H 260 7.88 -32.52 -23.85
C ASN H 260 8.32 -31.28 -23.07
N ILE H 261 9.37 -31.44 -22.27
CA ILE H 261 9.86 -30.30 -21.49
C ILE H 261 10.29 -29.16 -22.39
N LEU H 262 11.17 -29.43 -23.34
CA LEU H 262 11.64 -28.41 -24.26
C LEU H 262 10.48 -27.71 -24.93
N ALA H 263 9.58 -28.50 -25.52
CA ALA H 263 8.41 -27.97 -26.24
C ALA H 263 7.68 -26.86 -25.51
N GLU H 264 7.53 -26.99 -24.20
CA GLU H 264 6.85 -25.96 -23.42
C GLU H 264 7.88 -25.12 -22.65
N SER H 265 8.95 -24.73 -23.35
CA SER H 265 10.01 -23.93 -22.75
C SER H 265 10.66 -22.98 -23.76
N LYS H 266 11.05 -21.80 -23.28
CA LYS H 266 11.67 -20.78 -24.11
C LYS H 266 13.10 -21.07 -24.56
N ILE H 267 13.84 -21.81 -23.75
CA ILE H 267 15.23 -22.13 -24.11
C ILE H 267 15.43 -23.54 -24.66
N GLY H 268 16.39 -23.69 -25.58
CA GLY H 268 16.67 -24.99 -26.14
C GLY H 268 17.70 -25.72 -25.30
N VAL H 269 18.43 -26.65 -25.91
CA VAL H 269 19.44 -27.39 -25.17
C VAL H 269 20.86 -26.85 -25.42
N GLY H 270 21.58 -26.54 -24.35
CA GLY H 270 22.93 -26.04 -24.50
C GLY H 270 23.90 -27.16 -24.83
N PHE H 271 23.86 -28.22 -24.02
CA PHE H 271 24.74 -29.36 -24.20
C PHE H 271 24.07 -30.64 -23.69
N MET H 272 24.42 -31.76 -24.31
CA MET H 272 23.91 -33.08 -23.91
C MET H 272 25.09 -34.03 -23.71
N THR H 273 25.02 -34.86 -22.67
CA THR H 273 26.08 -35.83 -22.39
C THR H 273 25.64 -37.23 -22.77
N ASN H 274 26.61 -38.10 -23.04
CA ASN H 274 26.33 -39.47 -23.44
C ASN H 274 27.39 -40.44 -22.95
N GLY H 275 27.77 -40.33 -21.69
CA GLY H 275 28.80 -41.21 -21.15
C GLY H 275 29.46 -40.65 -19.91
N GLN H 276 30.43 -41.40 -19.35
CA GLN H 276 31.15 -40.97 -18.15
C GLN H 276 32.56 -40.50 -18.47
N ASN H 277 33.04 -40.80 -19.67
CA ASN H 277 34.39 -40.39 -20.08
C ASN H 277 34.48 -38.88 -19.98
N VAL H 278 35.67 -38.39 -19.62
CA VAL H 278 35.89 -36.96 -19.47
C VAL H 278 37.29 -36.56 -19.89
N PRO H 279 37.42 -35.43 -20.61
CA PRO H 279 36.31 -34.56 -21.04
C PRO H 279 35.85 -34.96 -22.43
N GLU H 280 35.59 -36.26 -22.60
CA GLU H 280 35.18 -36.78 -23.88
C GLU H 280 33.67 -36.78 -24.18
N ASP H 281 32.88 -37.52 -23.40
CA ASP H 281 31.44 -37.60 -23.64
C ASP H 281 30.59 -36.34 -23.40
N ILE H 282 30.33 -35.61 -24.47
CA ILE H 282 29.52 -34.39 -24.42
C ILE H 282 29.36 -33.88 -25.85
N GLN H 283 28.18 -33.37 -26.19
CA GLN H 283 27.94 -32.90 -27.55
C GLN H 283 26.98 -31.72 -27.68
N THR H 284 26.65 -31.40 -28.94
CA THR H 284 25.73 -30.31 -29.25
C THR H 284 24.78 -30.77 -30.35
N VAL H 285 23.50 -30.40 -30.22
CA VAL H 285 22.51 -30.77 -31.22
C VAL H 285 21.59 -29.63 -31.59
N SER H 286 20.94 -29.78 -32.75
CA SER H 286 19.99 -28.80 -33.25
C SER H 286 18.61 -29.40 -33.05
N PRO H 287 17.56 -28.57 -33.05
CA PRO H 287 16.21 -29.10 -32.87
C PRO H 287 15.95 -30.32 -33.77
N LEU H 288 16.19 -30.17 -35.07
CA LEU H 288 15.99 -31.27 -36.00
C LEU H 288 16.86 -32.46 -35.62
N GLY H 289 18.09 -32.19 -35.22
CA GLY H 289 18.99 -33.27 -34.84
C GLY H 289 18.50 -34.00 -33.61
N PHE H 290 17.95 -33.25 -32.67
CA PHE H 290 17.42 -33.82 -31.42
C PHE H 290 16.16 -34.60 -31.68
N VAL H 291 15.42 -34.16 -32.70
CA VAL H 291 14.17 -34.79 -33.08
C VAL H 291 14.45 -36.11 -33.78
N ARG H 292 15.60 -36.19 -34.44
CA ARG H 292 16.00 -37.40 -35.15
C ARG H 292 16.40 -38.49 -34.16
N MET H 293 16.75 -38.09 -32.95
CA MET H 293 17.12 -39.03 -31.93
C MET H 293 15.84 -39.46 -31.22
N LEU H 294 14.90 -38.52 -31.11
CA LEU H 294 13.62 -38.78 -30.47
C LEU H 294 12.99 -40.00 -31.12
N CYS H 295 12.92 -39.98 -32.46
CA CYS H 295 12.33 -41.05 -33.27
C CYS H 295 13.17 -42.33 -33.29
N ARG H 296 14.14 -42.39 -32.39
CA ARG H 296 15.05 -43.53 -32.24
C ARG H 296 15.69 -43.95 -33.57
MG MG I . -15.13 -16.06 -15.67
PG GNP J . -17.51 -14.74 -13.73
O1G GNP J . -18.49 -15.46 -12.87
O2G GNP J . -16.21 -15.54 -13.93
O3G GNP J . -17.23 -13.36 -13.26
N3B GNP J . -18.34 -14.74 -15.19
PB GNP J . -17.68 -14.08 -16.55
O1B GNP J . -17.60 -12.64 -16.44
O2B GNP J . -16.41 -14.86 -16.81
O3A GNP J . -18.89 -14.50 -17.56
PA GNP J . -19.03 -15.77 -18.44
O1A GNP J . -18.02 -15.78 -19.54
O2A GNP J . -19.08 -16.92 -17.45
O5' GNP J . -20.39 -15.59 -19.07
C5' GNP J . -21.56 -15.55 -18.24
C4' GNP J . -22.79 -15.70 -19.05
O4' GNP J . -23.15 -14.63 -19.86
C3' GNP J . -22.74 -16.94 -19.99
O3' GNP J . -23.95 -17.72 -19.88
C2' GNP J . -22.61 -16.33 -21.38
O2' GNP J . -23.15 -17.10 -22.41
C1' GNP J . -23.35 -15.04 -21.19
N9 GNP J . -22.86 -14.02 -22.14
C8 GNP J . -21.50 -13.49 -22.18
N7 GNP J . -21.39 -12.61 -23.14
C5 GNP J . -22.74 -12.56 -23.74
C6 GNP J . -23.23 -11.76 -24.85
O6 GNP J . -22.66 -10.98 -25.51
N1 GNP J . -24.57 -12.03 -25.10
C2 GNP J . -25.22 -12.96 -24.31
N2 GNP J . -26.60 -13.08 -24.72
N3 GNP J . -24.87 -13.70 -23.33
C4 GNP J . -23.55 -13.42 -23.10
MG MG K . 17.83 18.01 9.97
PG GNP L . 18.32 15.38 11.99
O1G GNP L . 18.21 15.26 13.46
O2G GNP L . 17.41 16.49 11.42
O3G GNP L . 18.08 14.08 11.32
N3B GNP L . 19.94 15.89 11.86
PB GNP L . 20.64 16.21 10.40
O1B GNP L . 21.01 14.97 9.72
O2B GNP L . 19.73 17.18 9.70
O3A GNP L . 22.00 16.94 10.96
PA GNP L . 22.36 18.44 11.13
O1A GNP L . 22.44 19.12 9.81
O2A GNP L . 21.43 19.00 12.19
O5' GNP L . 23.75 18.37 11.74
C5' GNP L . 23.95 17.76 13.01
C4' GNP L . 25.29 18.09 13.55
O4' GNP L . 26.39 17.57 12.88
C3' GNP L . 25.54 19.64 13.64
O3' GNP L . 26.00 20.03 14.95
C2' GNP L . 26.59 19.90 12.55
O2' GNP L . 27.43 20.99 12.80
C1' GNP L . 27.31 18.58 12.53
N9 GNP L . 27.91 18.30 11.19
C8 GNP L . 27.15 18.20 9.94
N7 GNP L . 27.98 17.95 8.94
C5 GNP L . 29.31 17.88 9.57
C6 GNP L . 30.62 17.62 8.98
O6 GNP L . 30.90 17.43 7.85
N1 GNP L . 31.63 17.64 9.93
C2 GNP L . 31.30 17.86 11.25
N2 GNP L . 32.48 17.83 12.05
N3 GNP L . 30.19 18.09 11.85
C4 GNP L . 29.20 18.09 10.91
MG MG M . -31.35 39.98 10.18
PG GNP N . -28.40 41.27 9.59
O1G GNP N . -27.49 41.42 8.43
O2G GNP N . -29.82 41.01 9.14
O3G GNP N . -28.36 42.42 10.50
N3B GNP N . -27.78 39.85 10.32
PB GNP N . -28.45 39.14 11.68
O1B GNP N . -27.98 39.80 12.88
O2B GNP N . -29.92 39.07 11.43
O3A GNP N . -27.76 37.68 11.57
PA GNP N . -28.36 36.27 11.36
O1A GNP N . -29.15 35.86 12.54
O2A GNP N . -29.01 36.29 9.98
O5' GNP N . -27.11 35.38 11.29
C5' GNP N . -26.15 35.55 10.24
C4' GNP N . -25.18 34.41 10.20
O4' GNP N . -24.49 34.13 11.36
C3' GNP N . -25.85 33.06 9.74
O3' GNP N . -25.16 32.45 8.63
C2' GNP N . -25.80 32.19 11.00
O2' GNP N . -25.66 30.82 10.76
C1' GNP N . -24.61 32.77 11.73
N9 GNP N . -24.79 32.66 13.21
C8 GNP N . -25.87 33.30 13.95
N7 GNP N . -25.77 33.01 15.24
C5 GNP N . -24.57 32.15 15.33
C6 GNP N . -23.98 31.52 16.50
O6 GNP N . -24.31 31.56 17.61
N1 GNP N . -22.84 30.79 16.16
C2 GNP N . -22.45 30.74 14.84
N2 GNP N . -21.27 29.93 14.73
N3 GNP N . -22.92 31.25 13.75
C4 GNP N . -24.03 31.98 14.09
MG MG O . 28.39 -43.60 -4.80
PG GNP P . 27.45 -42.48 -7.81
O1G GNP P . 27.98 -41.30 -8.51
O2G GNP P . 28.47 -43.10 -6.86
O3G GNP P . 26.90 -43.53 -8.70
N3B GNP P . 26.24 -41.80 -6.87
PB GNP P . 25.33 -42.71 -5.82
O1B GNP P . 24.44 -43.59 -6.55
O2B GNP P . 26.29 -43.30 -4.83
O3A GNP P . 24.52 -41.48 -5.20
PA GNP P . 25.05 -40.54 -4.15
O1A GNP P . 25.19 -41.32 -2.90
O2A GNP P . 26.25 -39.85 -4.77
O5' GNP P . 23.93 -39.50 -3.96
C5' GNP P . 23.61 -38.58 -5.05
C4' GNP P . 22.82 -37.35 -4.62
O4' GNP P . 21.47 -37.52 -4.43
C3' GNP P . 23.36 -36.64 -3.33
O3' GNP P . 23.76 -35.28 -3.58
C2' GNP P . 22.19 -36.69 -2.32
O2' GNP P . 22.00 -35.50 -1.60
C1' GNP P . 21.01 -36.99 -3.21
N9 GNP P . 20.07 -37.97 -2.58
C8 GNP P . 20.41 -39.34 -2.18
N7 GNP P . 19.37 -39.92 -1.65
C5 GNP P . 18.29 -38.89 -1.70
C6 GNP P . 16.90 -38.97 -1.23
O6 GNP P . 16.33 -39.87 -0.73
N1 GNP P . 16.23 -37.77 -1.48
C2 GNP P . 16.92 -36.72 -2.07
N2 GNP P . 16.04 -35.60 -2.23
N3 GNP P . 18.13 -36.56 -2.50
C4 GNP P . 18.78 -37.76 -2.26
MG MG Q . -24.51 -22.13 -14.76
PG GNP R . -24.68 -19.40 -16.68
O1G GNP R . -23.63 -18.88 -17.60
O2G GNP R . -24.57 -20.93 -16.51
O3G GNP R . -26.04 -19.01 -17.09
N3B GNP R . -24.20 -18.68 -15.21
PB GNP R . -25.04 -18.96 -13.80
O1B GNP R . -26.35 -18.34 -13.82
O2B GNP R . -24.94 -20.43 -13.59
O3A GNP R . -24.12 -18.15 -12.81
PA GNP R . -23.13 -18.65 -11.82
O1A GNP R . -23.82 -19.42 -10.75
O2A GNP R . -22.07 -19.33 -12.65
O5' GNP R . -22.58 -17.37 -11.21
C5' GNP R . -21.85 -16.42 -12.02
C4' GNP R . -21.20 -15.37 -11.19
O4' GNP R . -22.03 -14.59 -10.39
C3' GNP R . -20.11 -15.96 -10.23
O3' GNP R . -18.87 -15.23 -10.33
C2' GNP R . -20.75 -15.83 -8.83
O2' GNP R . -19.84 -15.69 -7.78
C1' GNP R . -21.60 -14.60 -9.04
N9 GNP R . -22.78 -14.63 -8.12
C8 GNP R . -23.84 -15.63 -8.17
N7 GNP R . -24.72 -15.39 -7.23
C5 GNP R . -24.20 -14.18 -6.53
C6 GNP R . -24.74 -13.43 -5.39
O6 GNP R . -25.71 -13.63 -4.78
N1 GNP R . -23.95 -12.35 -5.06
C2 GNP R . -22.81 -12.12 -5.79
N2 GNP R . -22.13 -10.95 -5.28
N3 GNP R . -22.26 -12.71 -6.80
C4 GNP R . -23.05 -13.78 -7.12
MG MG S . 21.92 20.26 20.33
PG GNP T . 23.93 19.02 17.93
O1G GNP T . 23.91 19.32 16.46
O2G GNP T . 23.40 20.21 18.79
O3G GNP T . 25.27 18.60 18.40
N3B GNP T . 22.80 17.77 18.00
PB GNP T . 22.39 17.06 19.44
O1B GNP T . 23.50 16.24 19.93
O2B GNP T . 21.86 18.17 20.29
O3A GNP T . 21.22 16.09 18.89
PA GNP T . 19.68 16.22 18.89
O1A GNP T . 19.12 16.17 20.25
O2A GNP T . 19.36 17.42 18.02
O5' GNP T . 19.27 14.94 18.16
C5' GNP T . 19.67 14.70 16.79
C4' GNP T . 18.98 13.50 16.24
O4' GNP T . 19.15 12.27 16.89
C3' GNP T . 17.45 13.69 16.13
O3' GNP T . 16.98 13.27 14.83
C2' GNP T . 16.93 12.81 17.27
O2' GNP T . 15.61 12.38 17.16
C1' GNP T . 17.91 11.68 17.19
N9 GNP T . 17.93 10.93 18.47
C8 GNP T . 18.23 11.53 19.77
N7 GNP T . 18.14 10.63 20.71
C5 GNP T . 17.78 9.39 20.00
C6 GNP T . 17.55 8.04 20.53
O6 GNP T . 17.60 7.66 21.64
N1 GNP T . 17.22 7.14 19.52
C2 GNP T . 17.15 7.60 18.22
N2 GNP T . 16.78 6.52 17.38
N3 GNP T . 17.34 8.75 17.67
C4 GNP T . 17.67 9.63 18.67
MG MG U . -25.58 34.42 2.34
PG GNP V . -24.67 34.25 5.58
O1G GNP V . -25.44 34.30 6.83
O2G GNP V . -25.51 33.77 4.36
O3G GNP V . -23.44 33.42 5.70
N3B GNP V . -24.28 35.87 5.32
PB GNP V . -23.42 36.42 3.98
O1B GNP V . -21.99 36.18 4.14
O2B GNP V . -24.12 35.87 2.79
O3A GNP V . -23.80 37.97 4.20
PA GNP V . -24.85 38.84 3.50
O1A GNP V . -24.48 39.09 2.08
O2A GNP V . -26.18 38.21 3.83
O5' GNP V . -24.70 40.15 4.26
C5' GNP V . -25.00 40.17 5.67
C4' GNP V . -24.84 41.53 6.25
O4' GNP V . -23.67 42.21 6.02
C3' GNP V . -25.96 42.50 5.81
O3' GNP V . -26.46 43.24 6.96
C2' GNP V . -25.21 43.39 4.79
O2' GNP V . -25.83 44.61 4.50
C1' GNP V . -23.92 43.50 5.52
N9 GNP V . -22.80 43.97 4.65
C8 GNP V . -22.34 43.30 3.43
N7 GNP V . -21.32 43.94 2.91
C5 GNP V . -21.09 45.09 3.82
C6 GNP V . -20.08 46.16 3.75
O6 GNP V . -19.23 46.34 2.95
N1 GNP V . -20.22 47.06 4.81
C2 GNP V . -21.22 46.85 5.75
N2 GNP V . -21.15 47.89 6.73
N3 GNP V . -22.13 45.94 5.89
C4 GNP V . -22.00 45.06 4.84
MG MG W . 28.31 -32.60 -7.39
PG GNP X . 25.33 -33.94 -6.79
O1G GNP X . 24.80 -35.00 -5.91
O2G GNP X . 26.66 -33.37 -6.30
O3G GNP X . 24.37 -32.84 -7.02
N3B GNP X . 25.59 -34.82 -8.22
PB GNP X . 26.22 -34.11 -9.58
O1B GNP X . 25.17 -33.41 -10.28
O2B GNP X . 27.45 -33.36 -9.15
O3A GNP X . 26.62 -35.48 -10.37
PA GNP X . 27.98 -36.01 -10.93
O1A GNP X . 28.46 -35.15 -12.04
O2A GNP X . 28.85 -36.22 -9.71
O5' GNP X . 27.59 -37.36 -11.48
C5' GNP X . 27.08 -38.39 -10.59
C4' GNP X . 26.97 -39.70 -11.27
O4' GNP X . 26.41 -39.70 -12.54
C3' GNP X . 28.37 -40.39 -11.43
O3' GNP X . 28.33 -41.78 -11.02
C2' GNP X . 28.65 -40.23 -12.93
O2' GNP X . 29.55 -41.17 -13.46
C1' GNP X . 27.26 -40.33 -13.47
N9 GNP X . 27.15 -39.65 -14.79
C8 GNP X . 27.54 -38.27 -15.03
N7 GNP X . 27.34 -37.95 -16.29
C5 GNP X . 26.80 -39.20 -16.89
C6 GNP X . 26.40 -39.46 -18.27
O6 GNP X . 26.42 -38.74 -19.20
N1 GNP X . 25.94 -40.77 -18.41
C2 GNP X . 25.93 -41.60 -17.31
N2 GNP X . 25.42 -42.90 -17.68
N3 GNP X . 26.26 -41.46 -16.08
C4 GNP X . 26.71 -40.17 -15.94
#